data_5Y9D
#
_entry.id   5Y9D
#
_cell.length_a   167.884
_cell.length_b   167.884
_cell.length_c   95.313
_cell.angle_alpha   90.000
_cell.angle_beta   90.000
_cell.angle_gamma   90.000
#
_symmetry.space_group_name_H-M   'I 4'
#
loop_
_entity.id
_entity.type
_entity.pdbx_description
1 polymer 'Acyl-coenzyme A oxidase 1'
2 non-polymer 'FLAVIN-ADENINE DINUCLEOTIDE'
3 water water
#
_entity_poly.entity_id   1
_entity_poly.type   'polypeptide(L)'
_entity_poly.pdbx_seq_one_letter_code
;MGSSHHHHHHSSGLVPRGSHMTTNTFTDPPVEMAKERGKTQFTVRDVTNFLNGGEEETQIVEKIMSSIERDPVLSVTADY
DCNLQQARKQTMERVAALSPYLVTDTEKLSLWRAQLHGMVDMSTRTRLSIHNNLFIGSIRGSGTPEQFKYWVKKGAVAVK
QFYGCFAMTELGHGSNLKGLETTATYDQDSDQFIINTPHIGATKWWIGGAAHTSTHCVCFAKLIVHGKDYGTRNFVVPLR
NVHDHSLKVGVSIGDIGKKMGRDGVDNGWIQFTNVRIPRQNMLMRYAKVSDTGVVTKPALDQLTYGALIRGRVSMIADSF
HVSKRFLTIALRYACVRRQFGTSGDTKETKIIDYPYHQRRLLPLLAYCYAMKMGADEAQKTWIETTDRILALNPNDPAQK
NDLEKAVTDTKELFAASAGMKAFTTWGCAKIIDECRQACGGHGYSGYNGFGQGYADWVVQCTWEGDNNVLCLSMGRGLVQ
SALQILAGKHVGASIQYVGDKSKISQNGQGTPREQLLSPEFLVEAFRTASRNNILRTTDKYQELVKTLNPDQAFEELSQQ
RFQCARIHTRQHLISSFYARIATAKDDIKPHLLKLANLFALWSIEEDTGIFLRENILTPGDIDLINSLVDELCVAVRDQV
IGLTDAFGLSDFFINAPIGSYDGNVYEKYFAKVNQQNPATNPRPPYYESTLKPFLFREEEDDEICDLDE
;
_entity_poly.pdbx_strand_id   A,B
#
loop_
_chem_comp.id
_chem_comp.type
_chem_comp.name
_chem_comp.formula
FAD non-polymer 'FLAVIN-ADENINE DINUCLEOTIDE' 'C27 H33 N9 O15 P2'
#
# COMPACT_ATOMS: atom_id res chain seq x y z
N THR A 22 -5.54 14.19 38.15
CA THR A 22 -4.79 15.34 37.54
C THR A 22 -4.82 15.42 35.99
N THR A 23 -4.87 14.28 35.30
CA THR A 23 -4.89 14.27 33.83
C THR A 23 -6.11 13.62 33.21
N ASN A 24 -6.42 14.07 32.01
CA ASN A 24 -7.45 13.49 31.17
C ASN A 24 -6.86 13.02 29.85
N THR A 25 -7.71 12.59 28.94
CA THR A 25 -7.25 11.99 27.71
C THR A 25 -6.40 13.01 27.00
N PHE A 26 -6.79 14.27 27.06
CA PHE A 26 -6.14 15.33 26.31
C PHE A 26 -4.76 15.67 26.86
N THR A 27 -4.61 15.69 28.18
CA THR A 27 -3.40 16.17 28.83
C THR A 27 -2.45 15.06 29.24
N ASP A 28 -2.89 13.81 29.12
CA ASP A 28 -2.07 12.67 29.51
C ASP A 28 -0.85 12.41 28.64
N PRO A 29 -0.96 12.57 27.31
CA PRO A 29 0.14 12.09 26.48
C PRO A 29 1.54 12.61 26.79
N PRO A 30 1.67 13.90 27.10
CA PRO A 30 3.07 14.32 27.28
C PRO A 30 3.63 13.85 28.60
N VAL A 31 2.73 13.64 29.54
CA VAL A 31 3.13 13.11 30.83
C VAL A 31 3.60 11.69 30.62
N GLU A 32 2.85 10.92 29.84
CA GLU A 32 3.27 9.55 29.48
C GLU A 32 4.54 9.48 28.68
N MET A 33 4.72 10.39 27.73
CA MET A 33 5.93 10.39 26.93
C MET A 33 7.17 10.71 27.75
N ALA A 34 7.06 11.59 28.73
CA ALA A 34 8.19 11.93 29.60
C ALA A 34 8.59 10.72 30.45
N LYS A 35 7.60 9.93 30.85
CA LYS A 35 7.82 8.70 31.62
C LYS A 35 8.51 7.68 30.74
N GLU A 36 7.98 7.51 29.53
CA GLU A 36 8.56 6.53 28.61
C GLU A 36 9.99 6.88 28.34
N ARG A 37 10.25 8.18 28.21
CA ARG A 37 11.59 8.66 27.86
C ARG A 37 12.57 8.61 29.05
N GLY A 38 12.04 8.58 30.28
CA GLY A 38 12.87 8.31 31.46
C GLY A 38 13.33 6.87 31.56
N LYS A 39 12.64 5.93 30.89
CA LYS A 39 13.06 4.51 30.92
C LYS A 39 14.34 4.24 30.12
N THR A 40 14.71 5.13 29.21
CA THR A 40 15.87 4.89 28.38
C THR A 40 17.12 4.62 29.22
N GLN A 41 17.83 3.53 28.92
CA GLN A 41 18.94 3.03 29.74
C GLN A 41 20.29 3.52 29.25
N PHE A 42 20.32 4.08 28.04
CA PHE A 42 21.55 4.45 27.32
C PHE A 42 21.52 5.93 26.88
N THR A 43 22.66 6.46 26.48
CA THR A 43 22.74 7.78 25.87
C THR A 43 22.32 7.72 24.40
N VAL A 44 21.21 8.41 24.08
CA VAL A 44 20.62 8.32 22.74
C VAL A 44 21.64 8.53 21.63
N ARG A 45 22.51 9.52 21.80
CA ARG A 45 23.46 9.85 20.76
C ARG A 45 24.48 8.76 20.50
N ASP A 46 24.68 7.82 21.44
CA ASP A 46 25.58 6.71 21.15
C ASP A 46 24.93 5.80 20.07
N VAL A 47 23.63 5.51 20.19
CA VAL A 47 22.93 4.74 19.16
C VAL A 47 22.88 5.52 17.84
N THR A 48 22.63 6.83 17.89
CA THR A 48 22.61 7.68 16.70
C THR A 48 23.97 7.61 15.97
N ASN A 49 25.05 7.65 16.74
CA ASN A 49 26.43 7.49 16.23
C ASN A 49 26.70 6.12 15.66
N PHE A 50 26.16 5.10 16.29
CA PHE A 50 26.23 3.77 15.74
C PHE A 50 25.52 3.68 14.39
N LEU A 51 24.36 4.30 14.27
CA LEU A 51 23.63 4.29 12.99
C LEU A 51 24.31 5.11 11.91
N ASN A 52 25.00 6.17 12.25
CA ASN A 52 25.63 7.00 11.24
C ASN A 52 27.07 6.66 10.91
N GLY A 53 27.68 5.74 11.65
CA GLY A 53 29.10 5.40 11.45
C GLY A 53 30.06 6.38 12.10
N GLY A 54 29.73 6.86 13.31
CA GLY A 54 30.60 7.71 14.11
C GLY A 54 30.05 9.11 14.37
N GLU A 55 30.58 9.78 15.42
CA GLU A 55 30.20 11.12 15.82
C GLU A 55 30.45 12.17 14.71
N GLU A 56 31.52 11.98 13.94
CA GLU A 56 31.81 12.87 12.85
C GLU A 56 30.70 12.84 11.81
N GLU A 57 30.19 11.64 11.53
CA GLU A 57 29.16 11.48 10.51
C GLU A 57 27.83 12.07 11.01
N THR A 58 27.53 11.82 12.27
CA THR A 58 26.39 12.44 12.89
C THR A 58 26.42 13.96 12.83
N GLN A 59 27.61 14.54 13.04
CA GLN A 59 27.72 15.99 12.98
C GLN A 59 27.43 16.50 11.59
N ILE A 60 27.90 15.77 10.58
CA ILE A 60 27.69 16.14 9.20
C ILE A 60 26.22 15.98 8.87
N VAL A 61 25.63 14.90 9.33
CA VAL A 61 24.19 14.67 9.14
C VAL A 61 23.35 15.75 9.80
N GLU A 62 23.75 16.20 10.99
CA GLU A 62 23.05 17.29 11.68
C GLU A 62 23.16 18.62 10.93
N LYS A 63 24.37 18.97 10.45
CA LYS A 63 24.55 20.12 9.57
C LYS A 63 23.63 20.10 8.34
N ILE A 64 23.43 18.95 7.72
CA ILE A 64 22.58 18.92 6.55
C ILE A 64 21.16 19.27 6.99
N MET A 65 20.75 18.66 8.09
CA MET A 65 19.35 18.71 8.52
C MET A 65 18.94 20.06 9.03
N SER A 66 19.83 20.80 9.69
CA SER A 66 19.47 22.18 10.07
C SER A 66 19.38 23.09 8.86
N SER A 67 20.18 22.86 7.83
CA SER A 67 20.00 23.66 6.63
C SER A 67 18.65 23.40 6.06
N ILE A 68 18.28 22.14 5.93
CA ILE A 68 16.95 21.81 5.38
C ILE A 68 15.81 22.35 6.24
N GLU A 69 15.91 22.21 7.56
CA GLU A 69 14.90 22.68 8.53
C GLU A 69 14.60 24.17 8.51
N ARG A 70 15.63 24.95 8.29
CA ARG A 70 15.54 26.36 8.58
C ARG A 70 15.21 27.20 7.34
N ASP A 71 15.60 26.69 6.17
CA ASP A 71 15.40 27.37 4.91
C ASP A 71 13.91 27.50 4.61
N PRO A 72 13.38 28.73 4.66
CA PRO A 72 11.95 28.90 4.50
C PRO A 72 11.37 28.53 3.13
N VAL A 73 12.19 28.53 2.08
CA VAL A 73 11.71 28.05 0.79
C VAL A 73 11.35 26.58 0.91
N LEU A 74 12.08 25.83 1.75
CA LEU A 74 11.95 24.36 1.87
C LEU A 74 10.91 23.86 2.87
N SER A 75 10.09 24.76 3.42
CA SER A 75 9.26 24.39 4.57
C SER A 75 8.11 23.54 4.06
N VAL A 76 7.79 22.48 4.79
CA VAL A 76 6.77 21.52 4.35
C VAL A 76 5.44 21.59 5.12
N THR A 77 5.35 22.52 6.05
CA THR A 77 4.12 22.82 6.79
C THR A 77 2.84 22.71 6.00
N ALA A 78 2.74 23.39 4.87
CA ALA A 78 1.48 23.44 4.11
C ALA A 78 1.40 22.40 2.96
N ASP A 79 2.41 21.54 2.83
CA ASP A 79 2.50 20.64 1.67
C ASP A 79 1.41 19.61 1.52
N TYR A 80 0.81 19.20 2.62
CA TYR A 80 -0.25 18.22 2.53
C TYR A 80 -1.48 18.81 1.84
N ASP A 81 -1.66 20.11 1.99
CA ASP A 81 -2.79 20.83 1.44
C ASP A 81 -2.60 21.24 -0.05
N CYS A 82 -1.40 21.04 -0.60
CA CYS A 82 -1.07 21.49 -1.96
C CYS A 82 -1.79 20.78 -3.10
N ASN A 83 -2.38 21.58 -4.00
CA ASN A 83 -2.81 21.03 -5.31
C ASN A 83 -1.60 20.86 -6.22
N LEU A 84 -1.78 20.13 -7.32
CA LEU A 84 -0.70 19.80 -8.26
C LEU A 84 0.01 21.04 -8.84
N GLN A 85 -0.76 22.04 -9.25
CA GLN A 85 -0.14 23.27 -9.76
C GLN A 85 0.70 23.98 -8.65
N GLN A 86 0.27 23.97 -7.39
CA GLN A 86 1.07 24.48 -6.29
C GLN A 86 2.31 23.63 -5.97
N ALA A 87 2.17 22.30 -6.00
CA ALA A 87 3.32 21.43 -5.83
C ALA A 87 4.34 21.65 -6.93
N ARG A 88 3.86 21.80 -8.14
CA ARG A 88 4.72 21.90 -9.31
C ARG A 88 5.62 23.10 -9.16
N LYS A 89 5.00 24.23 -8.80
CA LYS A 89 5.67 25.50 -8.66
C LYS A 89 6.61 25.53 -7.46
N GLN A 90 6.16 25.06 -6.31
CA GLN A 90 7.02 25.13 -5.13
C GLN A 90 8.20 24.14 -5.17
N THR A 91 8.03 23.04 -5.85
CA THR A 91 9.14 22.14 -6.11
C THR A 91 10.22 22.87 -6.93
N MET A 92 9.80 23.70 -7.90
CA MET A 92 10.77 24.45 -8.69
C MET A 92 11.53 25.46 -7.85
N GLU A 93 10.82 26.22 -7.03
CA GLU A 93 11.50 27.08 -6.06
C GLU A 93 12.47 26.27 -5.17
N ARG A 94 12.02 25.12 -4.65
CA ARG A 94 12.87 24.32 -3.77
C ARG A 94 14.12 23.81 -4.48
N VAL A 95 13.96 23.34 -5.70
CA VAL A 95 15.12 22.97 -6.52
C VAL A 95 16.09 24.14 -6.64
N ALA A 96 15.60 25.33 -6.92
CA ALA A 96 16.45 26.52 -6.98
C ALA A 96 17.26 26.76 -5.73
N ALA A 97 16.63 26.63 -4.57
CA ALA A 97 17.24 26.91 -3.27
C ALA A 97 18.30 25.89 -2.88
N LEU A 98 18.17 24.66 -3.38
CA LEU A 98 19.15 23.60 -3.14
C LEU A 98 20.33 23.66 -4.12
N SER A 99 20.21 24.45 -5.17
CA SER A 99 21.21 24.42 -6.23
C SER A 99 22.64 24.93 -5.87
N PRO A 100 22.79 25.84 -4.91
CA PRO A 100 24.19 26.14 -4.52
C PRO A 100 24.99 24.94 -4.05
N TYR A 101 24.33 23.99 -3.41
CA TYR A 101 25.02 22.79 -2.91
C TYR A 101 25.54 21.82 -4.00
N LEU A 102 25.11 22.00 -5.25
CA LEU A 102 25.59 21.16 -6.34
C LEU A 102 27.05 21.49 -6.70
N VAL A 103 27.51 22.67 -6.30
CA VAL A 103 28.85 23.10 -6.63
C VAL A 103 29.82 22.76 -5.53
N THR A 104 29.36 22.64 -4.29
CA THR A 104 30.28 22.45 -3.19
C THR A 104 30.28 21.02 -2.67
N ASP A 105 29.16 20.33 -2.83
CA ASP A 105 28.98 19.03 -2.21
C ASP A 105 29.95 17.99 -2.78
N THR A 106 30.53 17.19 -1.87
CA THR A 106 31.13 15.92 -2.23
C THR A 106 30.05 14.91 -2.60
N GLU A 107 30.46 13.74 -3.09
CA GLU A 107 29.54 12.64 -3.40
C GLU A 107 28.70 12.23 -2.16
N LYS A 108 29.40 12.07 -1.03
CA LYS A 108 28.75 11.67 0.22
C LYS A 108 27.71 12.71 0.67
N LEU A 109 28.10 13.98 0.68
CA LEU A 109 27.14 15.07 1.00
C LEU A 109 25.96 15.11 0.06
N SER A 110 26.19 14.88 -1.22
CA SER A 110 25.14 14.97 -2.22
C SER A 110 24.15 13.86 -1.94
N LEU A 111 24.65 12.63 -1.82
CA LEU A 111 23.79 11.49 -1.45
C LEU A 111 22.95 11.87 -0.24
N TRP A 112 23.63 12.29 0.83
CA TRP A 112 22.97 12.50 2.12
C TRP A 112 22.01 13.65 2.10
N ARG A 113 22.34 14.72 1.42
CA ARG A 113 21.41 15.83 1.36
C ARG A 113 20.11 15.46 0.64
N ALA A 114 20.26 14.66 -0.39
CA ALA A 114 19.10 14.13 -1.11
C ALA A 114 18.28 13.11 -0.28
N GLN A 115 18.95 12.16 0.34
CA GLN A 115 18.28 11.17 1.19
C GLN A 115 17.52 11.80 2.35
N LEU A 116 18.19 12.68 3.10
CA LEU A 116 17.58 13.33 4.26
C LEU A 116 16.38 14.21 3.89
N HIS A 117 16.49 14.92 2.77
CA HIS A 117 15.40 15.78 2.33
C HIS A 117 14.22 14.98 1.79
N GLY A 118 14.49 13.80 1.25
CA GLY A 118 13.46 12.91 0.70
C GLY A 118 12.59 12.28 1.76
N MET A 119 13.06 12.28 3.01
CA MET A 119 12.20 11.88 4.12
C MET A 119 10.86 12.56 4.14
N VAL A 120 10.80 13.84 3.77
CA VAL A 120 9.59 14.68 3.89
C VAL A 120 9.16 15.40 2.60
N ASP A 121 10.01 15.38 1.57
CA ASP A 121 9.68 16.00 0.29
C ASP A 121 10.24 15.19 -0.87
N MET A 122 9.52 14.15 -1.24
CA MET A 122 9.94 13.36 -2.36
C MET A 122 9.87 14.08 -3.70
N SER A 123 8.96 15.04 -3.91
CA SER A 123 8.85 15.67 -5.22
C SER A 123 10.15 16.47 -5.57
N THR A 124 10.66 17.27 -4.64
CA THR A 124 11.88 18.08 -4.91
C THR A 124 13.09 17.15 -5.02
N ARG A 125 13.10 16.11 -4.22
CA ARG A 125 14.19 15.20 -4.29
C ARG A 125 14.27 14.63 -5.71
N THR A 126 13.16 14.14 -6.25
CA THR A 126 13.18 13.58 -7.60
C THR A 126 13.49 14.63 -8.67
N ARG A 127 12.89 15.82 -8.52
CA ARG A 127 13.00 16.84 -9.54
C ARG A 127 14.43 17.39 -9.63
N LEU A 128 15.14 17.36 -8.53
CA LEU A 128 16.53 17.72 -8.55
C LEU A 128 17.34 16.56 -9.10
N SER A 129 16.94 15.38 -8.69
CA SER A 129 17.72 14.20 -8.88
C SER A 129 17.87 13.83 -10.37
N ILE A 130 16.81 13.97 -11.17
CA ILE A 130 16.90 13.64 -12.58
C ILE A 130 18.02 14.37 -13.36
N HIS A 131 18.44 15.52 -12.86
CA HIS A 131 19.51 16.25 -13.53
C HIS A 131 20.83 15.90 -12.93
N ASN A 132 20.89 16.11 -11.63
CA ASN A 132 22.13 16.07 -10.89
C ASN A 132 22.56 14.63 -10.62
N ASN A 133 21.62 13.69 -10.48
CA ASN A 133 21.94 12.24 -10.37
C ASN A 133 21.92 11.55 -11.75
N LEU A 134 20.76 11.50 -12.40
CA LEU A 134 20.62 10.73 -13.64
C LEU A 134 21.30 11.34 -14.84
N PHE A 135 21.08 12.63 -15.09
CA PHE A 135 21.57 13.23 -16.29
C PHE A 135 23.09 13.44 -16.20
N ILE A 136 23.52 14.02 -15.09
CA ILE A 136 24.94 14.33 -14.89
C ILE A 136 25.75 13.07 -14.76
N GLY A 137 25.19 12.09 -14.05
CA GLY A 137 25.89 10.82 -13.81
C GLY A 137 26.14 10.08 -15.11
N SER A 138 25.20 10.21 -16.04
CA SER A 138 25.33 9.60 -17.34
C SER A 138 26.39 10.29 -18.17
N ILE A 139 26.56 11.60 -18.08
CA ILE A 139 27.59 12.23 -18.91
C ILE A 139 28.96 11.96 -18.35
N ARG A 140 29.07 11.88 -17.03
CA ARG A 140 30.36 11.55 -16.43
C ARG A 140 30.67 10.09 -16.75
N GLY A 141 29.73 9.19 -16.48
CA GLY A 141 29.95 7.75 -16.62
C GLY A 141 30.06 7.20 -18.04
N SER A 142 29.41 7.85 -19.01
CA SER A 142 29.45 7.39 -20.39
C SER A 142 30.13 8.37 -21.34
N GLY A 143 30.43 9.58 -20.88
CA GLY A 143 31.14 10.52 -21.75
C GLY A 143 32.64 10.48 -21.51
N THR A 144 33.45 10.79 -22.51
CA THR A 144 34.89 10.96 -22.30
C THR A 144 35.07 12.16 -21.36
N PRO A 145 36.28 12.32 -20.79
CA PRO A 145 36.58 13.55 -20.07
C PRO A 145 36.36 14.84 -20.85
N GLU A 146 36.69 14.88 -22.14
CA GLU A 146 36.44 16.10 -22.95
C GLU A 146 34.94 16.36 -23.12
N GLN A 147 34.17 15.29 -23.33
CA GLN A 147 32.73 15.38 -23.59
C GLN A 147 32.08 15.97 -22.37
N PHE A 148 32.37 15.38 -21.22
CA PHE A 148 31.96 15.94 -19.95
C PHE A 148 32.36 17.41 -19.75
N LYS A 149 33.63 17.73 -19.88
CA LYS A 149 34.09 19.12 -19.69
C LYS A 149 33.29 20.10 -20.53
N TYR A 150 32.92 19.67 -21.74
CA TYR A 150 32.19 20.52 -22.66
C TYR A 150 30.80 20.88 -22.16
N TRP A 151 30.05 19.90 -21.68
CA TRP A 151 28.72 20.16 -21.15
C TRP A 151 28.84 20.85 -19.80
N VAL A 152 29.87 20.49 -19.02
CA VAL A 152 30.16 21.25 -17.81
C VAL A 152 30.23 22.71 -18.18
N LYS A 153 31.04 23.02 -19.19
CA LYS A 153 31.32 24.40 -19.50
C LYS A 153 30.07 25.06 -20.06
N LYS A 154 29.18 24.27 -20.68
CA LYS A 154 27.91 24.84 -21.14
C LYS A 154 26.84 25.00 -20.07
N GLY A 155 27.19 24.80 -18.79
CA GLY A 155 26.31 25.08 -17.66
C GLY A 155 25.73 23.86 -16.96
N ALA A 156 26.07 22.67 -17.45
CA ALA A 156 25.42 21.45 -17.02
C ALA A 156 25.49 21.18 -15.54
N VAL A 157 26.71 21.11 -14.98
CA VAL A 157 26.89 20.95 -13.52
C VAL A 157 26.31 22.16 -12.74
N ALA A 158 26.68 23.38 -13.09
CA ALA A 158 26.14 24.57 -12.38
C ALA A 158 24.59 24.85 -12.48
N VAL A 159 23.91 24.18 -13.42
CA VAL A 159 22.51 24.44 -13.74
C VAL A 159 22.28 25.90 -14.13
N LYS A 160 23.12 26.39 -15.01
CA LYS A 160 22.99 27.72 -15.53
C LYS A 160 22.67 27.64 -17.00
N GLN A 161 21.48 28.08 -17.34
CA GLN A 161 21.01 28.09 -18.70
C GLN A 161 20.88 26.66 -19.19
N PHE A 162 20.85 25.73 -18.26
CA PHE A 162 20.89 24.33 -18.59
C PHE A 162 20.16 23.50 -17.54
N TYR A 163 19.18 22.72 -17.96
CA TYR A 163 18.60 21.72 -17.08
C TYR A 163 18.47 20.39 -17.78
N GLY A 164 18.95 19.33 -17.17
CA GLY A 164 19.07 18.07 -17.83
C GLY A 164 17.97 17.13 -17.42
N CYS A 165 17.75 16.10 -18.21
CA CYS A 165 16.85 15.00 -17.83
C CYS A 165 17.31 13.70 -18.48
N PHE A 166 16.60 12.62 -18.25
CA PHE A 166 17.10 11.26 -18.52
C PHE A 166 16.03 10.50 -19.27
N ALA A 167 16.18 10.38 -20.58
CA ALA A 167 15.11 9.85 -21.42
C ALA A 167 15.39 8.45 -21.88
N MET A 168 15.16 7.49 -21.00
CA MET A 168 15.41 6.09 -21.27
C MET A 168 14.12 5.35 -21.63
N THR A 169 13.15 5.41 -20.72
CA THR A 169 11.87 4.67 -20.78
C THR A 169 10.98 5.09 -21.91
N GLU A 170 10.33 4.15 -22.57
CA GLU A 170 9.34 4.45 -23.63
C GLU A 170 8.01 3.88 -23.20
N LEU A 171 6.96 4.40 -23.81
CA LEU A 171 5.65 3.87 -23.57
C LEU A 171 5.63 2.33 -23.68
N GLY A 172 6.23 1.84 -24.75
CA GLY A 172 6.43 0.44 -25.03
C GLY A 172 7.34 -0.40 -24.15
N HIS A 173 8.43 0.17 -23.69
CA HIS A 173 9.43 -0.60 -22.97
C HIS A 173 9.91 0.01 -21.69
N GLY A 174 9.84 -0.74 -20.60
CA GLY A 174 10.40 -0.25 -19.37
C GLY A 174 11.59 -1.04 -18.89
N SER A 175 11.37 -2.30 -18.56
CA SER A 175 12.43 -3.21 -18.16
C SER A 175 13.42 -3.63 -19.23
N ASN A 176 12.93 -3.93 -20.43
CA ASN A 176 13.81 -4.39 -21.47
C ASN A 176 14.40 -3.26 -22.31
N LEU A 177 15.57 -2.79 -21.89
CA LEU A 177 16.26 -1.72 -22.56
C LEU A 177 16.77 -2.11 -23.92
N LYS A 178 17.03 -3.40 -24.15
CA LYS A 178 17.49 -3.84 -25.47
C LYS A 178 16.39 -3.73 -26.50
N GLY A 179 15.14 -3.66 -26.07
CA GLY A 179 13.99 -3.61 -27.00
C GLY A 179 13.47 -2.22 -27.26
N LEU A 180 14.23 -1.21 -26.83
CA LEU A 180 13.86 0.18 -27.07
C LEU A 180 13.72 0.39 -28.55
N GLU A 181 12.77 1.20 -28.93
CA GLU A 181 12.39 1.29 -30.31
C GLU A 181 12.83 2.61 -30.92
N THR A 182 13.11 3.61 -30.12
CA THR A 182 13.65 4.88 -30.62
C THR A 182 14.99 4.68 -31.30
N THR A 183 15.21 5.32 -32.44
CA THR A 183 16.44 5.09 -33.20
C THR A 183 17.37 6.27 -33.24
N ALA A 184 18.66 5.96 -33.33
CA ALA A 184 19.71 6.93 -33.60
C ALA A 184 20.53 6.46 -34.80
N THR A 185 20.17 6.94 -35.99
CA THR A 185 20.77 6.41 -37.19
C THR A 185 21.74 7.43 -37.75
N TYR A 186 22.96 6.95 -38.04
CA TYR A 186 24.13 7.77 -38.32
C TYR A 186 24.09 8.29 -39.73
N ASP A 187 24.47 9.54 -39.91
CA ASP A 187 24.48 10.14 -41.24
C ASP A 187 25.84 10.74 -41.51
N GLN A 188 26.56 10.13 -42.44
CA GLN A 188 27.95 10.48 -42.73
C GLN A 188 28.07 11.78 -43.50
N ASP A 189 27.21 11.98 -44.50
CA ASP A 189 27.19 13.23 -45.27
C ASP A 189 27.29 14.43 -44.36
N SER A 190 26.57 14.43 -43.23
CA SER A 190 26.52 15.57 -42.27
C SER A 190 27.30 15.36 -40.94
N ASP A 191 27.79 14.16 -40.69
CA ASP A 191 28.39 13.77 -39.41
C ASP A 191 27.42 14.02 -38.22
N GLN A 192 26.20 13.49 -38.38
CA GLN A 192 25.12 13.64 -37.41
C GLN A 192 24.42 12.33 -37.09
N PHE A 193 23.76 12.29 -35.92
CA PHE A 193 22.73 11.28 -35.68
C PHE A 193 21.34 11.87 -35.91
N ILE A 194 20.51 11.03 -36.50
CA ILE A 194 19.11 11.29 -36.69
C ILE A 194 18.37 10.48 -35.64
N ILE A 195 17.77 11.20 -34.70
CA ILE A 195 17.02 10.62 -33.62
C ILE A 195 15.56 10.63 -33.98
N ASN A 196 14.97 9.43 -34.02
CA ASN A 196 13.59 9.26 -34.47
C ASN A 196 12.78 8.29 -33.62
N THR A 197 11.55 8.72 -33.32
CA THR A 197 10.56 7.88 -32.68
C THR A 197 9.64 7.35 -33.78
N PRO A 198 9.76 6.07 -34.12
CA PRO A 198 9.05 5.55 -35.28
C PRO A 198 7.51 5.44 -35.14
N HIS A 199 7.00 5.21 -33.93
CA HIS A 199 5.55 5.30 -33.68
C HIS A 199 5.28 5.73 -32.25
N ILE A 200 4.01 5.90 -31.90
CA ILE A 200 3.65 6.41 -30.58
C ILE A 200 4.17 5.50 -29.45
N GLY A 201 4.33 4.22 -29.73
CA GLY A 201 4.87 3.24 -28.75
C GLY A 201 6.28 3.48 -28.25
N ALA A 202 7.08 4.14 -29.08
CA ALA A 202 8.40 4.50 -28.65
C ALA A 202 8.46 5.90 -28.03
N THR A 203 7.30 6.56 -27.89
CA THR A 203 7.27 7.82 -27.18
C THR A 203 8.05 7.60 -25.84
N LYS A 204 9.03 8.48 -25.54
CA LYS A 204 9.72 8.43 -24.24
C LYS A 204 8.69 8.82 -23.23
N TRP A 205 8.73 8.21 -22.07
CA TRP A 205 7.57 8.22 -21.15
C TRP A 205 7.98 8.22 -19.70
N TRP A 206 7.25 8.98 -18.88
CA TRP A 206 7.59 9.26 -17.49
C TRP A 206 8.82 10.14 -17.31
N ILE A 207 9.25 10.82 -18.34
CA ILE A 207 10.54 11.49 -18.23
C ILE A 207 10.47 12.67 -17.25
N GLY A 208 10.97 12.47 -16.04
CA GLY A 208 11.09 13.57 -15.08
C GLY A 208 11.77 14.82 -15.63
N GLY A 209 11.13 15.98 -15.43
CA GLY A 209 11.68 17.26 -15.89
C GLY A 209 11.36 17.61 -17.33
N ALA A 210 10.95 16.63 -18.13
CA ALA A 210 10.74 16.88 -19.54
C ALA A 210 9.57 17.83 -19.78
N ALA A 211 8.49 17.64 -19.04
CA ALA A 211 7.25 18.33 -19.40
C ALA A 211 7.47 19.81 -19.45
N HIS A 212 8.12 20.34 -18.43
CA HIS A 212 8.16 21.77 -18.24
C HIS A 212 9.53 22.40 -18.00
N THR A 213 10.56 21.65 -17.64
CA THR A 213 11.77 22.30 -17.11
C THR A 213 13.10 22.05 -17.86
N SER A 214 13.28 20.85 -18.36
CA SER A 214 14.55 20.48 -18.95
C SER A 214 14.79 21.09 -20.29
N THR A 215 16.05 21.53 -20.48
CA THR A 215 16.52 22.04 -21.78
C THR A 215 17.22 20.98 -22.62
N HIS A 216 17.89 20.06 -21.95
CA HIS A 216 18.65 19.02 -22.60
C HIS A 216 18.18 17.73 -22.05
N CYS A 217 18.36 16.67 -22.81
CA CYS A 217 18.13 15.31 -22.31
C CYS A 217 19.31 14.40 -22.67
N VAL A 218 19.44 13.32 -21.92
CA VAL A 218 20.22 12.18 -22.36
C VAL A 218 19.22 11.17 -22.82
N CYS A 219 19.36 10.70 -24.02
CA CYS A 219 18.30 9.90 -24.62
C CYS A 219 18.86 8.55 -25.07
N PHE A 220 18.21 7.46 -24.71
CA PHE A 220 18.72 6.14 -25.06
C PHE A 220 18.02 5.66 -26.33
N ALA A 221 18.79 5.13 -27.28
CA ALA A 221 18.26 4.74 -28.59
C ALA A 221 19.13 3.69 -29.27
N LYS A 222 18.55 3.02 -30.24
CA LYS A 222 19.29 2.05 -31.03
C LYS A 222 20.15 2.77 -32.03
N LEU A 223 21.45 2.53 -31.91
CA LEU A 223 22.45 3.13 -32.77
C LEU A 223 22.42 2.41 -34.11
N ILE A 224 21.97 3.11 -35.16
CA ILE A 224 21.90 2.46 -36.46
C ILE A 224 22.94 3.06 -37.40
N VAL A 225 23.81 2.22 -37.93
CA VAL A 225 24.85 2.60 -38.91
C VAL A 225 24.80 1.60 -40.07
N HIS A 226 24.70 2.13 -41.30
CA HIS A 226 24.64 1.30 -42.51
C HIS A 226 23.65 0.13 -42.41
N GLY A 227 22.50 0.41 -41.81
CA GLY A 227 21.40 -0.54 -41.70
C GLY A 227 21.55 -1.57 -40.62
N LYS A 228 22.58 -1.44 -39.78
CA LYS A 228 22.81 -2.40 -38.71
C LYS A 228 22.62 -1.73 -37.34
N ASP A 229 21.84 -2.41 -36.50
CA ASP A 229 21.60 -2.05 -35.10
C ASP A 229 22.78 -2.46 -34.22
N TYR A 230 23.53 -1.49 -33.71
CA TYR A 230 24.62 -1.80 -32.79
C TYR A 230 24.21 -1.84 -31.31
N GLY A 231 22.90 -1.78 -31.06
CA GLY A 231 22.37 -1.77 -29.72
C GLY A 231 22.08 -0.41 -29.11
N THR A 232 21.70 -0.43 -27.85
CA THR A 232 21.29 0.76 -27.13
C THR A 232 22.46 1.59 -26.64
N ARG A 233 22.44 2.86 -27.01
CA ARG A 233 23.52 3.79 -26.84
C ARG A 233 23.00 5.12 -26.25
N ASN A 234 23.92 5.99 -25.86
CA ASN A 234 23.61 7.22 -25.15
C ASN A 234 23.82 8.50 -25.94
N PHE A 235 22.83 9.37 -26.06
CA PHE A 235 23.07 10.63 -26.79
C PHE A 235 22.53 11.81 -26.02
N VAL A 236 23.23 12.93 -26.06
CA VAL A 236 22.69 14.18 -25.58
C VAL A 236 21.90 14.86 -26.69
N VAL A 237 20.62 15.17 -26.41
CA VAL A 237 19.76 15.82 -27.36
C VAL A 237 19.19 17.08 -26.70
N PRO A 238 19.44 18.27 -27.30
CA PRO A 238 18.76 19.50 -26.87
C PRO A 238 17.28 19.36 -27.07
N LEU A 239 16.51 19.79 -26.08
CA LEU A 239 15.07 19.71 -26.19
C LEU A 239 14.45 21.05 -26.48
N ARG A 240 14.93 22.09 -25.82
CA ARG A 240 14.32 23.42 -25.92
C ARG A 240 15.34 24.50 -26.31
N ASN A 241 14.83 25.57 -26.94
CA ASN A 241 15.59 26.79 -27.12
C ASN A 241 15.66 27.46 -25.76
N VAL A 242 16.87 27.67 -25.27
CA VAL A 242 17.10 28.05 -23.88
C VAL A 242 16.61 29.46 -23.51
N HIS A 243 16.50 30.33 -24.50
CA HIS A 243 16.21 31.73 -24.22
C HIS A 243 14.74 32.06 -24.16
N ASP A 244 13.90 31.20 -24.73
CA ASP A 244 12.44 31.31 -24.59
C ASP A 244 11.77 30.00 -24.13
N HIS A 245 12.56 28.96 -23.93
CA HIS A 245 12.05 27.64 -23.54
C HIS A 245 11.19 26.87 -24.56
N SER A 246 11.13 27.35 -25.79
CA SER A 246 10.36 26.68 -26.84
C SER A 246 11.07 25.42 -27.32
N LEU A 247 10.29 24.44 -27.79
CA LEU A 247 10.76 23.15 -28.29
C LEU A 247 11.56 23.34 -29.57
N LYS A 248 12.71 22.68 -29.66
CA LYS A 248 13.44 22.60 -30.89
C LYS A 248 12.64 21.86 -31.95
N VAL A 249 13.02 22.12 -33.19
CA VAL A 249 12.37 21.51 -34.35
C VAL A 249 12.49 19.97 -34.33
N GLY A 250 11.34 19.30 -34.53
CA GLY A 250 11.23 17.84 -34.45
C GLY A 250 11.03 17.26 -33.06
N VAL A 251 11.14 18.07 -32.01
CA VAL A 251 10.97 17.64 -30.64
C VAL A 251 9.55 17.95 -30.17
N SER A 252 8.83 16.90 -29.77
CA SER A 252 7.46 17.02 -29.29
C SER A 252 7.38 16.57 -27.84
N ILE A 253 6.82 17.42 -26.97
CA ILE A 253 6.69 17.15 -25.52
C ILE A 253 5.31 17.52 -24.95
N GLY A 254 4.83 16.70 -24.02
CA GLY A 254 3.67 17.06 -23.22
C GLY A 254 3.80 16.52 -21.83
N ASP A 255 2.86 16.88 -20.98
CA ASP A 255 2.86 16.55 -19.57
C ASP A 255 1.99 15.34 -19.35
N ILE A 256 2.53 14.37 -18.64
CA ILE A 256 1.83 13.11 -18.37
C ILE A 256 0.71 13.38 -17.40
N GLY A 257 0.85 14.43 -16.61
CA GLY A 257 -0.20 14.84 -15.68
C GLY A 257 -0.22 14.07 -14.38
N LYS A 258 -1.43 13.87 -13.87
CA LYS A 258 -1.62 13.39 -12.53
C LYS A 258 -0.98 12.04 -12.30
N LYS A 259 -0.18 11.94 -11.25
CA LYS A 259 0.42 10.67 -10.85
C LYS A 259 -0.20 10.26 -9.54
N MET A 260 0.15 9.09 -9.06
CA MET A 260 -0.41 8.60 -7.81
C MET A 260 0.20 9.37 -6.66
N GLY A 261 1.48 9.74 -6.83
CA GLY A 261 2.18 10.69 -5.95
C GLY A 261 3.25 11.46 -6.72
N ARG A 262 4.03 12.23 -6.01
CA ARG A 262 5.15 13.01 -6.55
C ARG A 262 4.71 14.01 -7.59
N ASP A 263 3.59 14.64 -7.27
CA ASP A 263 2.91 15.51 -8.19
C ASP A 263 3.66 16.78 -8.52
N GLY A 264 4.61 17.14 -7.67
CA GLY A 264 5.50 18.26 -7.95
C GLY A 264 6.54 17.99 -9.01
N VAL A 265 6.59 16.77 -9.55
CA VAL A 265 7.59 16.38 -10.56
C VAL A 265 6.87 16.40 -11.88
N ASP A 266 7.46 17.07 -12.88
CA ASP A 266 6.77 17.32 -14.14
C ASP A 266 7.20 16.30 -15.16
N ASN A 267 6.61 15.11 -15.05
CA ASN A 267 7.02 14.00 -15.86
C ASN A 267 6.33 14.21 -17.19
N GLY A 268 7.13 14.17 -18.23
CA GLY A 268 6.63 14.43 -19.56
C GLY A 268 6.91 13.28 -20.52
N TRP A 269 6.27 13.37 -21.67
CA TRP A 269 6.54 12.47 -22.76
C TRP A 269 7.23 13.27 -23.88
N ILE A 270 8.05 12.57 -24.68
CA ILE A 270 8.91 13.16 -25.69
C ILE A 270 8.81 12.29 -26.94
N GLN A 271 8.54 12.94 -28.07
CA GLN A 271 8.63 12.30 -29.38
C GLN A 271 9.67 13.05 -30.20
N PHE A 272 10.53 12.31 -30.89
CA PHE A 272 11.50 12.89 -31.85
C PHE A 272 11.13 12.55 -33.30
N THR A 273 11.08 13.55 -34.16
CA THR A 273 10.91 13.38 -35.61
C THR A 273 12.10 13.96 -36.40
N ASN A 274 13.00 13.09 -36.87
CA ASN A 274 14.26 13.46 -37.62
C ASN A 274 14.96 14.62 -36.99
N VAL A 275 15.28 14.43 -35.72
CA VAL A 275 16.07 15.41 -34.99
C VAL A 275 17.55 15.14 -35.13
N ARG A 276 18.27 16.16 -35.56
CA ARG A 276 19.68 16.03 -35.92
C ARG A 276 20.49 16.51 -34.77
N ILE A 277 21.39 15.63 -34.33
CA ILE A 277 22.41 16.01 -33.40
C ILE A 277 23.81 15.73 -34.00
N PRO A 278 24.82 16.49 -33.61
CA PRO A 278 26.14 16.06 -34.07
C PRO A 278 26.54 14.71 -33.51
N ARG A 279 27.53 14.10 -34.15
CA ARG A 279 28.00 12.75 -33.78
C ARG A 279 28.67 12.76 -32.40
N GLN A 280 29.29 13.89 -32.04
CA GLN A 280 29.98 14.04 -30.75
C GLN A 280 29.05 14.12 -29.51
N ASN A 281 27.75 14.12 -29.74
CA ASN A 281 26.76 14.13 -28.68
C ASN A 281 26.53 12.76 -28.14
N MET A 282 26.84 11.76 -28.94
CA MET A 282 26.80 10.39 -28.48
C MET A 282 27.92 10.31 -27.50
N LEU A 283 27.69 9.62 -26.40
CA LEU A 283 28.66 9.59 -25.32
C LEU A 283 29.59 8.38 -25.55
N MET A 284 30.90 8.62 -25.62
CA MET A 284 31.82 7.68 -26.25
C MET A 284 32.98 7.23 -25.38
N ARG A 285 32.75 7.10 -24.09
CA ARG A 285 33.80 6.63 -23.21
C ARG A 285 34.14 5.18 -23.57
N TYR A 286 33.11 4.39 -23.82
CA TYR A 286 33.25 2.96 -24.04
C TYR A 286 32.93 2.51 -25.46
N ALA A 287 31.88 3.07 -26.03
CA ALA A 287 31.43 2.77 -27.38
C ALA A 287 31.71 3.98 -28.25
N LYS A 288 32.28 3.77 -29.44
CA LYS A 288 32.72 4.86 -30.31
C LYS A 288 32.16 4.71 -31.70
N VAL A 289 32.07 5.81 -32.40
CA VAL A 289 31.69 5.83 -33.78
C VAL A 289 32.54 6.89 -34.42
N SER A 290 33.21 6.54 -35.51
CA SER A 290 34.09 7.45 -36.23
C SER A 290 33.28 8.28 -37.21
N ASP A 291 33.92 9.33 -37.74
CA ASP A 291 33.30 10.15 -38.80
C ASP A 291 33.15 9.43 -40.15
N THR A 292 33.60 8.17 -40.24
CA THR A 292 33.40 7.33 -41.42
C THR A 292 32.31 6.28 -41.19
N GLY A 293 31.98 6.05 -39.91
CA GLY A 293 30.84 5.23 -39.55
C GLY A 293 31.17 3.87 -38.98
N VAL A 294 32.42 3.68 -38.60
CA VAL A 294 32.84 2.40 -38.03
C VAL A 294 32.63 2.51 -36.52
N VAL A 295 32.01 1.51 -35.92
CA VAL A 295 31.66 1.64 -34.50
C VAL A 295 32.92 1.20 -33.77
N THR A 296 33.80 2.20 -33.64
CA THR A 296 35.22 1.99 -33.41
C THR A 296 35.39 0.87 -32.41
N LYS A 297 34.56 0.87 -31.37
CA LYS A 297 34.54 -0.20 -30.39
C LYS A 297 33.12 -0.66 -30.17
N PRO A 298 32.95 -1.97 -29.85
CA PRO A 298 31.79 -2.39 -29.07
C PRO A 298 32.05 -2.08 -27.60
N ALA A 299 30.99 -1.84 -26.85
CA ALA A 299 31.11 -1.47 -25.44
C ALA A 299 32.12 -2.36 -24.69
N LEU A 300 31.87 -3.67 -24.69
CA LEU A 300 32.49 -4.61 -23.74
C LEU A 300 32.06 -4.25 -22.32
N ASP A 301 30.83 -3.74 -22.21
CA ASP A 301 30.31 -3.11 -20.99
C ASP A 301 28.78 -3.00 -21.02
N GLN A 302 28.19 -3.05 -19.82
CA GLN A 302 26.77 -2.72 -19.61
C GLN A 302 26.69 -1.37 -18.90
N LEU A 303 27.71 -0.54 -19.14
CA LEU A 303 27.94 0.70 -18.39
C LEU A 303 27.32 1.88 -19.10
N THR A 304 26.33 1.61 -19.95
CA THR A 304 25.40 2.63 -20.44
C THR A 304 24.38 2.97 -19.35
N TYR A 305 24.13 2.02 -18.44
CA TYR A 305 23.20 2.19 -17.31
C TYR A 305 23.96 2.38 -15.99
N GLY A 306 25.16 2.96 -16.06
CA GLY A 306 25.98 3.16 -14.87
C GLY A 306 25.35 4.07 -13.82
N ALA A 307 24.63 5.08 -14.29
CA ALA A 307 23.95 6.07 -13.42
C ALA A 307 22.81 5.45 -12.59
N LEU A 308 22.19 4.41 -13.15
CA LEU A 308 21.09 3.70 -12.48
C LEU A 308 21.54 2.98 -11.23
N ILE A 309 22.78 2.53 -11.20
CA ILE A 309 23.29 1.79 -10.05
C ILE A 309 23.40 2.78 -8.92
N ARG A 310 23.90 3.99 -9.19
CA ARG A 310 24.03 4.99 -8.12
C ARG A 310 22.75 5.09 -7.30
N GLY A 311 21.62 5.28 -7.97
CA GLY A 311 20.38 5.55 -7.31
C GLY A 311 19.69 4.34 -6.73
N ARG A 312 20.03 3.15 -7.20
CA ARG A 312 19.54 1.92 -6.60
C ARG A 312 20.19 1.80 -5.24
N VAL A 313 21.48 2.13 -5.18
CA VAL A 313 22.23 2.24 -3.94
C VAL A 313 21.65 3.30 -3.05
N SER A 314 21.37 4.47 -3.65
CA SER A 314 20.74 5.53 -2.89
C SER A 314 19.35 5.14 -2.40
N MET A 315 18.66 4.26 -3.13
CA MET A 315 17.34 3.74 -2.66
C MET A 315 17.34 2.80 -1.45
N ILE A 316 18.49 2.20 -1.13
CA ILE A 316 18.55 1.36 0.03
C ILE A 316 18.49 2.29 1.25
N ALA A 317 19.13 3.44 1.16
CA ALA A 317 19.13 4.41 2.25
C ALA A 317 17.78 5.07 2.40
N ASP A 318 17.16 5.49 1.29
CA ASP A 318 15.83 6.06 1.39
C ASP A 318 14.96 5.12 2.18
N SER A 319 14.98 3.84 1.86
CA SER A 319 14.19 2.87 2.57
C SER A 319 14.41 2.96 4.08
N PHE A 320 15.67 3.02 4.51
CA PHE A 320 15.95 3.30 5.93
C PHE A 320 15.37 4.63 6.38
N HIS A 321 15.70 5.70 5.67
CA HIS A 321 15.30 7.03 6.16
C HIS A 321 13.79 7.27 6.24
N VAL A 322 13.04 6.87 5.23
CA VAL A 322 11.60 7.01 5.29
C VAL A 322 10.94 6.03 6.28
N SER A 323 11.48 4.83 6.41
CA SER A 323 11.00 3.86 7.39
C SER A 323 11.17 4.39 8.77
N LYS A 324 12.30 5.01 9.03
CA LYS A 324 12.57 5.44 10.37
C LYS A 324 11.66 6.60 10.73
N ARG A 325 11.17 7.33 9.72
CA ARG A 325 10.31 8.44 10.00
C ARG A 325 8.95 7.93 10.43
N PHE A 326 8.42 6.97 9.68
CA PHE A 326 7.07 6.50 9.95
C PHE A 326 7.03 5.54 11.14
N LEU A 327 8.09 4.80 11.41
CA LEU A 327 8.13 3.99 12.63
C LEU A 327 8.15 4.89 13.87
N THR A 328 8.87 6.02 13.78
CA THR A 328 8.84 6.99 14.85
C THR A 328 7.45 7.63 15.03
N ILE A 329 6.74 7.93 13.97
CA ILE A 329 5.40 8.46 14.18
C ILE A 329 4.56 7.44 14.95
N ALA A 330 4.39 6.28 14.35
CA ALA A 330 3.57 5.20 14.91
C ALA A 330 3.91 4.81 16.37
N LEU A 331 5.18 4.60 16.66
CA LEU A 331 5.60 4.10 17.95
C LEU A 331 5.52 5.17 19.04
N ARG A 332 5.76 6.44 18.72
CA ARG A 332 5.50 7.52 19.69
C ARG A 332 3.99 7.65 19.98
N TYR A 333 3.18 7.49 18.95
CA TYR A 333 1.75 7.47 19.12
C TYR A 333 1.31 6.25 19.93
N ALA A 334 1.98 5.10 19.80
CA ALA A 334 1.61 3.86 20.52
C ALA A 334 1.82 4.00 22.00
N CYS A 335 2.89 4.68 22.35
CA CYS A 335 3.19 4.97 23.72
C CYS A 335 2.23 5.96 24.39
N VAL A 336 1.39 6.66 23.63
CA VAL A 336 0.47 7.59 24.28
C VAL A 336 -1.01 7.27 24.07
N ARG A 337 -1.34 6.58 22.98
CA ARG A 337 -2.72 6.24 22.70
C ARG A 337 -3.19 5.13 23.64
N ARG A 338 -4.38 5.30 24.17
CA ARG A 338 -4.98 4.29 25.03
C ARG A 338 -6.31 3.85 24.45
N GLN A 339 -6.49 2.54 24.32
CA GLN A 339 -7.78 2.00 23.97
C GLN A 339 -8.04 0.71 24.75
N PHE A 340 -9.13 0.66 25.52
CA PHE A 340 -9.67 -0.56 26.16
C PHE A 340 -9.17 -1.03 27.54
N GLY A 341 -8.24 -0.34 28.13
CA GLY A 341 -7.63 -0.79 29.37
C GLY A 341 -8.32 -0.64 30.72
N THR A 342 -7.70 -1.21 31.75
CA THR A 342 -7.96 -0.87 33.14
C THR A 342 -6.66 -0.57 33.87
N SER A 343 -6.76 0.27 34.90
CA SER A 343 -5.61 0.78 35.65
C SER A 343 -6.03 1.35 37.00
N GLY A 344 -5.07 1.71 37.82
CA GLY A 344 -5.41 2.24 39.13
C GLY A 344 -6.39 3.39 39.08
N ASP A 345 -6.24 4.29 38.12
CA ASP A 345 -7.20 5.38 38.01
C ASP A 345 -8.13 5.26 36.83
N THR A 346 -8.31 4.04 36.34
CA THR A 346 -9.29 3.75 35.32
C THR A 346 -8.88 4.26 33.96
N LYS A 347 -7.61 4.59 33.83
CA LYS A 347 -7.06 4.87 32.53
C LYS A 347 -6.96 3.57 31.75
N GLU A 348 -7.34 3.62 30.49
CA GLU A 348 -7.24 2.52 29.56
C GLU A 348 -5.80 2.19 29.25
N THR A 349 -5.59 1.01 28.66
CA THR A 349 -4.24 0.55 28.33
C THR A 349 -3.68 1.29 27.11
N LYS A 350 -2.40 1.58 27.21
CA LYS A 350 -1.55 2.12 26.13
C LYS A 350 -1.35 1.09 25.02
N ILE A 351 -1.69 1.43 23.78
CA ILE A 351 -1.69 0.39 22.75
C ILE A 351 -0.36 -0.36 22.67
N ILE A 352 0.74 0.33 22.92
CA ILE A 352 2.08 -0.27 22.97
C ILE A 352 2.29 -1.33 24.05
N ASP A 353 1.44 -1.34 25.08
CA ASP A 353 1.51 -2.39 26.10
C ASP A 353 0.77 -3.69 25.66
N TYR A 354 -0.12 -3.61 24.67
CA TYR A 354 -0.73 -4.85 24.12
C TYR A 354 0.30 -5.60 23.27
N PRO A 355 0.61 -6.85 23.61
CA PRO A 355 1.61 -7.65 22.85
C PRO A 355 1.48 -7.77 21.31
N TYR A 356 0.27 -7.75 20.77
CA TYR A 356 0.13 -7.82 19.31
C TYR A 356 0.67 -6.58 18.58
N HIS A 357 0.48 -5.43 19.20
CA HIS A 357 0.90 -4.17 18.64
C HIS A 357 2.40 -4.13 18.61
N GLN A 358 3.03 -4.71 19.62
CA GLN A 358 4.47 -4.80 19.67
C GLN A 358 4.95 -5.64 18.49
N ARG A 359 4.33 -6.80 18.30
CA ARG A 359 4.79 -7.61 17.19
C ARG A 359 4.42 -7.00 15.81
N ARG A 360 3.41 -6.14 15.73
CA ARG A 360 3.19 -5.42 14.49
C ARG A 360 4.35 -4.47 14.22
N LEU A 361 4.85 -3.77 15.25
CA LEU A 361 5.78 -2.68 14.98
C LEU A 361 7.27 -2.94 15.25
N LEU A 362 7.58 -3.60 16.35
CA LEU A 362 8.97 -3.68 16.80
C LEU A 362 9.86 -4.52 15.87
N PRO A 363 9.30 -5.56 15.26
CA PRO A 363 10.17 -6.24 14.31
C PRO A 363 10.49 -5.38 13.11
N LEU A 364 9.50 -4.62 12.66
CA LEU A 364 9.71 -3.60 11.66
C LEU A 364 10.75 -2.56 12.13
N LEU A 365 10.71 -2.19 13.41
CA LEU A 365 11.81 -1.34 13.95
C LEU A 365 13.21 -1.98 13.76
N ALA A 366 13.31 -3.27 14.01
CA ALA A 366 14.56 -3.97 13.80
C ALA A 366 14.91 -4.05 12.31
N TYR A 367 13.92 -4.35 11.48
CA TYR A 367 14.11 -4.36 10.01
C TYR A 367 14.77 -3.06 9.65
N CYS A 368 14.13 -1.96 10.02
CA CYS A 368 14.60 -0.62 9.72
C CYS A 368 16.06 -0.44 10.14
N TYR A 369 16.40 -0.72 11.41
CA TYR A 369 17.83 -0.60 11.85
C TYR A 369 18.74 -1.36 10.89
N ALA A 370 18.29 -2.57 10.47
CA ALA A 370 19.06 -3.41 9.55
C ALA A 370 19.19 -2.79 8.17
N MET A 371 18.13 -2.14 7.71
CA MET A 371 18.27 -1.48 6.43
C MET A 371 19.48 -0.57 6.35
N LYS A 372 19.78 0.17 7.43
CA LYS A 372 20.94 1.07 7.45
C LYS A 372 22.28 0.37 7.29
N MET A 373 22.40 -0.79 7.94
CA MET A 373 23.57 -1.66 7.73
C MET A 373 23.74 -2.00 6.23
N GLY A 374 22.69 -2.47 5.57
CA GLY A 374 22.67 -2.63 4.13
C GLY A 374 23.03 -1.38 3.33
N ALA A 375 22.27 -0.31 3.53
CA ALA A 375 22.57 0.97 2.85
C ALA A 375 24.06 1.36 2.93
N ASP A 376 24.70 1.23 4.10
CA ASP A 376 26.11 1.62 4.23
C ASP A 376 27.08 0.74 3.45
N GLU A 377 26.96 -0.58 3.51
CA GLU A 377 27.83 -1.44 2.71
C GLU A 377 27.76 -1.01 1.25
N ALA A 378 26.56 -1.03 0.72
CA ALA A 378 26.32 -0.74 -0.66
C ALA A 378 26.95 0.59 -1.02
N GLN A 379 26.75 1.61 -0.17
CA GLN A 379 27.29 2.98 -0.36
C GLN A 379 28.82 3.02 -0.44
N LYS A 380 29.46 2.35 0.52
CA LYS A 380 30.94 2.30 0.57
C LYS A 380 31.49 1.71 -0.73
N THR A 381 30.77 0.73 -1.29
CA THR A 381 31.22 0.08 -2.52
C THR A 381 30.96 0.93 -3.77
N TRP A 382 29.78 1.56 -3.88
CA TRP A 382 29.54 2.47 -5.00
C TRP A 382 30.59 3.59 -5.06
N ILE A 383 30.90 4.19 -3.92
CA ILE A 383 31.80 5.34 -3.91
C ILE A 383 33.22 4.88 -4.23
N GLU A 384 33.60 3.71 -3.70
CA GLU A 384 34.89 3.11 -4.00
C GLU A 384 34.98 2.69 -5.46
N THR A 385 33.95 2.00 -5.94
CA THR A 385 34.03 1.40 -7.26
C THR A 385 34.09 2.45 -8.38
N THR A 386 33.36 3.56 -8.25
CA THR A 386 33.30 4.57 -9.32
C THR A 386 34.49 5.57 -9.29
N ASP A 387 35.23 5.64 -8.18
CA ASP A 387 36.56 6.27 -8.17
C ASP A 387 37.43 5.53 -9.18
N ARG A 388 37.49 4.20 -9.00
CA ARG A 388 38.30 3.29 -9.83
C ARG A 388 37.93 3.34 -11.30
N ILE A 389 36.64 3.17 -11.59
CA ILE A 389 36.10 3.28 -12.94
C ILE A 389 36.44 4.61 -13.60
N LEU A 390 36.11 5.73 -12.95
CA LEU A 390 36.36 7.04 -13.58
C LEU A 390 37.88 7.36 -13.77
N ALA A 391 38.75 6.84 -12.89
CA ALA A 391 40.20 7.05 -12.98
C ALA A 391 40.87 6.14 -14.02
N LEU A 392 40.16 5.09 -14.47
CA LEU A 392 40.63 4.23 -15.57
C LEU A 392 40.38 4.86 -16.94
N ASN A 393 41.38 4.73 -17.83
CA ASN A 393 41.25 5.11 -19.24
C ASN A 393 41.09 3.84 -20.09
N PRO A 394 39.93 3.68 -20.78
CA PRO A 394 39.72 2.49 -21.64
C PRO A 394 40.48 2.54 -22.97
N ASN A 395 41.10 3.69 -23.27
CA ASN A 395 41.98 3.82 -24.42
C ASN A 395 43.45 3.52 -24.09
N ASP A 396 43.72 2.98 -22.91
CA ASP A 396 45.07 2.55 -22.55
C ASP A 396 45.17 1.01 -22.53
N PRO A 397 46.07 0.44 -23.38
CA PRO A 397 46.28 -1.00 -23.36
C PRO A 397 46.90 -1.50 -22.06
N ALA A 398 47.79 -0.71 -21.45
CA ALA A 398 48.35 -1.05 -20.15
C ALA A 398 47.26 -1.29 -19.11
N GLN A 399 46.29 -0.37 -19.04
CA GLN A 399 45.22 -0.42 -18.03
C GLN A 399 44.09 -1.43 -18.30
N LYS A 400 44.26 -2.34 -19.27
CA LYS A 400 43.22 -3.30 -19.62
C LYS A 400 42.92 -4.30 -18.49
N ASN A 401 43.94 -4.67 -17.71
CA ASN A 401 43.74 -5.60 -16.59
C ASN A 401 43.18 -4.91 -15.33
N ASP A 402 43.49 -3.63 -15.15
CA ASP A 402 42.83 -2.84 -14.10
C ASP A 402 41.33 -2.79 -14.32
N LEU A 403 40.90 -2.38 -15.51
CA LEU A 403 39.45 -2.23 -15.78
C LEU A 403 38.71 -3.57 -15.82
N GLU A 404 39.39 -4.61 -16.30
CA GLU A 404 38.88 -6.00 -16.26
C GLU A 404 38.25 -6.37 -14.91
N LYS A 405 38.87 -5.92 -13.81
CA LYS A 405 38.34 -6.16 -12.46
C LYS A 405 37.26 -5.12 -12.11
N ALA A 406 37.42 -3.89 -12.59
CA ALA A 406 36.46 -2.83 -12.36
C ALA A 406 35.11 -3.16 -13.00
N VAL A 407 35.15 -3.85 -14.15
CA VAL A 407 33.92 -4.31 -14.78
C VAL A 407 33.22 -5.37 -13.91
N THR A 408 33.95 -6.39 -13.47
CA THR A 408 33.38 -7.46 -12.61
C THR A 408 32.97 -6.91 -11.22
N ASP A 409 33.69 -5.89 -10.75
CA ASP A 409 33.25 -5.15 -9.58
C ASP A 409 31.89 -4.54 -9.86
N THR A 410 31.73 -3.82 -10.99
CA THR A 410 30.43 -3.19 -11.32
C THR A 410 29.32 -4.21 -11.58
N LYS A 411 29.67 -5.35 -12.19
CA LYS A 411 28.71 -6.45 -12.39
C LYS A 411 28.16 -6.99 -11.07
N GLU A 412 29.06 -7.28 -10.13
CA GLU A 412 28.71 -7.79 -8.82
C GLU A 412 27.88 -6.74 -8.06
N LEU A 413 28.26 -5.48 -8.22
CA LEU A 413 27.59 -4.38 -7.57
C LEU A 413 26.15 -4.21 -8.10
N PHE A 414 26.03 -4.32 -9.42
CA PHE A 414 24.77 -4.29 -10.09
C PHE A 414 23.86 -5.31 -9.43
N ALA A 415 24.30 -6.57 -9.41
CA ALA A 415 23.47 -7.68 -8.92
C ALA A 415 23.10 -7.53 -7.46
N ALA A 416 24.07 -7.12 -6.64
CA ALA A 416 23.85 -6.95 -5.21
C ALA A 416 22.87 -5.80 -4.94
N SER A 417 23.10 -4.66 -5.58
CA SER A 417 22.23 -3.51 -5.45
C SER A 417 20.79 -3.79 -5.82
N ALA A 418 20.58 -4.70 -6.75
CA ALA A 418 19.30 -4.83 -7.38
C ALA A 418 18.35 -5.53 -6.43
N GLY A 419 18.81 -6.64 -5.86
CA GLY A 419 17.99 -7.38 -4.92
C GLY A 419 17.82 -6.59 -3.64
N MET A 420 18.87 -5.93 -3.19
CA MET A 420 18.76 -5.12 -2.00
C MET A 420 17.83 -3.90 -2.19
N LYS A 421 17.89 -3.26 -3.36
CA LYS A 421 16.92 -2.23 -3.73
C LYS A 421 15.50 -2.78 -3.68
N ALA A 422 15.25 -3.86 -4.39
CA ALA A 422 13.89 -4.36 -4.44
C ALA A 422 13.35 -4.64 -3.05
N PHE A 423 14.05 -5.42 -2.27
CA PHE A 423 13.49 -5.86 -0.99
C PHE A 423 13.41 -4.75 0.02
N THR A 424 14.46 -3.91 0.08
CA THR A 424 14.36 -2.79 0.98
C THR A 424 13.27 -1.80 0.63
N THR A 425 13.01 -1.53 -0.65
CA THR A 425 11.91 -0.62 -1.02
C THR A 425 10.50 -1.25 -0.81
N TRP A 426 10.33 -2.53 -1.08
CA TRP A 426 9.12 -3.21 -0.65
C TRP A 426 8.93 -3.23 0.88
N GLY A 427 10.02 -3.41 1.60
CA GLY A 427 9.95 -3.45 3.06
C GLY A 427 9.55 -2.09 3.60
N CYS A 428 10.11 -1.02 3.05
CA CYS A 428 9.63 0.34 3.37
C CYS A 428 8.16 0.53 3.06
N ALA A 429 7.73 0.19 1.86
CA ALA A 429 6.30 0.20 1.52
C ALA A 429 5.48 -0.46 2.65
N LYS A 430 5.90 -1.65 3.08
CA LYS A 430 5.16 -2.41 4.11
C LYS A 430 5.19 -1.70 5.47
N ILE A 431 6.31 -1.07 5.79
CA ILE A 431 6.45 -0.37 7.05
C ILE A 431 5.51 0.85 7.10
N ILE A 432 5.54 1.64 6.05
CA ILE A 432 4.73 2.84 5.98
C ILE A 432 3.28 2.44 6.18
N ASP A 433 2.90 1.35 5.50
CA ASP A 433 1.54 0.80 5.52
C ASP A 433 1.11 0.20 6.85
N GLU A 434 1.95 -0.65 7.45
CA GLU A 434 1.70 -1.12 8.82
C GLU A 434 1.69 -0.01 9.87
N CYS A 435 2.57 0.98 9.79
CA CYS A 435 2.52 2.15 10.69
C CYS A 435 1.24 2.97 10.52
N ARG A 436 0.71 3.06 9.32
CA ARG A 436 -0.47 3.85 9.14
C ARG A 436 -1.62 3.21 9.95
N GLN A 437 -1.85 1.91 9.73
CA GLN A 437 -2.93 1.19 10.41
C GLN A 437 -2.71 1.18 11.91
N ALA A 438 -1.46 1.05 12.32
CA ALA A 438 -1.11 1.12 13.73
C ALA A 438 -1.56 2.44 14.42
N CYS A 439 -1.87 3.47 13.64
CA CYS A 439 -2.39 4.73 14.19
C CYS A 439 -3.91 4.77 14.02
N GLY A 440 -4.50 3.71 13.54
CA GLY A 440 -5.95 3.75 13.39
C GLY A 440 -6.44 4.86 12.46
N GLY A 441 -7.63 5.34 12.71
CA GLY A 441 -8.19 6.40 11.91
C GLY A 441 -7.30 7.64 11.85
N HIS A 442 -6.46 7.89 12.86
CA HIS A 442 -5.58 9.08 12.74
C HIS A 442 -4.45 8.93 11.74
N GLY A 443 -4.26 7.70 11.24
CA GLY A 443 -3.32 7.43 10.19
C GLY A 443 -3.78 7.90 8.82
N TYR A 444 -5.08 8.15 8.70
CA TYR A 444 -5.71 8.50 7.44
C TYR A 444 -5.79 10.04 7.30
N SER A 445 -5.38 10.77 8.35
CA SER A 445 -5.36 12.22 8.22
C SER A 445 -4.10 12.57 7.48
N GLY A 446 -4.27 13.41 6.45
CA GLY A 446 -3.17 13.84 5.60
C GLY A 446 -2.02 14.43 6.39
N TYR A 447 -2.34 15.10 7.48
CA TYR A 447 -1.34 15.81 8.25
C TYR A 447 -0.43 14.90 9.03
N ASN A 448 -0.86 13.65 9.23
CA ASN A 448 0.03 12.70 9.89
C ASN A 448 0.93 11.96 8.92
N GLY A 449 0.75 12.22 7.63
CA GLY A 449 1.85 12.02 6.67
C GLY A 449 1.84 10.71 5.89
N PHE A 450 1.00 9.78 6.26
CA PHE A 450 1.11 8.44 5.72
C PHE A 450 0.67 8.38 4.30
N GLY A 451 -0.32 9.18 3.95
CA GLY A 451 -0.93 9.15 2.65
C GLY A 451 0.02 9.62 1.59
N GLN A 452 0.42 10.88 1.68
CA GLN A 452 1.44 11.47 0.80
C GLN A 452 2.68 10.61 0.83
N GLY A 453 3.03 10.12 2.02
CA GLY A 453 4.20 9.27 2.22
C GLY A 453 4.14 7.99 1.41
N TYR A 454 3.16 7.15 1.65
CA TYR A 454 3.03 5.90 0.90
C TYR A 454 2.95 6.15 -0.63
N ALA A 455 2.10 7.09 -1.04
CA ALA A 455 1.88 7.35 -2.47
C ALA A 455 3.14 7.82 -3.15
N ASP A 456 3.84 8.75 -2.51
CA ASP A 456 5.18 9.13 -2.97
C ASP A 456 6.20 7.98 -2.85
N TRP A 457 6.15 7.17 -1.80
CA TRP A 457 7.18 6.12 -1.61
C TRP A 457 7.15 5.01 -2.67
N VAL A 458 5.97 4.70 -3.13
CA VAL A 458 5.73 3.42 -3.81
C VAL A 458 6.33 3.31 -5.21
N VAL A 459 6.59 4.44 -5.82
CA VAL A 459 7.18 4.46 -7.16
C VAL A 459 8.60 3.94 -7.17
N GLN A 460 9.22 3.94 -6.00
CA GLN A 460 10.55 3.41 -5.78
C GLN A 460 10.63 1.91 -6.04
N CYS A 461 9.52 1.22 -5.89
CA CYS A 461 9.45 -0.21 -6.14
C CYS A 461 9.29 -0.52 -7.60
N THR A 462 9.14 0.52 -8.41
CA THR A 462 8.89 0.40 -9.83
C THR A 462 10.00 0.95 -10.71
N TRP A 463 10.42 2.16 -10.42
CA TRP A 463 11.39 2.86 -11.26
C TRP A 463 12.84 2.54 -10.96
N GLU A 464 13.70 2.85 -11.90
CA GLU A 464 15.08 2.45 -11.83
C GLU A 464 15.22 0.93 -11.61
N GLY A 465 14.37 0.19 -12.34
CA GLY A 465 14.25 -1.25 -12.21
C GLY A 465 12.99 -1.63 -11.46
N ASP A 466 12.07 -2.29 -12.17
CA ASP A 466 10.91 -2.90 -11.57
C ASP A 466 11.41 -3.94 -10.59
N ASN A 467 10.90 -3.93 -9.37
CA ASN A 467 11.48 -4.80 -8.33
C ASN A 467 11.51 -6.30 -8.69
N ASN A 468 10.41 -6.81 -9.24
CA ASN A 468 10.30 -8.22 -9.56
C ASN A 468 11.36 -8.60 -10.57
N VAL A 469 11.52 -7.78 -11.59
CA VAL A 469 12.54 -7.96 -12.59
C VAL A 469 13.96 -7.82 -12.01
N LEU A 470 14.16 -6.88 -11.09
CA LEU A 470 15.41 -6.81 -10.35
C LEU A 470 15.68 -8.08 -9.56
N CYS A 471 14.65 -8.65 -8.93
CA CYS A 471 14.79 -9.93 -8.24
C CYS A 471 15.22 -11.04 -9.19
N LEU A 472 14.62 -11.08 -10.38
CA LEU A 472 15.03 -12.03 -11.41
C LEU A 472 16.47 -11.86 -11.80
N SER A 473 16.94 -10.63 -11.93
CA SER A 473 18.37 -10.37 -12.20
C SER A 473 19.30 -10.86 -11.08
N MET A 474 18.91 -10.65 -9.84
CA MET A 474 19.77 -11.12 -8.76
C MET A 474 19.76 -12.67 -8.73
N GLY A 475 18.58 -13.26 -8.78
CA GLY A 475 18.49 -14.71 -8.90
C GLY A 475 19.44 -15.28 -9.96
N ARG A 476 19.44 -14.71 -11.17
CA ARG A 476 20.36 -15.12 -12.21
C ARG A 476 21.83 -14.97 -11.80
N GLY A 477 22.17 -13.80 -11.25
CA GLY A 477 23.53 -13.55 -10.79
C GLY A 477 23.99 -14.53 -9.70
N LEU A 478 23.04 -15.07 -8.97
CA LEU A 478 23.34 -15.92 -7.85
C LEU A 478 23.58 -17.31 -8.35
N VAL A 479 22.81 -17.71 -9.37
CA VAL A 479 23.08 -18.95 -10.03
C VAL A 479 24.46 -18.90 -10.68
N GLN A 480 24.77 -17.82 -11.40
CA GLN A 480 26.08 -17.69 -12.05
C GLN A 480 27.24 -17.63 -11.08
N SER A 481 26.99 -17.16 -9.87
CA SER A 481 28.01 -17.15 -8.85
C SER A 481 28.28 -18.54 -8.32
N ALA A 482 27.22 -19.33 -8.15
CA ALA A 482 27.28 -20.73 -7.78
C ALA A 482 28.08 -21.57 -8.78
N LEU A 483 27.88 -21.35 -10.08
CA LEU A 483 28.69 -22.05 -11.09
C LEU A 483 30.16 -21.66 -10.98
N GLN A 484 30.44 -20.38 -10.80
CA GLN A 484 31.83 -19.98 -10.56
C GLN A 484 32.34 -20.78 -9.38
N ILE A 485 31.60 -20.81 -8.26
CA ILE A 485 32.04 -21.53 -7.07
C ILE A 485 32.30 -23.02 -7.37
N LEU A 486 31.34 -23.67 -8.02
CA LEU A 486 31.50 -25.06 -8.42
C LEU A 486 32.73 -25.28 -9.33
N ALA A 487 33.03 -24.27 -10.15
CA ALA A 487 34.25 -24.27 -10.93
C ALA A 487 35.47 -23.92 -10.09
N GLY A 488 35.29 -23.62 -8.80
CA GLY A 488 36.40 -23.24 -7.92
C GLY A 488 37.00 -21.85 -8.18
N LYS A 489 36.28 -21.00 -8.89
CA LYS A 489 36.80 -19.67 -9.22
C LYS A 489 36.44 -18.67 -8.13
N HIS A 490 37.00 -17.46 -8.24
CA HIS A 490 36.86 -16.44 -7.19
C HIS A 490 35.46 -15.83 -7.17
N VAL A 491 34.97 -15.50 -5.98
CA VAL A 491 33.67 -14.84 -5.83
C VAL A 491 33.69 -13.87 -4.66
N GLY A 492 32.85 -12.84 -4.76
CA GLY A 492 32.67 -11.86 -3.65
C GLY A 492 32.48 -12.45 -2.26
N ALA A 493 32.99 -11.78 -1.24
CA ALA A 493 32.83 -12.21 0.17
C ALA A 493 31.36 -12.49 0.54
N SER A 494 30.47 -11.69 -0.08
CA SER A 494 29.03 -11.72 0.12
C SER A 494 28.42 -13.06 -0.20
N ILE A 495 28.97 -13.72 -1.23
CA ILE A 495 28.41 -14.97 -1.71
C ILE A 495 29.23 -16.22 -1.42
N GLN A 496 30.32 -16.07 -0.69
CA GLN A 496 31.24 -17.19 -0.46
C GLN A 496 30.59 -18.37 0.27
N TYR A 497 29.68 -18.05 1.19
CA TYR A 497 29.07 -19.04 2.07
C TYR A 497 28.32 -20.08 1.27
N VAL A 498 27.95 -19.74 0.05
CA VAL A 498 27.19 -20.65 -0.79
C VAL A 498 27.99 -21.93 -1.02
N GLY A 499 29.31 -21.80 -1.04
CA GLY A 499 30.21 -22.93 -1.10
C GLY A 499 30.23 -23.94 0.04
N ASP A 500 30.08 -23.49 1.27
CA ASP A 500 30.24 -24.31 2.48
C ASP A 500 29.13 -25.33 2.78
N LYS A 501 29.46 -26.37 3.54
CA LYS A 501 28.44 -27.32 4.04
C LYS A 501 27.83 -26.72 5.32
N SER A 502 26.54 -26.93 5.54
CA SER A 502 25.95 -26.33 6.73
C SER A 502 26.58 -26.93 7.99
N LYS A 503 26.76 -26.09 8.98
CA LYS A 503 27.30 -26.52 10.24
C LYS A 503 26.17 -27.08 11.11
N ILE A 504 24.93 -27.06 10.63
CA ILE A 504 23.80 -27.58 11.42
C ILE A 504 23.16 -28.84 10.81
N SER A 505 22.81 -29.80 11.66
CA SER A 505 21.99 -30.95 11.26
C SER A 505 21.02 -31.29 12.39
N GLN A 506 19.76 -31.50 12.03
CA GLN A 506 18.67 -31.77 12.98
C GLN A 506 18.15 -33.20 12.79
N ASN A 507 18.26 -34.04 13.82
CA ASN A 507 17.67 -35.38 13.74
C ASN A 507 16.19 -35.41 14.18
N GLY A 508 15.56 -34.25 14.24
CA GLY A 508 14.14 -34.15 14.58
C GLY A 508 13.82 -34.04 16.07
N GLN A 509 14.83 -33.87 16.91
CA GLN A 509 14.65 -33.80 18.36
C GLN A 509 14.51 -32.37 18.89
N GLY A 510 14.40 -31.38 17.99
CA GLY A 510 14.21 -29.97 18.35
C GLY A 510 15.50 -29.17 18.47
N THR A 511 15.38 -27.86 18.38
CA THR A 511 16.50 -26.95 18.57
C THR A 511 16.30 -26.24 19.93
N PRO A 512 17.34 -26.20 20.78
CA PRO A 512 17.13 -25.58 22.09
C PRO A 512 17.05 -24.08 22.01
N ARG A 513 16.63 -23.48 23.12
CA ARG A 513 16.55 -22.02 23.26
C ARG A 513 17.90 -21.31 23.07
N GLU A 514 18.98 -21.87 23.61
CA GLU A 514 20.31 -21.23 23.60
C GLU A 514 20.83 -21.03 22.18
N GLN A 515 20.63 -22.03 21.33
CA GLN A 515 21.00 -21.92 19.93
C GLN A 515 20.11 -20.92 19.20
N LEU A 516 18.81 -21.00 19.46
CA LEU A 516 17.86 -20.10 18.85
C LEU A 516 18.05 -18.61 19.23
N LEU A 517 18.77 -18.31 20.31
CA LEU A 517 19.18 -16.92 20.62
C LEU A 517 20.64 -16.64 20.25
N SER A 518 21.23 -17.50 19.43
CA SER A 518 22.64 -17.33 19.07
C SER A 518 22.74 -16.66 17.70
N PRO A 519 23.47 -15.55 17.61
CA PRO A 519 23.83 -14.95 16.34
C PRO A 519 24.44 -15.95 15.33
N GLU A 520 25.45 -16.69 15.75
CA GLU A 520 26.10 -17.68 14.87
C GLU A 520 25.07 -18.66 14.34
N PHE A 521 24.18 -19.12 15.19
CA PHE A 521 23.26 -20.14 14.75
C PHE A 521 22.24 -19.58 13.76
N LEU A 522 21.75 -18.37 14.03
CA LEU A 522 20.71 -17.76 13.19
C LEU A 522 21.32 -17.50 11.84
N VAL A 523 22.50 -16.89 11.85
CA VAL A 523 23.22 -16.61 10.61
C VAL A 523 23.34 -17.88 9.78
N GLU A 524 23.94 -18.89 10.39
CA GLU A 524 24.17 -20.19 9.79
C GLU A 524 22.85 -20.80 9.33
N ALA A 525 21.78 -20.58 10.09
CA ALA A 525 20.48 -21.12 9.69
C ALA A 525 20.05 -20.45 8.41
N PHE A 526 20.30 -19.15 8.35
CA PHE A 526 19.85 -18.38 7.19
C PHE A 526 20.68 -18.69 5.97
N ARG A 527 22.00 -18.72 6.15
CA ARG A 527 22.92 -19.12 5.08
C ARG A 527 22.62 -20.51 4.51
N THR A 528 22.33 -21.46 5.39
CA THR A 528 21.86 -22.78 5.01
C THR A 528 20.59 -22.77 4.18
N ALA A 529 19.59 -21.99 4.60
CA ALA A 529 18.36 -21.90 3.81
C ALA A 529 18.65 -21.27 2.46
N SER A 530 19.43 -20.21 2.43
CA SER A 530 19.78 -19.57 1.16
C SER A 530 20.60 -20.50 0.27
N ARG A 531 21.70 -21.03 0.80
CA ARG A 531 22.62 -21.88 -0.01
C ARG A 531 21.92 -23.03 -0.69
N ASN A 532 21.07 -23.71 0.06
CA ASN A 532 20.33 -24.85 -0.45
C ASN A 532 19.36 -24.48 -1.57
N ASN A 533 18.58 -23.42 -1.41
CA ASN A 533 17.76 -22.91 -2.52
C ASN A 533 18.60 -22.54 -3.74
N ILE A 534 19.71 -21.85 -3.52
CA ILE A 534 20.54 -21.46 -4.66
C ILE A 534 21.11 -22.69 -5.33
N LEU A 535 21.64 -23.63 -4.53
CA LEU A 535 22.29 -24.84 -5.07
C LEU A 535 21.30 -25.73 -5.79
N ARG A 536 20.07 -25.79 -5.28
CA ARG A 536 19.00 -26.51 -5.97
C ARG A 536 18.66 -25.84 -7.31
N THR A 537 18.50 -24.52 -7.28
CA THR A 537 18.14 -23.76 -8.47
C THR A 537 19.25 -23.90 -9.47
N THR A 538 20.50 -23.83 -9.03
CA THR A 538 21.61 -24.08 -9.94
C THR A 538 21.60 -25.50 -10.54
N ASP A 539 21.11 -26.46 -9.75
CA ASP A 539 20.90 -27.80 -10.25
C ASP A 539 19.89 -27.87 -11.39
N LYS A 540 18.68 -27.31 -11.20
CA LYS A 540 17.67 -27.34 -12.25
C LYS A 540 18.19 -26.65 -13.51
N TYR A 541 18.98 -25.61 -13.34
CA TYR A 541 19.47 -24.82 -14.47
C TYR A 541 20.37 -25.66 -15.33
N GLN A 542 21.31 -26.35 -14.71
CA GLN A 542 22.23 -27.26 -15.41
C GLN A 542 21.48 -28.28 -16.29
N GLU A 543 20.48 -28.95 -15.70
CA GLU A 543 19.59 -29.87 -16.41
C GLU A 543 18.90 -29.17 -17.59
N LEU A 544 18.48 -27.92 -17.40
CA LEU A 544 17.76 -27.20 -18.44
C LEU A 544 18.65 -26.77 -19.60
N VAL A 545 19.86 -26.32 -19.31
CA VAL A 545 20.77 -25.86 -20.37
C VAL A 545 21.16 -26.97 -21.35
N LYS A 546 20.73 -28.20 -21.10
CA LYS A 546 20.98 -29.28 -22.05
C LYS A 546 20.13 -29.18 -23.30
N THR A 547 18.92 -28.65 -23.20
CA THR A 547 18.11 -28.35 -24.38
C THR A 547 18.00 -26.83 -24.66
N LEU A 548 17.75 -26.07 -23.59
CA LEU A 548 17.50 -24.64 -23.65
C LEU A 548 18.79 -23.81 -23.72
N ASN A 549 18.65 -22.57 -24.15
CA ASN A 549 19.70 -21.58 -24.04
C ASN A 549 19.64 -21.06 -22.62
N PRO A 550 20.73 -20.41 -22.14
CA PRO A 550 20.68 -19.83 -20.79
C PRO A 550 19.40 -18.99 -20.54
N ASP A 551 19.08 -18.08 -21.45
CA ASP A 551 17.94 -17.19 -21.32
C ASP A 551 16.66 -17.95 -21.05
N GLN A 552 16.36 -18.95 -21.88
CA GLN A 552 15.12 -19.68 -21.76
C GLN A 552 15.09 -20.45 -20.48
N ALA A 553 16.26 -20.90 -20.02
CA ALA A 553 16.36 -21.62 -18.75
C ALA A 553 15.96 -20.74 -17.58
N PHE A 554 16.53 -19.53 -17.50
CA PHE A 554 16.25 -18.60 -16.39
C PHE A 554 14.78 -18.24 -16.30
N GLU A 555 14.14 -17.96 -17.43
CA GLU A 555 12.68 -17.76 -17.47
C GLU A 555 11.90 -18.99 -16.91
N GLU A 556 12.34 -20.20 -17.23
CA GLU A 556 11.69 -21.38 -16.64
C GLU A 556 11.84 -21.33 -15.12
N LEU A 557 12.99 -20.81 -14.68
CA LEU A 557 13.37 -20.70 -13.26
C LEU A 557 13.02 -19.36 -12.59
N SER A 558 12.12 -18.60 -13.19
CA SER A 558 11.81 -17.28 -12.69
C SER A 558 11.32 -17.30 -11.25
N GLN A 559 10.41 -18.20 -10.91
CA GLN A 559 9.92 -18.28 -9.54
C GLN A 559 11.03 -18.65 -8.58
N GLN A 560 11.90 -19.56 -9.02
CA GLN A 560 13.06 -19.98 -8.25
C GLN A 560 14.05 -18.86 -8.03
N ARG A 561 14.27 -18.04 -9.05
CA ARG A 561 15.19 -16.92 -8.94
C ARG A 561 14.72 -15.90 -7.91
N PHE A 562 13.43 -15.65 -7.88
CA PHE A 562 12.83 -14.79 -6.86
C PHE A 562 13.12 -15.32 -5.47
N GLN A 563 12.76 -16.57 -5.22
CA GLN A 563 13.03 -17.17 -3.91
C GLN A 563 14.45 -16.96 -3.44
N CYS A 564 15.41 -17.11 -4.35
CA CYS A 564 16.80 -17.05 -3.95
C CYS A 564 17.22 -15.63 -3.60
N ALA A 565 16.75 -14.69 -4.40
CA ALA A 565 17.04 -13.29 -4.16
C ALA A 565 16.54 -12.97 -2.80
N ARG A 566 15.33 -13.44 -2.52
CA ARG A 566 14.65 -13.08 -1.30
C ARG A 566 15.37 -13.58 -0.09
N ILE A 567 15.66 -14.90 -0.01
CA ILE A 567 16.36 -15.44 1.16
C ILE A 567 17.77 -14.88 1.30
N HIS A 568 18.50 -14.74 0.22
CA HIS A 568 19.92 -14.35 0.30
C HIS A 568 20.07 -12.90 0.73
N THR A 569 19.20 -12.05 0.18
CA THR A 569 19.07 -10.69 0.63
C THR A 569 18.74 -10.65 2.11
N ARG A 570 17.73 -11.41 2.56
CA ARG A 570 17.38 -11.34 3.97
C ARG A 570 18.55 -11.81 4.85
N GLN A 571 19.25 -12.86 4.39
CA GLN A 571 20.46 -13.39 5.04
C GLN A 571 21.60 -12.35 5.05
N HIS A 572 21.73 -11.61 3.97
CA HIS A 572 22.73 -10.56 3.92
C HIS A 572 22.50 -9.46 4.97
N LEU A 573 21.24 -9.09 5.17
CA LEU A 573 20.96 -7.96 6.05
C LEU A 573 21.13 -8.37 7.49
N ILE A 574 20.57 -9.52 7.81
CA ILE A 574 20.73 -10.11 9.16
C ILE A 574 22.23 -10.20 9.46
N SER A 575 23.00 -10.75 8.53
CA SER A 575 24.46 -10.86 8.72
C SER A 575 25.13 -9.53 8.86
N SER A 576 24.73 -8.54 8.06
CA SER A 576 25.35 -7.22 8.12
C SER A 576 25.06 -6.50 9.44
N PHE A 577 23.86 -6.71 9.98
CA PHE A 577 23.50 -6.11 11.26
C PHE A 577 24.37 -6.65 12.37
N TYR A 578 24.55 -7.97 12.42
CA TYR A 578 25.43 -8.58 13.44
C TYR A 578 26.89 -8.15 13.32
N ALA A 579 27.37 -8.01 12.09
CA ALA A 579 28.74 -7.60 11.84
C ALA A 579 28.99 -6.20 12.39
N ARG A 580 27.98 -5.33 12.36
CA ARG A 580 28.10 -3.98 12.95
C ARG A 580 27.92 -3.96 14.49
N ILE A 581 27.06 -4.83 15.02
CA ILE A 581 26.82 -4.94 16.47
C ILE A 581 28.09 -5.42 17.19
N ALA A 582 28.91 -6.16 16.45
CA ALA A 582 30.21 -6.61 16.91
C ALA A 582 31.14 -5.45 17.19
N THR A 583 30.92 -4.32 16.50
CA THR A 583 31.85 -3.18 16.54
C THR A 583 31.37 -2.03 17.40
N ALA A 584 30.24 -2.23 18.07
CA ALA A 584 29.55 -1.15 18.78
C ALA A 584 30.23 -0.79 20.08
N LYS A 585 29.91 0.40 20.61
CA LYS A 585 30.16 0.68 22.03
C LYS A 585 29.42 -0.36 22.84
N ASP A 586 30.03 -0.75 23.95
CA ASP A 586 29.51 -1.86 24.76
C ASP A 586 28.18 -1.55 25.45
N ASP A 587 28.05 -0.32 25.92
CA ASP A 587 26.87 0.05 26.67
C ASP A 587 25.57 -0.14 25.86
N ILE A 588 25.66 0.01 24.53
CA ILE A 588 24.49 -0.11 23.65
C ILE A 588 24.37 -1.49 23.06
N LYS A 589 25.46 -2.23 23.06
CA LYS A 589 25.48 -3.54 22.38
C LYS A 589 24.30 -4.46 22.73
N PRO A 590 23.93 -4.55 24.02
CA PRO A 590 22.87 -5.52 24.38
C PRO A 590 21.47 -5.15 23.87
N HIS A 591 21.18 -3.86 23.79
CA HIS A 591 19.89 -3.41 23.22
C HIS A 591 19.88 -3.61 21.73
N LEU A 592 21.00 -3.28 21.08
CA LEU A 592 21.15 -3.56 19.66
C LEU A 592 21.09 -5.06 19.38
N LEU A 593 21.65 -5.86 20.29
CA LEU A 593 21.58 -7.31 20.14
C LEU A 593 20.14 -7.78 20.15
N LYS A 594 19.34 -7.22 21.05
CA LYS A 594 17.93 -7.62 21.10
C LYS A 594 17.20 -7.37 19.78
N LEU A 595 17.40 -6.18 19.21
CA LEU A 595 16.82 -5.85 17.91
C LEU A 595 17.25 -6.87 16.82
N ALA A 596 18.56 -7.16 16.74
CA ALA A 596 19.08 -8.15 15.76
C ALA A 596 18.38 -9.49 15.85
N ASN A 597 18.31 -10.08 17.05
CA ASN A 597 17.75 -11.41 17.18
C ASN A 597 16.27 -11.39 16.92
N LEU A 598 15.62 -10.30 17.31
CA LEU A 598 14.24 -10.10 16.99
C LEU A 598 14.03 -10.12 15.48
N PHE A 599 14.81 -9.33 14.76
CA PHE A 599 14.78 -9.29 13.28
C PHE A 599 14.98 -10.70 12.71
N ALA A 600 16.06 -11.34 13.11
CA ALA A 600 16.36 -12.71 12.69
C ALA A 600 15.23 -13.69 12.97
N LEU A 601 14.81 -13.81 14.23
CA LEU A 601 13.75 -14.78 14.59
C LEU A 601 12.42 -14.45 13.99
N TRP A 602 12.06 -13.17 14.01
CA TRP A 602 10.87 -12.75 13.31
C TRP A 602 10.93 -13.16 11.84
N SER A 603 12.12 -13.09 11.21
CA SER A 603 12.24 -13.44 9.79
C SER A 603 12.02 -14.93 9.59
N ILE A 604 12.49 -15.75 10.53
CA ILE A 604 12.12 -17.16 10.51
C ILE A 604 10.59 -17.24 10.46
N GLU A 605 9.94 -16.43 11.29
CA GLU A 605 8.48 -16.45 11.43
C GLU A 605 7.65 -16.15 10.18
N GLU A 606 8.19 -15.42 9.21
CA GLU A 606 7.48 -15.21 7.95
C GLU A 606 7.74 -16.42 7.05
N ASP A 607 8.97 -16.90 7.08
CA ASP A 607 9.45 -17.96 6.18
C ASP A 607 9.49 -19.33 6.88
N THR A 608 8.50 -19.63 7.70
CA THR A 608 8.50 -20.87 8.49
C THR A 608 8.51 -22.11 7.56
N GLY A 609 7.71 -22.04 6.49
CA GLY A 609 7.70 -23.07 5.47
C GLY A 609 9.11 -23.42 5.03
N ILE A 610 9.90 -22.38 4.75
CA ILE A 610 11.22 -22.58 4.14
C ILE A 610 12.19 -23.33 5.05
N PHE A 611 12.10 -23.12 6.35
CA PHE A 611 13.04 -23.73 7.30
C PHE A 611 12.62 -25.16 7.70
N LEU A 612 11.33 -25.49 7.57
CA LEU A 612 10.84 -26.86 7.79
C LEU A 612 10.93 -27.68 6.52
N ARG A 613 10.82 -27.00 5.37
CA ARG A 613 10.98 -27.66 4.07
C ARG A 613 12.36 -28.28 4.12
N GLU A 614 13.31 -27.49 4.61
CA GLU A 614 14.73 -27.79 4.51
C GLU A 614 15.30 -28.57 5.69
N ASN A 615 14.46 -29.03 6.60
CA ASN A 615 14.92 -29.75 7.80
C ASN A 615 16.02 -28.96 8.56
N ILE A 616 15.70 -27.71 8.89
CA ILE A 616 16.58 -26.85 9.69
C ILE A 616 16.03 -26.73 11.12
N LEU A 617 14.72 -26.58 11.19
CA LEU A 617 13.97 -26.53 12.43
C LEU A 617 12.97 -27.66 12.43
N THR A 618 12.51 -28.04 13.61
CA THR A 618 11.40 -28.98 13.73
C THR A 618 10.12 -28.20 14.00
N PRO A 619 8.96 -28.80 13.71
CA PRO A 619 7.68 -28.24 14.16
C PRO A 619 7.69 -27.71 15.60
N GLY A 620 8.17 -28.52 16.54
CA GLY A 620 8.29 -28.08 17.95
C GLY A 620 9.21 -26.90 18.24
N ASP A 621 10.00 -26.49 17.25
CA ASP A 621 10.79 -25.27 17.36
C ASP A 621 9.97 -24.02 17.04
N ILE A 622 8.89 -24.17 16.28
CA ILE A 622 8.04 -23.04 15.88
C ILE A 622 7.32 -22.44 17.08
N ASP A 623 6.73 -23.31 17.90
CA ASP A 623 6.18 -22.88 19.17
C ASP A 623 7.22 -22.05 19.92
N LEU A 624 8.42 -22.59 20.05
CA LEU A 624 9.45 -21.90 20.78
C LEU A 624 9.86 -20.56 20.14
N ILE A 625 9.85 -20.47 18.80
CA ILE A 625 10.24 -19.24 18.10
C ILE A 625 9.25 -18.14 18.43
N ASN A 626 7.96 -18.46 18.36
CA ASN A 626 6.90 -17.54 18.71
C ASN A 626 7.04 -16.90 20.09
N SER A 627 7.38 -17.72 21.09
CA SER A 627 7.59 -17.23 22.45
C SER A 627 8.77 -16.28 22.56
N LEU A 628 9.88 -16.67 21.92
CA LEU A 628 11.08 -15.83 21.91
C LEU A 628 10.83 -14.44 21.27
N VAL A 629 10.10 -14.40 20.16
CA VAL A 629 9.69 -13.15 19.54
C VAL A 629 8.95 -12.28 20.56
N ASP A 630 7.93 -12.87 21.20
CA ASP A 630 7.22 -12.25 22.32
C ASP A 630 8.14 -11.68 23.42
N GLU A 631 9.17 -12.43 23.80
CA GLU A 631 10.14 -11.97 24.82
C GLU A 631 10.95 -10.79 24.33
N LEU A 632 11.48 -10.93 23.14
CA LEU A 632 12.36 -9.91 22.53
C LEU A 632 11.62 -8.58 22.34
N CYS A 633 10.34 -8.68 22.01
CA CYS A 633 9.46 -7.54 21.80
C CYS A 633 9.31 -6.80 23.13
N VAL A 634 8.96 -7.55 24.16
CA VAL A 634 8.78 -6.98 25.48
C VAL A 634 10.04 -6.26 25.91
N ALA A 635 11.18 -6.87 25.67
CA ALA A 635 12.43 -6.19 26.03
C ALA A 635 12.71 -4.96 25.17
N VAL A 636 12.42 -5.02 23.88
CA VAL A 636 12.62 -3.86 23.01
C VAL A 636 11.59 -2.76 23.26
N ARG A 637 10.38 -3.17 23.62
CA ARG A 637 9.34 -2.22 23.96
C ARG A 637 9.74 -1.31 25.12
N ASP A 638 10.48 -1.82 26.08
CA ASP A 638 10.85 -0.97 27.22
C ASP A 638 11.65 0.26 26.78
N GLN A 639 12.40 0.13 25.68
CA GLN A 639 13.31 1.18 25.19
C GLN A 639 12.88 1.86 23.87
N VAL A 640 11.64 1.71 23.43
CA VAL A 640 11.27 2.18 22.09
C VAL A 640 11.56 3.63 21.85
N ILE A 641 11.34 4.45 22.88
CA ILE A 641 11.57 5.87 22.81
C ILE A 641 13.04 6.17 22.60
N GLY A 642 13.91 5.42 23.24
CA GLY A 642 15.32 5.60 23.01
C GLY A 642 15.78 5.29 21.60
N LEU A 643 15.35 4.18 21.03
CA LEU A 643 15.74 3.79 19.67
C LEU A 643 15.20 4.70 18.54
N THR A 644 13.94 5.04 18.71
CA THR A 644 13.30 6.00 17.86
C THR A 644 13.94 7.38 18.01
N ASP A 645 14.30 7.75 19.24
CA ASP A 645 14.96 9.01 19.52
C ASP A 645 16.30 9.01 18.83
N ALA A 646 16.87 7.82 18.81
CA ALA A 646 18.18 7.48 18.28
C ALA A 646 18.25 7.75 16.81
N PHE A 647 17.11 7.74 16.13
CA PHE A 647 17.15 8.21 14.74
C PHE A 647 17.67 9.66 14.49
N GLY A 648 17.39 10.58 15.40
CA GLY A 648 17.93 11.92 15.43
C GLY A 648 17.06 12.93 14.71
N LEU A 649 15.79 12.58 14.45
CA LEU A 649 14.84 13.46 13.74
C LEU A 649 14.18 14.58 14.55
N SER A 650 14.36 15.82 14.10
CA SER A 650 13.63 16.95 14.67
C SER A 650 12.18 16.86 14.24
N ASP A 651 11.34 17.73 14.75
CA ASP A 651 9.90 17.70 14.43
C ASP A 651 9.64 18.10 12.98
N PHE A 652 10.56 18.84 12.39
CA PHE A 652 10.43 19.19 11.02
C PHE A 652 10.41 17.91 10.15
N PHE A 653 11.36 16.99 10.39
CA PHE A 653 11.43 15.75 9.59
C PHE A 653 10.37 14.74 9.99
N ILE A 654 9.83 14.86 11.20
CA ILE A 654 8.64 14.09 11.54
C ILE A 654 7.53 14.51 10.60
N ASN A 655 7.27 15.82 10.61
CA ASN A 655 6.20 16.45 9.87
C ASN A 655 4.83 15.79 10.15
N ALA A 656 4.56 15.51 11.42
CA ALA A 656 3.31 14.86 11.81
C ALA A 656 2.99 15.09 13.30
N PRO A 657 1.88 15.80 13.58
CA PRO A 657 1.56 16.14 14.94
C PRO A 657 1.61 14.95 15.87
N ILE A 658 1.09 13.78 15.47
CA ILE A 658 1.04 12.66 16.43
C ILE A 658 2.39 11.95 16.64
N GLY A 659 3.42 12.46 15.97
CA GLY A 659 4.76 11.95 16.09
C GLY A 659 5.67 12.96 16.74
N SER A 660 5.08 13.95 17.39
CA SER A 660 5.85 14.93 18.14
C SER A 660 6.74 14.34 19.24
N TYR A 661 7.98 14.86 19.29
CA TYR A 661 8.95 14.48 20.28
C TYR A 661 8.42 14.48 21.70
N ASP A 662 7.73 15.56 22.09
CA ASP A 662 7.26 15.75 23.45
C ASP A 662 5.94 15.05 23.72
N GLY A 663 5.31 14.50 22.66
CA GLY A 663 4.21 13.57 22.85
C GLY A 663 2.87 14.24 23.07
N ASN A 664 2.81 15.56 22.88
CA ASN A 664 1.55 16.29 23.11
C ASN A 664 0.70 16.14 21.87
N VAL A 665 0.35 14.90 21.63
CA VAL A 665 -0.17 14.44 20.34
C VAL A 665 -1.47 15.14 19.98
N TYR A 666 -2.36 15.26 20.96
CA TYR A 666 -3.73 15.67 20.73
C TYR A 666 -3.83 17.18 20.60
N GLU A 667 -3.07 17.90 21.41
CA GLU A 667 -3.02 19.33 21.30
C GLU A 667 -2.48 19.72 19.92
N LYS A 668 -1.34 19.14 19.55
CA LYS A 668 -0.70 19.49 18.28
C LYS A 668 -1.50 19.07 17.08
N TYR A 669 -2.15 17.92 17.16
CA TYR A 669 -3.01 17.41 16.08
C TYR A 669 -4.21 18.31 15.89
N PHE A 670 -4.85 18.67 16.97
CA PHE A 670 -5.97 19.62 16.87
C PHE A 670 -5.47 21.00 16.34
N ALA A 671 -4.25 21.40 16.69
CA ALA A 671 -3.75 22.70 16.31
C ALA A 671 -3.44 22.70 14.84
N LYS A 672 -2.69 21.69 14.36
CA LYS A 672 -2.40 21.55 12.92
C LYS A 672 -3.68 21.60 12.08
N VAL A 673 -4.69 20.81 12.44
CA VAL A 673 -5.96 20.78 11.71
C VAL A 673 -6.66 22.15 11.63
N ASN A 674 -6.69 22.87 12.75
CA ASN A 674 -7.33 24.17 12.82
C ASN A 674 -6.52 25.26 12.11
N GLN A 675 -5.19 25.24 12.27
CA GLN A 675 -4.31 26.15 11.58
C GLN A 675 -4.44 25.98 10.02
N GLN A 676 -4.46 24.76 9.55
CA GLN A 676 -4.61 24.56 8.11
C GLN A 676 -6.04 24.77 7.60
N ASN A 677 -7.02 24.67 8.51
CA ASN A 677 -8.41 24.82 8.12
C ASN A 677 -9.12 25.71 9.14
N PRO A 678 -8.80 27.02 9.15
CA PRO A 678 -9.57 27.88 10.08
C PRO A 678 -11.08 27.62 9.91
N ALA A 679 -11.81 27.54 11.02
CA ALA A 679 -13.21 27.12 10.97
C ALA A 679 -14.22 28.26 11.19
N THR A 680 -13.83 29.49 10.86
CA THR A 680 -14.71 30.61 11.19
C THR A 680 -15.96 30.66 10.31
N ASN A 681 -15.89 30.11 9.08
CA ASN A 681 -17.08 29.97 8.24
C ASN A 681 -17.66 28.55 8.32
N PRO A 682 -18.93 28.41 8.73
CA PRO A 682 -19.54 27.09 8.82
C PRO A 682 -20.17 26.61 7.49
N ARG A 683 -20.20 27.47 6.47
CA ARG A 683 -20.71 27.14 5.13
C ARG A 683 -19.56 26.77 4.22
N PRO A 684 -19.84 25.95 3.20
CA PRO A 684 -18.81 25.67 2.21
C PRO A 684 -18.79 26.73 1.09
N PRO A 685 -17.72 26.77 0.31
CA PRO A 685 -17.69 27.69 -0.85
C PRO A 685 -18.81 27.41 -1.87
N TYR A 686 -19.36 26.20 -1.88
CA TYR A 686 -20.45 25.84 -2.79
C TYR A 686 -21.82 25.92 -2.06
N TYR A 687 -21.91 26.72 -0.99
CA TYR A 687 -23.19 26.87 -0.31
C TYR A 687 -24.29 27.39 -1.25
N GLU A 688 -24.09 28.60 -1.74
CA GLU A 688 -25.10 29.32 -2.53
C GLU A 688 -25.37 28.66 -3.85
N SER A 689 -24.35 28.05 -4.44
CA SER A 689 -24.52 27.45 -5.76
C SER A 689 -25.02 25.97 -5.74
N THR A 690 -24.71 25.22 -4.68
CA THR A 690 -24.94 23.78 -4.71
C THR A 690 -25.76 23.26 -3.53
N LEU A 691 -25.28 23.50 -2.30
CA LEU A 691 -25.93 22.93 -1.08
C LEU A 691 -27.29 23.55 -0.70
N LYS A 692 -27.34 24.87 -0.51
CA LYS A 692 -28.63 25.54 -0.30
C LYS A 692 -29.66 25.21 -1.41
N PRO A 693 -29.33 25.47 -2.69
CA PRO A 693 -30.34 25.12 -3.71
C PRO A 693 -30.89 23.68 -3.58
N PHE A 694 -30.01 22.72 -3.37
CA PHE A 694 -30.38 21.32 -3.12
C PHE A 694 -31.31 21.11 -1.92
N LEU A 695 -30.82 21.46 -0.73
CA LEU A 695 -31.57 21.29 0.51
C LEU A 695 -32.92 22.05 0.55
N PHE A 696 -33.02 23.14 -0.21
CA PHE A 696 -34.22 23.98 -0.27
C PHE A 696 -34.92 23.87 -1.63
N ARG A 697 -34.73 22.73 -2.27
CA ARG A 697 -35.32 22.51 -3.57
C ARG A 697 -36.84 22.38 -3.42
N GLU A 698 -37.58 22.95 -4.39
CA GLU A 698 -39.06 22.91 -4.36
C GLU A 698 -39.57 21.50 -4.68
N GLU A 699 -40.87 21.28 -4.47
CA GLU A 699 -41.47 19.97 -4.64
C GLU A 699 -41.72 19.67 -6.11
N GLU A 700 -41.42 18.43 -6.50
CA GLU A 700 -41.65 17.95 -7.87
C GLU A 700 -43.14 17.67 -8.03
N ASP A 701 -43.78 18.31 -9.01
CA ASP A 701 -45.22 18.11 -9.22
C ASP A 701 -45.53 16.97 -10.20
N ASP A 702 -45.92 15.83 -9.63
CA ASP A 702 -46.46 14.70 -10.40
C ASP A 702 -47.99 14.84 -10.57
N GLU A 703 -48.50 16.07 -10.62
CA GLU A 703 -49.88 16.31 -10.97
C GLU A 703 -50.09 15.80 -12.38
N ILE A 704 -51.03 14.88 -12.54
CA ILE A 704 -51.18 14.15 -13.80
C ILE A 704 -52.04 14.94 -14.79
N CYS A 705 -51.76 14.70 -16.07
CA CYS A 705 -52.51 15.27 -17.20
C CYS A 705 -53.97 14.80 -17.22
N ASP A 706 -54.83 15.60 -17.85
CA ASP A 706 -56.26 15.26 -18.01
C ASP A 706 -56.45 14.40 -19.26
N LEU A 707 -57.38 13.45 -19.19
CA LEU A 707 -57.67 12.57 -20.31
C LEU A 707 -59.07 11.89 -20.19
N ASP A 708 -59.79 11.82 -21.32
CA ASP A 708 -61.03 11.04 -21.44
C ASP A 708 -60.76 9.66 -22.10
N THR B 22 3.17 -5.06 -40.28
CA THR B 22 1.74 -5.43 -40.24
C THR B 22 1.09 -4.93 -38.96
N THR B 23 1.77 -5.10 -37.83
CA THR B 23 1.34 -4.50 -36.56
C THR B 23 2.59 -4.08 -35.81
N ASN B 24 2.52 -2.94 -35.11
CA ASN B 24 3.61 -2.50 -34.22
C ASN B 24 3.14 -2.40 -32.74
N THR B 25 4.03 -2.08 -31.83
CA THR B 25 3.76 -2.04 -30.41
C THR B 25 2.52 -1.22 -30.09
N PHE B 26 2.37 -0.10 -30.78
CA PHE B 26 1.26 0.77 -30.62
C PHE B 26 -0.05 0.13 -31.09
N THR B 27 -0.03 -0.59 -32.22
CA THR B 27 -1.27 -1.09 -32.83
C THR B 27 -1.57 -2.56 -32.55
N ASP B 28 -0.62 -3.28 -32.00
CA ASP B 28 -0.79 -4.70 -31.64
C ASP B 28 -1.88 -5.02 -30.60
N PRO B 29 -2.07 -4.16 -29.60
CA PRO B 29 -2.91 -4.54 -28.50
C PRO B 29 -4.36 -4.91 -28.78
N PRO B 30 -5.09 -4.07 -29.57
CA PRO B 30 -6.52 -4.38 -29.84
C PRO B 30 -6.68 -5.66 -30.62
N VAL B 31 -5.66 -6.02 -31.37
CA VAL B 31 -5.68 -7.25 -32.14
C VAL B 31 -5.57 -8.43 -31.20
N GLU B 32 -4.52 -8.39 -30.37
CA GLU B 32 -4.28 -9.39 -29.34
C GLU B 32 -5.45 -9.57 -28.37
N MET B 33 -6.04 -8.49 -27.93
CA MET B 33 -7.23 -8.60 -27.10
C MET B 33 -8.34 -9.33 -27.83
N ALA B 34 -8.41 -9.18 -29.15
CA ALA B 34 -9.39 -9.91 -29.97
C ALA B 34 -9.16 -11.44 -30.02
N LYS B 35 -7.91 -11.90 -30.07
CA LYS B 35 -7.63 -13.35 -30.02
C LYS B 35 -7.99 -14.01 -28.67
N GLU B 36 -7.74 -13.27 -27.59
CA GLU B 36 -8.00 -13.71 -26.23
C GLU B 36 -9.50 -13.81 -25.97
N ARG B 37 -10.26 -12.78 -26.31
CA ARG B 37 -11.73 -12.89 -26.21
C ARG B 37 -12.20 -14.02 -27.11
N GLY B 38 -11.38 -14.35 -28.12
CA GLY B 38 -11.59 -15.49 -28.98
C GLY B 38 -11.34 -16.83 -28.33
N LYS B 39 -10.59 -16.88 -27.24
CA LYS B 39 -10.30 -18.17 -26.62
C LYS B 39 -11.45 -18.67 -25.73
N THR B 40 -12.36 -17.76 -25.37
CA THR B 40 -13.41 -17.99 -24.40
C THR B 40 -14.39 -19.12 -24.77
N GLN B 41 -14.45 -20.16 -23.93
CA GLN B 41 -15.18 -21.42 -24.20
C GLN B 41 -16.57 -21.50 -23.59
N PHE B 42 -17.00 -20.45 -22.92
CA PHE B 42 -18.28 -20.40 -22.25
C PHE B 42 -19.01 -19.10 -22.58
N THR B 43 -20.26 -19.01 -22.16
CA THR B 43 -21.06 -17.80 -22.28
C THR B 43 -20.81 -16.92 -21.05
N VAL B 44 -20.24 -15.73 -21.28
CA VAL B 44 -19.79 -14.86 -20.19
C VAL B 44 -20.91 -14.60 -19.20
N ARG B 45 -22.03 -14.12 -19.73
CA ARG B 45 -23.22 -13.80 -18.91
C ARG B 45 -23.69 -14.90 -17.94
N ASP B 46 -23.39 -16.16 -18.24
CA ASP B 46 -23.66 -17.24 -17.31
C ASP B 46 -22.82 -17.11 -16.06
N VAL B 47 -21.54 -16.78 -16.24
CA VAL B 47 -20.67 -16.51 -15.08
C VAL B 47 -21.12 -15.23 -14.34
N THR B 48 -21.62 -14.26 -15.09
CA THR B 48 -22.19 -13.04 -14.50
C THR B 48 -23.43 -13.34 -13.67
N ASN B 49 -24.27 -14.26 -14.14
CA ASN B 49 -25.48 -14.64 -13.38
C ASN B 49 -25.12 -15.48 -12.17
N PHE B 50 -24.11 -16.33 -12.35
CA PHE B 50 -23.57 -17.09 -11.23
C PHE B 50 -23.00 -16.18 -10.10
N LEU B 51 -22.28 -15.14 -10.49
CA LEU B 51 -21.71 -14.23 -9.51
C LEU B 51 -22.80 -13.47 -8.80
N ASN B 52 -23.65 -12.82 -9.60
CA ASN B 52 -24.64 -11.90 -9.07
C ASN B 52 -25.85 -12.62 -8.46
N GLY B 53 -25.93 -13.94 -8.66
CA GLY B 53 -27.01 -14.76 -8.09
C GLY B 53 -28.28 -14.93 -8.94
N GLY B 54 -28.13 -14.88 -10.27
CA GLY B 54 -29.20 -15.24 -11.20
C GLY B 54 -29.51 -14.17 -12.24
N GLU B 55 -30.23 -14.55 -13.28
CA GLU B 55 -30.61 -13.61 -14.35
C GLU B 55 -31.30 -12.35 -13.83
N GLU B 56 -32.22 -12.52 -12.88
CA GLU B 56 -33.03 -11.40 -12.35
C GLU B 56 -32.13 -10.29 -11.81
N GLU B 57 -31.11 -10.66 -11.05
CA GLU B 57 -30.22 -9.71 -10.37
C GLU B 57 -29.21 -9.03 -11.30
N THR B 58 -28.63 -9.78 -12.24
CA THR B 58 -27.77 -9.19 -13.26
C THR B 58 -28.48 -8.09 -14.04
N GLN B 59 -29.78 -8.24 -14.25
CA GLN B 59 -30.56 -7.17 -14.81
C GLN B 59 -30.86 -6.11 -13.76
N ILE B 60 -30.89 -6.48 -12.49
CA ILE B 60 -31.02 -5.48 -11.43
C ILE B 60 -29.77 -4.59 -11.44
N VAL B 61 -28.58 -5.20 -11.39
CA VAL B 61 -27.38 -4.40 -11.32
C VAL B 61 -27.11 -3.65 -12.63
N GLU B 62 -27.62 -4.14 -13.75
CA GLU B 62 -27.39 -3.44 -15.04
C GLU B 62 -28.26 -2.19 -15.23
N LYS B 63 -29.47 -2.18 -14.69
CA LYS B 63 -30.23 -0.93 -14.62
C LYS B 63 -29.56 0.07 -13.67
N ILE B 64 -29.06 -0.42 -12.53
CA ILE B 64 -28.34 0.44 -11.59
C ILE B 64 -27.18 1.13 -12.31
N MET B 65 -26.31 0.31 -12.92
CA MET B 65 -25.08 0.77 -13.59
C MET B 65 -25.33 1.79 -14.69
N SER B 66 -26.44 1.61 -15.44
CA SER B 66 -26.73 2.50 -16.57
C SER B 66 -27.14 3.88 -16.06
N SER B 67 -27.81 3.92 -14.92
CA SER B 67 -28.21 5.18 -14.32
C SER B 67 -27.00 5.98 -13.99
N ILE B 68 -26.07 5.30 -13.35
CA ILE B 68 -24.85 5.91 -12.89
C ILE B 68 -24.05 6.42 -14.09
N GLU B 69 -23.86 5.60 -15.11
CA GLU B 69 -22.88 5.93 -16.16
C GLU B 69 -23.36 6.96 -17.20
N ARG B 70 -24.65 6.96 -17.45
CA ARG B 70 -25.28 7.96 -18.28
C ARG B 70 -25.34 9.36 -17.68
N ASP B 71 -25.60 9.44 -16.38
CA ASP B 71 -25.90 10.72 -15.77
C ASP B 71 -24.69 11.63 -15.90
N PRO B 72 -24.86 12.78 -16.51
CA PRO B 72 -23.73 13.69 -16.71
C PRO B 72 -23.11 14.17 -15.40
N VAL B 73 -23.92 14.43 -14.39
CA VAL B 73 -23.41 14.94 -13.12
C VAL B 73 -22.43 13.96 -12.50
N LEU B 74 -22.73 12.68 -12.62
CA LEU B 74 -21.95 11.63 -11.98
C LEU B 74 -20.70 11.20 -12.73
N SER B 75 -20.46 11.76 -13.90
CA SER B 75 -19.30 11.37 -14.72
C SER B 75 -17.99 11.43 -13.93
N VAL B 76 -17.12 10.44 -14.15
CA VAL B 76 -15.85 10.36 -13.43
C VAL B 76 -14.61 10.65 -14.27
N THR B 77 -14.81 10.86 -15.58
CA THR B 77 -13.71 11.20 -16.52
C THR B 77 -12.64 12.08 -15.87
N ALA B 78 -13.04 13.18 -15.24
CA ALA B 78 -12.07 14.14 -14.73
C ALA B 78 -11.76 14.04 -13.21
N ASP B 79 -12.27 13.03 -12.51
CA ASP B 79 -12.08 12.99 -11.03
C ASP B 79 -10.59 12.90 -10.61
N TYR B 80 -9.80 12.24 -11.40
CA TYR B 80 -8.41 12.07 -11.05
C TYR B 80 -7.58 13.40 -11.01
N ASP B 81 -7.97 14.43 -11.79
CA ASP B 81 -7.29 15.74 -11.79
C ASP B 81 -7.84 16.76 -10.77
N CYS B 82 -9.02 16.49 -10.21
CA CYS B 82 -9.60 17.36 -9.19
C CYS B 82 -8.70 17.60 -8.02
N ASN B 83 -8.66 18.83 -7.53
CA ASN B 83 -8.03 19.14 -6.23
C ASN B 83 -9.07 19.05 -5.13
N LEU B 84 -8.69 19.25 -3.87
CA LEU B 84 -9.63 19.00 -2.76
C LEU B 84 -10.93 19.81 -2.86
N GLN B 85 -10.84 21.07 -3.28
CA GLN B 85 -12.02 21.93 -3.34
C GLN B 85 -12.99 21.41 -4.36
N GLN B 86 -12.48 21.08 -5.53
CA GLN B 86 -13.30 20.60 -6.62
C GLN B 86 -14.00 19.31 -6.27
N ALA B 87 -13.28 18.43 -5.62
CA ALA B 87 -13.86 17.16 -5.24
C ALA B 87 -15.04 17.36 -4.30
N ARG B 88 -14.91 18.24 -3.32
CA ARG B 88 -15.99 18.41 -2.36
C ARG B 88 -17.26 18.89 -3.02
N LYS B 89 -17.10 19.90 -3.87
CA LYS B 89 -18.21 20.50 -4.56
C LYS B 89 -18.84 19.49 -5.50
N GLN B 90 -18.00 18.74 -6.20
CA GLN B 90 -18.53 17.75 -7.10
C GLN B 90 -19.28 16.66 -6.38
N THR B 91 -18.76 16.25 -5.23
CA THR B 91 -19.40 15.21 -4.45
C THR B 91 -20.75 15.72 -4.03
N MET B 92 -20.83 16.98 -3.64
CA MET B 92 -22.11 17.55 -3.22
C MET B 92 -23.11 17.56 -4.36
N GLU B 93 -22.65 17.93 -5.54
CA GLU B 93 -23.52 17.91 -6.70
C GLU B 93 -24.02 16.50 -6.98
N ARG B 94 -23.13 15.55 -6.84
CA ARG B 94 -23.46 14.15 -7.06
C ARG B 94 -24.47 13.62 -6.07
N VAL B 95 -24.34 14.03 -4.81
CA VAL B 95 -25.28 13.65 -3.79
C VAL B 95 -26.64 14.22 -4.14
N ALA B 96 -26.67 15.45 -4.62
CA ALA B 96 -27.95 16.02 -5.02
C ALA B 96 -28.58 15.23 -6.17
N ALA B 97 -27.74 14.79 -7.10
CA ALA B 97 -28.17 13.99 -8.24
C ALA B 97 -28.77 12.64 -7.84
N LEU B 98 -28.25 12.05 -6.79
CA LEU B 98 -28.60 10.71 -6.33
C LEU B 98 -29.79 10.69 -5.39
N SER B 99 -30.25 11.87 -4.97
CA SER B 99 -31.25 11.96 -3.91
C SER B 99 -32.64 11.42 -4.28
N PRO B 100 -33.09 11.59 -5.53
CA PRO B 100 -34.41 11.01 -5.84
C PRO B 100 -34.46 9.51 -5.60
N TYR B 101 -33.37 8.79 -5.76
CA TYR B 101 -33.40 7.35 -5.50
C TYR B 101 -33.54 6.99 -3.99
N LEU B 102 -33.50 7.97 -3.10
CA LEU B 102 -33.70 7.73 -1.66
C LEU B 102 -35.14 7.39 -1.33
N VAL B 103 -36.08 7.95 -2.09
CA VAL B 103 -37.50 7.62 -1.94
C VAL B 103 -37.81 6.28 -2.63
N THR B 104 -37.28 6.09 -3.83
CA THR B 104 -37.54 4.92 -4.67
C THR B 104 -36.95 3.63 -4.10
N ASP B 105 -35.67 3.68 -3.77
CA ASP B 105 -34.90 2.48 -3.44
C ASP B 105 -35.38 1.74 -2.20
N THR B 106 -35.54 0.43 -2.33
CA THR B 106 -35.62 -0.46 -1.17
C THR B 106 -34.25 -0.60 -0.52
N GLU B 107 -34.18 -1.21 0.66
CA GLU B 107 -32.91 -1.43 1.36
C GLU B 107 -31.90 -2.14 0.47
N LYS B 108 -32.34 -3.18 -0.25
CA LYS B 108 -31.44 -3.91 -1.13
C LYS B 108 -30.89 -3.00 -2.22
N LEU B 109 -31.77 -2.25 -2.90
CA LEU B 109 -31.34 -1.43 -4.03
C LEU B 109 -30.50 -0.26 -3.58
N SER B 110 -30.94 0.43 -2.53
CA SER B 110 -30.18 1.54 -1.96
C SER B 110 -28.76 1.06 -1.73
N LEU B 111 -28.62 -0.06 -1.02
CA LEU B 111 -27.31 -0.60 -0.71
C LEU B 111 -26.54 -1.01 -1.98
N TRP B 112 -27.21 -1.69 -2.88
CA TRP B 112 -26.57 -2.08 -4.14
C TRP B 112 -26.06 -0.90 -4.98
N ARG B 113 -26.90 0.12 -5.12
CA ARG B 113 -26.52 1.35 -5.80
C ARG B 113 -25.23 1.86 -5.20
N ALA B 114 -25.20 1.96 -3.87
CA ALA B 114 -24.01 2.39 -3.14
C ALA B 114 -22.76 1.58 -3.54
N GLN B 115 -22.84 0.26 -3.47
CA GLN B 115 -21.67 -0.61 -3.63
C GLN B 115 -21.10 -0.52 -5.02
N LEU B 116 -21.98 -0.46 -6.01
CA LEU B 116 -21.60 -0.37 -7.40
C LEU B 116 -21.02 0.96 -7.76
N HIS B 117 -21.64 2.04 -7.30
CA HIS B 117 -21.10 3.40 -7.44
C HIS B 117 -19.78 3.51 -6.69
N GLY B 118 -19.63 2.72 -5.62
CA GLY B 118 -18.42 2.69 -4.82
C GLY B 118 -17.23 2.06 -5.51
N MET B 119 -17.41 1.52 -6.71
CA MET B 119 -16.25 1.05 -7.46
C MET B 119 -15.44 2.20 -8.03
N VAL B 120 -16.11 3.27 -8.49
CA VAL B 120 -15.41 4.41 -9.11
C VAL B 120 -15.45 5.70 -8.30
N ASP B 121 -16.40 5.82 -7.38
CA ASP B 121 -16.52 7.04 -6.66
C ASP B 121 -16.82 6.83 -5.20
N MET B 122 -15.81 6.46 -4.45
CA MET B 122 -16.00 6.24 -3.03
C MET B 122 -16.24 7.50 -2.19
N SER B 123 -15.96 8.69 -2.72
CA SER B 123 -16.29 9.92 -1.98
C SER B 123 -17.80 10.13 -1.89
N THR B 124 -18.50 10.02 -3.02
CA THR B 124 -19.94 10.26 -3.05
C THR B 124 -20.71 9.18 -2.30
N ARG B 125 -20.36 7.93 -2.56
CA ARG B 125 -20.92 6.83 -1.79
C ARG B 125 -20.94 7.23 -0.31
N THR B 126 -19.83 7.69 0.21
CA THR B 126 -19.74 7.98 1.63
C THR B 126 -20.47 9.24 2.05
N ARG B 127 -20.38 10.29 1.26
CA ARG B 127 -21.06 11.52 1.60
C ARG B 127 -22.58 11.34 1.64
N LEU B 128 -23.08 10.45 0.82
CA LEU B 128 -24.50 10.06 0.83
C LEU B 128 -24.81 9.02 1.90
N SER B 129 -23.91 8.07 2.11
CA SER B 129 -24.15 6.97 3.04
C SER B 129 -24.21 7.42 4.51
N ILE B 130 -23.55 8.53 4.80
CA ILE B 130 -23.43 9.08 6.15
C ILE B 130 -24.82 9.45 6.66
N HIS B 131 -25.67 9.92 5.75
CA HIS B 131 -27.01 10.29 6.11
C HIS B 131 -27.98 9.10 5.94
N ASN B 132 -28.10 8.66 4.71
CA ASN B 132 -29.15 7.70 4.36
C ASN B 132 -28.86 6.28 4.87
N ASN B 133 -27.61 5.93 5.10
CA ASN B 133 -27.31 4.70 5.81
C ASN B 133 -27.05 4.84 7.33
N LEU B 134 -26.26 5.81 7.77
CA LEU B 134 -25.90 5.85 9.19
C LEU B 134 -26.86 6.68 10.08
N PHE B 135 -27.24 7.86 9.63
CA PHE B 135 -28.15 8.68 10.41
C PHE B 135 -29.54 8.08 10.46
N ILE B 136 -30.11 7.87 9.28
CA ILE B 136 -31.39 7.19 9.11
C ILE B 136 -31.30 5.77 9.66
N GLY B 137 -30.34 4.98 9.21
CA GLY B 137 -30.16 3.67 9.81
C GLY B 137 -30.42 3.75 11.30
N SER B 138 -29.80 4.73 11.98
CA SER B 138 -29.84 4.80 13.45
C SER B 138 -31.12 5.35 14.08
N ILE B 139 -31.77 6.31 13.45
CA ILE B 139 -32.99 6.81 14.05
C ILE B 139 -34.22 5.96 13.72
N ARG B 140 -34.11 5.11 12.69
CA ARG B 140 -35.07 4.05 12.47
C ARG B 140 -34.80 2.93 13.45
N GLY B 141 -33.52 2.62 13.63
CA GLY B 141 -33.11 1.46 14.44
C GLY B 141 -33.29 1.63 15.93
N SER B 142 -32.92 2.79 16.45
CA SER B 142 -32.97 3.09 17.89
C SER B 142 -34.12 4.01 18.31
N GLY B 143 -34.86 4.58 17.37
CA GLY B 143 -36.02 5.41 17.71
C GLY B 143 -37.35 4.66 17.75
N THR B 144 -38.25 5.09 18.64
CA THR B 144 -39.61 4.57 18.66
C THR B 144 -40.36 5.05 17.39
N PRO B 145 -41.41 4.32 16.99
CA PRO B 145 -42.11 4.62 15.73
C PRO B 145 -42.64 6.04 15.64
N GLU B 146 -42.99 6.62 16.78
CA GLU B 146 -43.42 8.02 16.83
C GLU B 146 -42.28 8.99 16.47
N GLN B 147 -41.06 8.60 16.85
CA GLN B 147 -39.88 9.43 16.68
C GLN B 147 -39.46 9.41 15.24
N PHE B 148 -39.24 8.22 14.73
CA PHE B 148 -38.86 8.05 13.34
C PHE B 148 -39.80 8.86 12.47
N LYS B 149 -41.10 8.67 12.71
CA LYS B 149 -42.17 9.43 12.03
C LYS B 149 -41.98 10.95 12.10
N TYR B 150 -41.54 11.44 13.25
CA TYR B 150 -41.38 12.87 13.44
C TYR B 150 -40.24 13.44 12.60
N TRP B 151 -39.10 12.75 12.61
CA TRP B 151 -37.93 13.25 11.91
C TRP B 151 -38.18 13.22 10.43
N VAL B 152 -38.89 12.18 9.98
CA VAL B 152 -39.40 12.12 8.60
C VAL B 152 -40.20 13.38 8.24
N LYS B 153 -41.12 13.78 9.11
CA LYS B 153 -41.92 14.99 8.89
C LYS B 153 -41.02 16.22 8.78
N LYS B 154 -39.91 16.20 9.52
CA LYS B 154 -38.97 17.33 9.49
C LYS B 154 -38.21 17.44 8.17
N GLY B 155 -38.16 16.33 7.41
CA GLY B 155 -37.43 16.27 6.14
C GLY B 155 -36.35 15.20 6.08
N ALA B 156 -36.16 14.44 7.16
CA ALA B 156 -35.05 13.49 7.25
C ALA B 156 -34.81 12.65 6.02
N VAL B 157 -35.79 11.84 5.64
CA VAL B 157 -35.59 10.84 4.57
C VAL B 157 -35.52 11.50 3.20
N ALA B 158 -36.45 12.41 2.97
CA ALA B 158 -36.50 13.19 1.74
C ALA B 158 -35.24 14.06 1.55
N VAL B 159 -34.57 14.39 2.65
CA VAL B 159 -33.42 15.27 2.61
C VAL B 159 -33.87 16.65 2.12
N LYS B 160 -34.92 17.16 2.75
CA LYS B 160 -35.34 18.52 2.47
C LYS B 160 -35.07 19.33 3.72
N GLN B 161 -34.19 20.31 3.61
CA GLN B 161 -33.91 21.18 4.73
C GLN B 161 -33.34 20.35 5.86
N PHE B 162 -32.96 19.12 5.56
CA PHE B 162 -32.43 18.21 6.54
C PHE B 162 -31.31 17.42 5.90
N TYR B 163 -30.15 17.42 6.53
CA TYR B 163 -29.12 16.48 6.21
C TYR B 163 -28.58 15.99 7.53
N GLY B 164 -28.32 14.70 7.66
CA GLY B 164 -27.93 14.17 8.95
C GLY B 164 -26.51 13.71 8.89
N CYS B 165 -26.03 13.19 10.01
CA CYS B 165 -24.70 12.58 10.08
C CYS B 165 -24.71 11.76 11.34
N PHE B 166 -23.59 11.11 11.65
CA PHE B 166 -23.53 10.04 12.64
C PHE B 166 -22.29 10.32 13.44
N ALA B 167 -22.49 10.96 14.58
CA ALA B 167 -21.40 11.40 15.43
C ALA B 167 -21.11 10.43 16.56
N MET B 168 -20.35 9.39 16.28
CA MET B 168 -19.96 8.48 17.34
C MET B 168 -18.54 8.68 17.84
N THR B 169 -17.60 8.76 16.90
CA THR B 169 -16.19 8.67 17.22
C THR B 169 -15.64 9.93 17.83
N GLU B 170 -14.68 9.76 18.71
CA GLU B 170 -14.04 10.86 19.39
C GLU B 170 -12.55 10.81 19.13
N LEU B 171 -11.91 11.97 19.24
CA LEU B 171 -10.49 12.09 19.02
C LEU B 171 -9.79 11.04 19.87
N GLY B 172 -10.24 10.85 21.11
CA GLY B 172 -9.61 9.90 22.03
C GLY B 172 -10.17 8.48 22.03
N HIS B 173 -11.36 8.28 21.46
CA HIS B 173 -11.95 6.95 21.41
C HIS B 173 -12.59 6.61 20.09
N GLY B 174 -12.17 5.53 19.46
CA GLY B 174 -12.82 5.04 18.27
C GLY B 174 -13.34 3.63 18.40
N SER B 175 -12.42 2.70 18.69
CA SER B 175 -12.74 1.30 18.90
C SER B 175 -13.61 1.03 20.13
N ASN B 176 -13.31 1.71 21.23
CA ASN B 176 -14.01 1.51 22.48
C ASN B 176 -15.20 2.41 22.64
N LEU B 177 -16.34 1.99 22.14
CA LEU B 177 -17.61 2.72 22.37
C LEU B 177 -17.87 2.95 23.86
N LYS B 178 -17.56 1.96 24.70
CA LYS B 178 -17.86 2.08 26.12
C LYS B 178 -17.06 3.19 26.78
N GLY B 179 -15.93 3.55 26.16
CA GLY B 179 -15.02 4.58 26.65
C GLY B 179 -15.31 6.03 26.27
N LEU B 180 -16.30 6.27 25.42
CA LEU B 180 -16.70 7.65 25.05
C LEU B 180 -16.91 8.59 26.24
N GLU B 181 -16.52 9.85 26.06
CA GLU B 181 -16.51 10.83 27.14
C GLU B 181 -17.47 11.99 26.90
N THR B 182 -18.08 12.08 25.71
CA THR B 182 -19.12 13.10 25.57
C THR B 182 -20.20 12.77 26.62
N THR B 183 -20.83 13.79 27.20
CA THR B 183 -21.92 13.55 28.16
C THR B 183 -23.25 14.19 27.77
N ALA B 184 -24.31 13.51 28.22
CA ALA B 184 -25.69 13.98 28.11
C ALA B 184 -26.35 13.87 29.50
N THR B 185 -26.67 15.03 30.08
CA THR B 185 -27.04 15.09 31.48
C THR B 185 -28.49 15.54 31.51
N TYR B 186 -29.30 14.89 32.36
CA TYR B 186 -30.74 15.21 32.40
C TYR B 186 -31.00 16.41 33.28
N ASP B 187 -31.70 17.40 32.72
CA ASP B 187 -32.18 18.55 33.49
C ASP B 187 -33.72 18.57 33.52
N GLN B 188 -34.24 18.14 34.66
CA GLN B 188 -35.68 18.02 34.90
C GLN B 188 -36.40 19.37 34.90
N ASP B 189 -35.78 20.40 35.48
CA ASP B 189 -36.41 21.72 35.53
C ASP B 189 -36.76 22.24 34.14
N SER B 190 -35.97 21.86 33.14
CA SER B 190 -36.22 22.24 31.75
C SER B 190 -36.83 21.10 30.93
N ASP B 191 -36.67 19.87 31.43
CA ASP B 191 -37.01 18.67 30.68
C ASP B 191 -36.25 18.68 29.36
N GLN B 192 -34.93 18.73 29.49
CA GLN B 192 -33.99 18.73 28.38
C GLN B 192 -32.80 17.84 28.69
N PHE B 193 -32.03 17.50 27.67
CA PHE B 193 -30.68 16.98 27.87
C PHE B 193 -29.67 18.08 27.63
N ILE B 194 -28.55 18.01 28.35
CA ILE B 194 -27.45 18.96 28.25
C ILE B 194 -26.26 18.21 27.67
N ILE B 195 -25.93 18.50 26.44
CA ILE B 195 -24.87 17.76 25.75
C ILE B 195 -23.54 18.47 25.92
N ASN B 196 -22.52 17.75 26.37
CA ASN B 196 -21.26 18.42 26.69
C ASN B 196 -20.07 17.57 26.33
N THR B 197 -19.09 18.23 25.71
CA THR B 197 -17.78 17.66 25.48
C THR B 197 -16.87 18.18 26.60
N PRO B 198 -16.48 17.32 27.53
CA PRO B 198 -15.80 17.84 28.73
C PRO B 198 -14.43 18.45 28.47
N HIS B 199 -13.76 18.02 27.41
CA HIS B 199 -12.40 18.51 27.04
C HIS B 199 -12.10 18.13 25.57
N ILE B 200 -10.93 18.47 25.05
CA ILE B 200 -10.74 18.34 23.59
C ILE B 200 -10.55 16.89 23.10
N GLY B 201 -9.94 16.05 23.96
CA GLY B 201 -10.04 14.60 23.82
C GLY B 201 -11.41 14.01 23.51
N ALA B 202 -12.49 14.66 23.95
CA ALA B 202 -13.83 14.16 23.68
C ALA B 202 -14.44 14.71 22.37
N THR B 203 -13.72 15.65 21.75
CA THR B 203 -14.16 16.27 20.54
C THR B 203 -14.58 15.16 19.56
N LYS B 204 -15.78 15.24 19.01
CA LYS B 204 -16.20 14.27 18.01
C LYS B 204 -15.29 14.43 16.81
N TRP B 205 -14.98 13.32 16.16
CA TRP B 205 -13.97 13.33 15.13
C TRP B 205 -14.26 12.32 14.02
N TRP B 206 -13.78 12.65 12.82
CA TRP B 206 -14.05 11.96 11.59
C TRP B 206 -15.54 11.95 11.20
N ILE B 207 -16.35 12.91 11.64
CA ILE B 207 -17.79 12.81 11.31
C ILE B 207 -18.12 13.31 9.90
N GLY B 208 -18.34 12.38 8.98
CA GLY B 208 -18.68 12.74 7.61
C GLY B 208 -19.94 13.58 7.48
N GLY B 209 -19.89 14.61 6.63
CA GLY B 209 -20.99 15.57 6.47
C GLY B 209 -21.07 16.73 7.48
N ALA B 210 -20.38 16.62 8.61
CA ALA B 210 -20.48 17.64 9.64
C ALA B 210 -19.80 18.94 9.27
N ALA B 211 -18.64 18.86 8.63
CA ALA B 211 -17.86 20.05 8.45
C ALA B 211 -18.62 21.08 7.64
N HIS B 212 -19.25 20.66 6.56
CA HIS B 212 -19.97 21.62 5.76
C HIS B 212 -21.40 21.30 5.42
N THR B 213 -21.81 20.06 5.61
CA THR B 213 -23.08 19.63 5.06
C THR B 213 -24.30 19.61 5.98
N SER B 214 -24.13 19.00 7.13
CA SER B 214 -25.20 18.50 7.94
C SER B 214 -25.92 19.55 8.79
N THR B 215 -27.21 19.34 8.95
CA THR B 215 -27.95 20.17 9.88
C THR B 215 -28.27 19.49 11.22
N HIS B 216 -28.18 18.14 11.26
CA HIS B 216 -28.43 17.36 12.46
C HIS B 216 -27.40 16.25 12.55
N CYS B 217 -27.13 15.78 13.76
CA CYS B 217 -26.36 14.56 13.95
C CYS B 217 -27.07 13.59 14.87
N VAL B 218 -26.60 12.35 14.87
CA VAL B 218 -26.93 11.39 15.87
C VAL B 218 -25.72 11.29 16.79
N CYS B 219 -25.82 11.96 17.92
CA CYS B 219 -24.71 12.04 18.83
C CYS B 219 -24.76 10.86 19.75
N PHE B 220 -23.60 10.28 20.03
CA PHE B 220 -23.49 9.16 20.95
C PHE B 220 -22.86 9.69 22.21
N ALA B 221 -23.53 9.49 23.34
CA ALA B 221 -23.19 10.19 24.58
C ALA B 221 -23.52 9.35 25.80
N LYS B 222 -22.85 9.68 26.89
CA LYS B 222 -23.07 9.00 28.13
C LYS B 222 -24.29 9.59 28.75
N LEU B 223 -25.19 8.69 29.16
CA LEU B 223 -26.47 9.05 29.71
C LEU B 223 -26.20 9.33 31.17
N ILE B 224 -26.48 10.55 31.61
CA ILE B 224 -26.37 10.95 33.02
C ILE B 224 -27.67 11.59 33.55
N VAL B 225 -28.16 11.01 34.64
CA VAL B 225 -29.40 11.42 35.26
C VAL B 225 -29.18 11.25 36.75
N HIS B 226 -29.40 12.32 37.52
CA HIS B 226 -29.17 12.29 38.96
C HIS B 226 -27.81 11.70 39.32
N GLY B 227 -26.76 12.12 38.61
CA GLY B 227 -25.39 11.62 38.87
C GLY B 227 -25.17 10.10 38.77
N LYS B 228 -25.80 9.48 37.79
CA LYS B 228 -25.53 8.08 37.46
C LYS B 228 -25.21 7.96 35.98
N ASP B 229 -24.35 7.01 35.65
CA ASP B 229 -24.01 6.71 34.26
C ASP B 229 -24.81 5.47 33.91
N TYR B 230 -25.59 5.57 32.84
CA TYR B 230 -26.43 4.45 32.43
C TYR B 230 -25.93 3.89 31.11
N GLY B 231 -24.66 4.15 30.79
CA GLY B 231 -24.07 3.68 29.55
C GLY B 231 -24.32 4.64 28.42
N THR B 232 -23.99 4.20 27.21
CA THR B 232 -24.05 5.06 26.04
C THR B 232 -25.39 5.01 25.30
N ARG B 233 -25.94 6.17 24.98
CA ARG B 233 -27.18 6.26 24.20
C ARG B 233 -26.95 7.16 23.01
N ASN B 234 -28.00 7.35 22.22
CA ASN B 234 -27.94 8.11 20.99
C ASN B 234 -28.84 9.31 21.15
N PHE B 235 -28.50 10.44 20.56
CA PHE B 235 -29.40 11.60 20.59
C PHE B 235 -29.38 12.37 19.29
N VAL B 236 -30.50 12.94 18.93
CA VAL B 236 -30.55 13.74 17.75
C VAL B 236 -30.21 15.14 18.18
N VAL B 237 -29.00 15.57 17.84
CA VAL B 237 -28.57 16.92 18.09
C VAL B 237 -28.59 17.75 16.79
N PRO B 238 -29.29 18.89 16.81
CA PRO B 238 -29.22 19.81 15.67
C PRO B 238 -27.94 20.58 15.77
N LEU B 239 -27.31 20.83 14.62
CA LEU B 239 -26.01 21.52 14.57
C LEU B 239 -26.14 22.91 13.99
N ARG B 240 -26.92 22.99 12.91
CA ARG B 240 -27.12 24.24 12.19
C ARG B 240 -28.58 24.73 12.16
N ASN B 241 -28.72 26.05 12.24
CA ASN B 241 -29.93 26.73 11.87
C ASN B 241 -30.07 26.59 10.38
N VAL B 242 -31.00 25.72 9.99
CA VAL B 242 -31.25 25.33 8.59
C VAL B 242 -31.21 26.47 7.57
N HIS B 243 -31.78 27.62 7.91
CA HIS B 243 -32.01 28.71 6.96
C HIS B 243 -30.82 29.59 6.60
N ASP B 244 -29.74 29.56 7.37
CA ASP B 244 -28.46 30.19 6.92
C ASP B 244 -27.21 29.32 7.21
N HIS B 245 -27.45 28.11 7.69
CA HIS B 245 -26.45 27.12 7.86
C HIS B 245 -25.43 27.44 8.94
N SER B 246 -25.73 28.43 9.78
CA SER B 246 -24.82 28.83 10.84
C SER B 246 -24.98 27.89 11.98
N LEU B 247 -23.96 27.83 12.83
CA LEU B 247 -23.94 26.91 13.95
C LEU B 247 -24.90 27.37 15.06
N LYS B 248 -25.60 26.39 15.64
CA LYS B 248 -26.43 26.60 16.81
C LYS B 248 -25.55 26.99 17.98
N VAL B 249 -26.12 27.65 18.96
CA VAL B 249 -25.36 28.08 20.12
C VAL B 249 -24.77 26.84 20.82
N GLY B 250 -23.51 26.96 21.24
CA GLY B 250 -22.80 25.85 21.92
C GLY B 250 -22.27 24.74 21.02
N VAL B 251 -22.64 24.72 19.73
CA VAL B 251 -22.04 23.82 18.74
C VAL B 251 -20.84 24.47 18.03
N SER B 252 -19.67 23.89 18.23
CA SER B 252 -18.47 24.22 17.46
C SER B 252 -18.23 23.11 16.44
N ILE B 253 -17.94 23.49 15.21
CA ILE B 253 -17.52 22.53 14.18
C ILE B 253 -16.37 23.08 13.32
N GLY B 254 -15.52 22.16 12.88
CA GLY B 254 -14.46 22.49 11.92
C GLY B 254 -14.23 21.35 10.96
N ASP B 255 -13.45 21.64 9.92
CA ASP B 255 -13.15 20.71 8.85
C ASP B 255 -11.91 19.97 9.29
N ILE B 256 -11.94 18.64 9.31
CA ILE B 256 -10.76 17.83 9.68
C ILE B 256 -9.69 18.07 8.63
N GLY B 257 -10.10 18.28 7.39
CA GLY B 257 -9.17 18.69 6.32
C GLY B 257 -8.72 17.54 5.42
N LYS B 258 -7.50 17.67 4.92
CA LYS B 258 -6.92 16.72 3.98
C LYS B 258 -6.92 15.36 4.62
N LYS B 259 -7.34 14.37 3.84
CA LYS B 259 -7.20 12.99 4.20
C LYS B 259 -6.37 12.24 3.18
N MET B 260 -5.90 11.09 3.61
CA MET B 260 -5.20 10.20 2.72
C MET B 260 -6.03 9.89 1.50
N GLY B 261 -7.36 9.79 1.66
CA GLY B 261 -8.28 9.60 0.53
C GLY B 261 -9.71 10.06 0.82
N ARG B 262 -10.60 9.91 -0.17
CA ARG B 262 -12.00 10.35 -0.09
C ARG B 262 -12.13 11.83 0.23
N ASP B 263 -11.28 12.62 -0.39
CA ASP B 263 -11.24 14.05 -0.09
C ASP B 263 -12.54 14.76 -0.44
N GLY B 264 -13.40 14.10 -1.21
CA GLY B 264 -14.74 14.62 -1.45
C GLY B 264 -15.71 14.58 -0.29
N VAL B 265 -15.37 13.89 0.79
CA VAL B 265 -16.24 13.81 1.99
C VAL B 265 -15.73 14.86 2.97
N ASP B 266 -16.66 15.58 3.60
CA ASP B 266 -16.31 16.68 4.48
C ASP B 266 -16.36 16.26 5.95
N ASN B 267 -15.38 15.47 6.38
CA ASN B 267 -15.33 15.05 7.77
C ASN B 267 -14.93 16.24 8.64
N GLY B 268 -15.66 16.42 9.72
CA GLY B 268 -15.38 17.48 10.65
C GLY B 268 -15.31 17.01 12.08
N TRP B 269 -14.91 17.91 12.93
CA TRP B 269 -14.92 17.66 14.34
C TRP B 269 -16.09 18.44 14.89
N ILE B 270 -16.70 17.94 15.96
CA ILE B 270 -17.79 18.63 16.67
C ILE B 270 -17.45 18.72 18.17
N GLN B 271 -17.65 19.88 18.73
CA GLN B 271 -17.54 20.05 20.16
C GLN B 271 -18.87 20.64 20.69
N PHE B 272 -19.44 20.06 21.74
CA PHE B 272 -20.69 20.57 22.33
C PHE B 272 -20.39 21.24 23.65
N THR B 273 -20.78 22.50 23.83
CA THR B 273 -20.67 23.18 25.12
C THR B 273 -22.07 23.46 25.67
N ASN B 274 -22.52 22.57 26.57
CA ASN B 274 -23.85 22.64 27.18
C ASN B 274 -24.98 22.90 26.20
N VAL B 275 -25.08 22.02 25.21
CA VAL B 275 -26.14 22.13 24.21
C VAL B 275 -27.37 21.51 24.80
N ARG B 276 -28.51 22.17 24.60
CA ARG B 276 -29.77 21.76 25.25
C ARG B 276 -30.71 21.26 24.18
N ILE B 277 -31.07 19.99 24.29
CA ILE B 277 -32.08 19.42 23.39
C ILE B 277 -33.25 18.91 24.23
N PRO B 278 -34.41 18.71 23.59
CA PRO B 278 -35.55 18.15 24.31
C PRO B 278 -35.29 16.71 24.69
N ARG B 279 -35.84 16.28 25.83
CA ARG B 279 -35.71 14.89 26.27
C ARG B 279 -36.16 13.95 25.16
N GLN B 280 -37.07 14.45 24.34
CA GLN B 280 -37.74 13.62 23.35
C GLN B 280 -36.77 13.22 22.21
N ASN B 281 -35.91 14.14 21.81
CA ASN B 281 -34.79 13.91 20.88
C ASN B 281 -33.96 12.66 21.11
N MET B 282 -33.80 12.23 22.36
CA MET B 282 -33.19 10.92 22.65
C MET B 282 -34.00 9.79 22.04
N LEU B 283 -33.31 8.77 21.51
CA LEU B 283 -33.96 7.62 20.85
C LEU B 283 -34.21 6.48 21.85
N MET B 284 -35.47 6.10 22.04
CA MET B 284 -35.89 5.31 23.22
C MET B 284 -36.45 3.88 22.96
N ARG B 285 -36.18 3.33 21.79
CA ARG B 285 -36.59 1.95 21.44
C ARG B 285 -36.12 0.90 22.46
N TYR B 286 -34.92 1.08 23.01
CA TYR B 286 -34.32 0.07 23.89
C TYR B 286 -34.06 0.60 25.29
N ALA B 287 -34.34 1.88 25.51
CA ALA B 287 -34.08 2.51 26.80
C ALA B 287 -34.77 3.86 26.88
N LYS B 288 -35.44 4.12 28.00
CA LYS B 288 -36.36 5.26 28.13
C LYS B 288 -36.05 6.13 29.33
N VAL B 289 -36.41 7.40 29.21
CA VAL B 289 -36.37 8.35 30.31
C VAL B 289 -37.69 9.11 30.43
N SER B 290 -38.30 9.07 31.59
CA SER B 290 -39.29 10.06 31.96
C SER B 290 -39.11 10.53 33.39
N ASP B 291 -38.99 11.83 33.60
CA ASP B 291 -39.06 12.34 34.96
C ASP B 291 -38.04 11.62 35.85
N THR B 292 -36.86 11.38 35.31
CA THR B 292 -35.74 10.77 36.03
C THR B 292 -35.73 9.24 36.05
N GLY B 293 -36.72 8.66 35.43
CA GLY B 293 -36.98 7.22 35.44
C GLY B 293 -36.45 6.47 34.25
N VAL B 294 -35.79 5.33 34.49
CA VAL B 294 -34.93 4.79 33.41
C VAL B 294 -35.19 3.29 33.18
N VAL B 295 -35.82 2.95 32.05
CA VAL B 295 -36.46 1.64 31.89
C VAL B 295 -36.01 0.89 30.64
N THR B 296 -34.81 0.29 30.73
CA THR B 296 -34.14 -0.39 29.62
C THR B 296 -34.89 -1.63 29.10
N LYS B 297 -35.88 -2.12 29.84
CA LYS B 297 -36.53 -3.40 29.55
C LYS B 297 -35.45 -4.50 29.46
N PRO B 298 -34.56 -4.60 30.48
CA PRO B 298 -33.41 -5.51 30.41
C PRO B 298 -33.78 -7.01 30.46
N TYR B 305 -25.87 -6.46 16.89
CA TYR B 305 -27.14 -6.82 16.28
C TYR B 305 -27.10 -6.69 14.75
N GLY B 306 -28.23 -7.02 14.13
CA GLY B 306 -28.43 -6.98 12.67
C GLY B 306 -27.75 -5.87 11.89
N ALA B 307 -27.90 -4.62 12.34
CA ALA B 307 -27.28 -3.48 11.66
C ALA B 307 -25.77 -3.69 11.50
N LEU B 308 -25.10 -4.05 12.58
CA LEU B 308 -23.64 -4.16 12.59
C LEU B 308 -23.17 -5.32 11.73
N ILE B 309 -23.96 -6.39 11.66
CA ILE B 309 -23.60 -7.53 10.81
C ILE B 309 -23.99 -7.28 9.36
N ARG B 310 -25.18 -6.75 9.11
CA ARG B 310 -25.53 -6.32 7.74
C ARG B 310 -24.63 -5.17 7.22
N GLY B 311 -23.72 -4.65 8.06
CA GLY B 311 -22.74 -3.64 7.67
C GLY B 311 -21.40 -4.24 7.28
N ARG B 312 -20.98 -5.26 8.01
CA ARG B 312 -19.79 -6.03 7.69
C ARG B 312 -19.93 -6.95 6.48
N VAL B 313 -21.11 -7.56 6.36
CA VAL B 313 -21.41 -8.37 5.19
C VAL B 313 -21.44 -7.44 3.97
N SER B 314 -21.86 -6.20 4.16
CA SER B 314 -21.83 -5.23 3.07
C SER B 314 -20.39 -4.97 2.58
N MET B 315 -19.41 -5.00 3.48
CA MET B 315 -18.02 -4.75 3.10
C MET B 315 -17.34 -5.96 2.51
N ILE B 316 -17.87 -7.17 2.76
CA ILE B 316 -17.29 -8.35 2.11
C ILE B 316 -17.56 -8.16 0.63
N ALA B 317 -18.79 -7.81 0.33
CA ALA B 317 -19.16 -7.57 -1.03
C ALA B 317 -18.41 -6.35 -1.60
N ASP B 318 -18.11 -5.33 -0.77
CA ASP B 318 -17.29 -4.18 -1.24
C ASP B 318 -15.93 -4.66 -1.75
N SER B 319 -15.21 -5.43 -0.93
CA SER B 319 -13.90 -6.02 -1.33
C SER B 319 -13.95 -6.66 -2.70
N PHE B 320 -15.01 -7.43 -2.95
CA PHE B 320 -15.26 -8.03 -4.28
C PHE B 320 -15.48 -7.00 -5.39
N HIS B 321 -16.42 -6.07 -5.22
CA HIS B 321 -16.71 -5.12 -6.31
C HIS B 321 -15.48 -4.31 -6.74
N VAL B 322 -14.67 -3.88 -5.78
CA VAL B 322 -13.50 -3.05 -6.05
C VAL B 322 -12.33 -3.84 -6.63
N SER B 323 -11.95 -4.92 -5.95
CA SER B 323 -11.03 -5.92 -6.51
C SER B 323 -11.24 -6.31 -7.97
N LYS B 324 -12.47 -6.64 -8.34
CA LYS B 324 -12.73 -7.10 -9.67
C LYS B 324 -12.34 -5.99 -10.67
N ARG B 325 -12.64 -4.74 -10.32
CA ARG B 325 -12.21 -3.60 -11.16
C ARG B 325 -10.70 -3.64 -11.42
N PHE B 326 -9.89 -3.70 -10.38
CA PHE B 326 -8.44 -3.62 -10.52
C PHE B 326 -7.77 -4.89 -11.08
N LEU B 327 -8.38 -6.04 -10.85
CA LEU B 327 -7.95 -7.26 -11.56
C LEU B 327 -8.24 -7.18 -13.08
N THR B 328 -9.39 -6.62 -13.40
CA THR B 328 -9.79 -6.53 -14.76
C THR B 328 -8.80 -5.65 -15.47
N ILE B 329 -8.35 -4.59 -14.80
CA ILE B 329 -7.45 -3.64 -15.41
C ILE B 329 -6.16 -4.35 -15.64
N ALA B 330 -5.58 -4.84 -14.56
CA ALA B 330 -4.27 -5.51 -14.60
C ALA B 330 -4.23 -6.71 -15.54
N LEU B 331 -5.28 -7.52 -15.54
CA LEU B 331 -5.24 -8.74 -16.36
C LEU B 331 -5.46 -8.41 -17.84
N ARG B 332 -6.27 -7.41 -18.13
CA ARG B 332 -6.42 -6.96 -19.51
C ARG B 332 -5.07 -6.47 -19.98
N TYR B 333 -4.42 -5.68 -19.15
CA TYR B 333 -3.14 -5.12 -19.53
C TYR B 333 -2.16 -6.19 -19.82
N ALA B 334 -2.15 -7.20 -18.97
CA ALA B 334 -1.22 -8.34 -19.12
C ALA B 334 -1.45 -9.10 -20.43
N CYS B 335 -2.66 -9.06 -20.94
CA CYS B 335 -2.93 -9.83 -22.15
C CYS B 335 -2.37 -9.13 -23.37
N VAL B 336 -2.07 -7.83 -23.23
CA VAL B 336 -1.51 -7.03 -24.34
C VAL B 336 -0.09 -6.49 -24.11
N ARG B 337 0.35 -6.33 -22.87
CA ARG B 337 1.68 -5.83 -22.64
C ARG B 337 2.68 -6.91 -23.03
N ARG B 338 3.73 -6.52 -23.75
CA ARG B 338 4.81 -7.40 -24.12
C ARG B 338 6.10 -6.83 -23.57
N GLN B 339 6.88 -7.64 -22.90
CA GLN B 339 8.21 -7.27 -22.48
C GLN B 339 9.07 -8.51 -22.41
N PHE B 340 10.25 -8.46 -23.04
CA PHE B 340 11.34 -9.38 -22.79
C PHE B 340 11.52 -10.75 -23.43
N GLY B 341 10.73 -11.16 -24.40
CA GLY B 341 10.71 -12.57 -24.79
C GLY B 341 11.95 -13.33 -25.25
N THR B 342 12.01 -14.62 -24.94
CA THR B 342 13.13 -15.51 -25.30
C THR B 342 12.93 -16.54 -26.42
N SER B 343 11.76 -16.56 -27.03
CA SER B 343 11.34 -17.68 -27.87
C SER B 343 11.76 -17.61 -29.35
N GLY B 344 12.53 -16.61 -29.69
CA GLY B 344 13.07 -16.45 -31.03
C GLY B 344 12.01 -15.91 -31.96
N ASP B 345 10.79 -15.80 -31.45
CA ASP B 345 9.69 -15.28 -32.21
C ASP B 345 9.93 -13.80 -32.37
N THR B 346 9.34 -13.21 -33.39
CA THR B 346 9.57 -11.81 -33.71
C THR B 346 9.12 -10.81 -32.65
N LYS B 347 8.02 -11.10 -31.97
CA LYS B 347 7.50 -10.22 -30.93
C LYS B 347 7.76 -10.77 -29.54
N GLU B 348 8.10 -9.89 -28.62
CA GLU B 348 8.28 -10.23 -27.23
C GLU B 348 7.03 -10.94 -26.68
N THR B 349 7.18 -11.53 -25.49
CA THR B 349 6.18 -12.40 -24.93
C THR B 349 5.20 -11.49 -24.23
N LYS B 350 3.90 -11.78 -24.36
CA LYS B 350 2.86 -11.13 -23.56
C LYS B 350 3.04 -11.53 -22.08
N ILE B 351 3.06 -10.56 -21.19
CA ILE B 351 3.41 -10.84 -19.80
C ILE B 351 2.45 -11.81 -19.10
N ILE B 352 1.20 -11.88 -19.55
CA ILE B 352 0.27 -12.90 -19.08
C ILE B 352 0.75 -14.32 -19.40
N ASP B 353 1.65 -14.49 -20.35
CA ASP B 353 2.16 -15.80 -20.72
C ASP B 353 3.38 -16.17 -19.92
N TYR B 354 3.84 -15.31 -19.02
CA TYR B 354 4.90 -15.68 -18.09
C TYR B 354 4.30 -16.28 -16.84
N PRO B 355 4.65 -17.56 -16.54
CA PRO B 355 4.12 -18.20 -15.32
C PRO B 355 4.33 -17.39 -14.03
N TYR B 356 5.49 -16.75 -13.89
CA TYR B 356 5.76 -15.78 -12.82
C TYR B 356 4.63 -14.73 -12.69
N HIS B 357 4.24 -14.13 -13.80
CA HIS B 357 3.15 -13.13 -13.75
C HIS B 357 1.78 -13.77 -13.39
N GLN B 358 1.52 -14.98 -13.90
CA GLN B 358 0.26 -15.70 -13.62
C GLN B 358 0.14 -15.97 -12.15
N ARG B 359 1.28 -16.28 -11.54
CA ARG B 359 1.36 -16.51 -10.11
C ARG B 359 1.02 -15.27 -9.32
N ARG B 360 1.46 -14.12 -9.79
CA ARG B 360 1.18 -12.88 -9.07
C ARG B 360 -0.28 -12.45 -9.18
N LEU B 361 -1.01 -12.81 -10.25
CA LEU B 361 -2.39 -12.29 -10.39
C LEU B 361 -3.55 -13.31 -10.42
N LEU B 362 -3.33 -14.52 -10.93
CA LEU B 362 -4.45 -15.43 -11.16
C LEU B 362 -5.01 -16.05 -9.85
N PRO B 363 -4.15 -16.29 -8.85
CA PRO B 363 -4.71 -16.66 -7.57
C PRO B 363 -5.47 -15.49 -6.94
N LEU B 364 -5.09 -14.26 -7.29
CA LEU B 364 -5.83 -13.07 -6.83
C LEU B 364 -7.22 -13.01 -7.47
N LEU B 365 -7.30 -13.38 -8.74
CA LEU B 365 -8.59 -13.52 -9.45
C LEU B 365 -9.47 -14.57 -8.80
N ALA B 366 -8.89 -15.73 -8.50
CA ALA B 366 -9.61 -16.76 -7.74
C ALA B 366 -10.13 -16.25 -6.37
N TYR B 367 -9.24 -15.66 -5.58
CA TYR B 367 -9.62 -15.02 -4.33
C TYR B 367 -10.80 -14.05 -4.51
N CYS B 368 -10.70 -13.17 -5.51
CA CYS B 368 -11.77 -12.22 -5.75
C CYS B 368 -13.08 -12.93 -6.02
N TYR B 369 -13.06 -14.07 -6.72
CA TYR B 369 -14.30 -14.82 -6.91
C TYR B 369 -14.86 -15.26 -5.56
N ALA B 370 -14.02 -15.87 -4.73
CA ALA B 370 -14.42 -16.39 -3.41
C ALA B 370 -14.89 -15.36 -2.40
N MET B 371 -14.59 -14.10 -2.61
CA MET B 371 -15.10 -13.10 -1.68
C MET B 371 -16.57 -12.96 -1.92
N LYS B 372 -16.97 -13.07 -3.17
CA LYS B 372 -18.35 -12.86 -3.53
C LYS B 372 -19.18 -13.98 -2.95
N MET B 373 -18.68 -15.20 -3.12
CA MET B 373 -19.30 -16.39 -2.55
C MET B 373 -19.47 -16.17 -1.06
N GLY B 374 -18.36 -15.86 -0.40
CA GLY B 374 -18.30 -15.59 1.03
C GLY B 374 -19.27 -14.53 1.43
N ALA B 375 -19.29 -13.43 0.72
CA ALA B 375 -20.22 -12.39 1.08
C ALA B 375 -21.64 -12.94 0.99
N ASP B 376 -21.95 -13.63 -0.11
CA ASP B 376 -23.31 -14.14 -0.39
C ASP B 376 -23.79 -15.13 0.67
N GLU B 377 -22.93 -16.06 1.05
CA GLU B 377 -23.24 -17.07 2.06
C GLU B 377 -23.46 -16.51 3.46
N ALA B 378 -22.85 -15.37 3.76
CA ALA B 378 -22.96 -14.76 5.07
C ALA B 378 -24.27 -14.00 5.19
N GLN B 379 -24.76 -13.47 4.07
CA GLN B 379 -26.10 -12.87 4.03
C GLN B 379 -27.13 -13.99 4.24
N LYS B 380 -26.95 -15.11 3.53
CA LYS B 380 -27.93 -16.21 3.58
C LYS B 380 -27.96 -16.81 4.98
N THR B 381 -26.82 -17.26 5.50
CA THR B 381 -26.78 -17.80 6.85
C THR B 381 -27.25 -16.79 7.90
N TRP B 382 -27.08 -15.49 7.62
CA TRP B 382 -27.59 -14.49 8.55
C TRP B 382 -29.12 -14.44 8.61
N ILE B 383 -29.77 -14.49 7.46
CA ILE B 383 -31.23 -14.44 7.41
C ILE B 383 -31.85 -15.77 7.92
N GLU B 384 -31.22 -16.89 7.58
CA GLU B 384 -31.68 -18.22 8.06
C GLU B 384 -31.47 -18.45 9.56
N THR B 385 -30.94 -17.47 10.29
CA THR B 385 -30.77 -17.59 11.73
C THR B 385 -31.62 -16.56 12.47
N THR B 386 -31.70 -15.33 11.97
CA THR B 386 -32.65 -14.36 12.55
C THR B 386 -34.11 -14.78 12.31
N ASP B 387 -34.33 -15.61 11.29
CA ASP B 387 -35.60 -16.34 11.11
C ASP B 387 -35.73 -17.47 12.14
N ARG B 388 -34.62 -18.10 12.47
CA ARG B 388 -34.63 -19.22 13.41
C ARG B 388 -34.99 -18.74 14.83
N ILE B 389 -34.46 -17.58 15.23
CA ILE B 389 -34.76 -17.01 16.54
C ILE B 389 -36.21 -16.52 16.61
N LEU B 390 -36.64 -15.77 15.60
CA LEU B 390 -37.97 -15.13 15.61
C LEU B 390 -39.11 -16.14 15.44
N ALA B 391 -38.87 -17.22 14.68
CA ALA B 391 -39.87 -18.30 14.50
C ALA B 391 -40.04 -19.11 15.77
N LEU B 392 -39.08 -19.00 16.68
CA LEU B 392 -39.19 -19.59 18.00
C LEU B 392 -39.84 -18.60 18.96
N ASN B 393 -40.57 -19.15 19.93
CA ASN B 393 -41.08 -18.35 21.04
C ASN B 393 -40.09 -18.32 22.19
N PRO B 394 -39.33 -17.24 22.33
CA PRO B 394 -38.43 -17.15 23.46
C PRO B 394 -39.25 -17.02 24.71
N ASN B 395 -40.21 -16.12 24.63
CA ASN B 395 -41.19 -15.87 25.69
C ASN B 395 -42.12 -17.04 25.80
N ASP B 396 -42.44 -17.60 24.65
CA ASP B 396 -43.31 -18.75 24.51
C ASP B 396 -42.48 -20.03 24.64
N PRO B 397 -42.00 -20.36 25.83
CA PRO B 397 -41.25 -21.61 25.97
C PRO B 397 -42.21 -22.77 25.71
N ALA B 398 -41.80 -23.82 25.02
CA ALA B 398 -42.70 -24.95 24.88
C ALA B 398 -42.52 -25.66 26.19
N GLN B 399 -42.73 -24.89 27.26
CA GLN B 399 -42.39 -25.27 28.60
C GLN B 399 -40.88 -25.10 28.80
N LYS B 400 -40.20 -24.62 27.77
CA LYS B 400 -38.76 -24.50 27.78
C LYS B 400 -38.31 -23.47 26.75
N ASN B 401 -37.15 -22.89 27.04
CA ASN B 401 -36.46 -21.90 26.24
C ASN B 401 -35.19 -22.52 25.69
N ASP B 402 -35.16 -23.85 25.65
CA ASP B 402 -33.94 -24.62 25.72
C ASP B 402 -33.07 -24.34 24.52
N LEU B 403 -33.72 -23.66 23.59
CA LEU B 403 -33.14 -23.19 22.34
C LEU B 403 -32.48 -21.81 22.44
N GLU B 404 -31.45 -21.72 23.25
CA GLU B 404 -30.47 -20.66 23.10
C GLU B 404 -29.45 -21.08 22.04
N LYS B 405 -29.58 -22.32 21.55
CA LYS B 405 -28.78 -22.89 20.50
C LYS B 405 -28.97 -22.12 19.21
N ALA B 406 -30.19 -21.69 18.94
CA ALA B 406 -30.40 -20.78 17.84
C ALA B 406 -29.69 -19.49 18.16
N VAL B 407 -29.82 -19.06 19.40
CA VAL B 407 -29.16 -17.85 19.86
C VAL B 407 -27.65 -18.01 19.78
N THR B 408 -27.14 -19.17 20.15
CA THR B 408 -25.68 -19.29 20.09
C THR B 408 -25.14 -19.31 18.69
N ASP B 409 -25.85 -19.96 17.79
CA ASP B 409 -25.40 -20.02 16.41
C ASP B 409 -25.23 -18.61 15.83
N THR B 410 -26.13 -17.72 16.22
CA THR B 410 -26.12 -16.31 15.80
C THR B 410 -24.84 -15.61 16.25
N LYS B 411 -24.49 -15.76 17.53
CA LYS B 411 -23.27 -15.13 18.04
C LYS B 411 -22.03 -15.63 17.32
N GLU B 412 -22.00 -16.92 17.01
CA GLU B 412 -20.87 -17.49 16.31
C GLU B 412 -20.79 -16.95 14.89
N LEU B 413 -21.95 -16.80 14.24
CA LEU B 413 -21.99 -16.16 12.92
C LEU B 413 -21.44 -14.74 12.97
N PHE B 414 -21.80 -14.00 14.01
CA PHE B 414 -21.30 -12.64 14.24
C PHE B 414 -19.79 -12.62 14.46
N ALA B 415 -19.24 -13.65 15.09
CA ALA B 415 -17.79 -13.78 15.22
C ALA B 415 -17.20 -13.99 13.84
N ALA B 416 -17.71 -14.96 13.12
CA ALA B 416 -17.13 -15.30 11.80
C ALA B 416 -17.15 -14.11 10.84
N SER B 417 -18.22 -13.30 10.89
CA SER B 417 -18.33 -12.11 10.05
C SER B 417 -17.23 -11.07 10.34
N ALA B 418 -16.57 -11.20 11.47
CA ALA B 418 -15.57 -10.23 11.89
C ALA B 418 -14.24 -10.50 11.20
N GLY B 419 -13.82 -11.75 11.23
CA GLY B 419 -12.68 -12.22 10.43
C GLY B 419 -12.90 -12.04 8.95
N MET B 420 -14.13 -12.21 8.49
CA MET B 420 -14.39 -12.11 7.08
C MET B 420 -14.23 -10.68 6.63
N LYS B 421 -14.79 -9.76 7.40
CA LYS B 421 -14.57 -8.34 7.13
C LYS B 421 -13.07 -8.01 7.09
N ALA B 422 -12.31 -8.50 8.06
CA ALA B 422 -10.95 -8.07 8.21
C ALA B 422 -10.13 -8.59 7.05
N PHE B 423 -10.08 -9.90 6.88
CA PHE B 423 -9.21 -10.48 5.86
C PHE B 423 -9.58 -10.19 4.40
N THR B 424 -10.87 -10.00 4.10
CA THR B 424 -11.25 -9.64 2.74
C THR B 424 -10.96 -8.14 2.47
N THR B 425 -11.12 -7.25 3.46
CA THR B 425 -10.76 -5.85 3.22
C THR B 425 -9.26 -5.72 3.11
N TRP B 426 -8.53 -6.48 3.88
CA TRP B 426 -7.09 -6.55 3.67
C TRP B 426 -6.70 -7.14 2.33
N GLY B 427 -7.51 -8.09 1.84
CA GLY B 427 -7.19 -8.79 0.61
C GLY B 427 -7.41 -7.89 -0.58
N CYS B 428 -8.53 -7.15 -0.56
CA CYS B 428 -8.79 -6.15 -1.55
C CYS B 428 -7.66 -5.16 -1.58
N ALA B 429 -7.25 -4.70 -0.41
CA ALA B 429 -6.20 -3.72 -0.33
C ALA B 429 -4.96 -4.25 -0.99
N LYS B 430 -4.66 -5.51 -0.76
CA LYS B 430 -3.49 -6.23 -1.29
C LYS B 430 -3.58 -6.49 -2.81
N ILE B 431 -4.78 -6.76 -3.27
CA ILE B 431 -5.02 -6.87 -4.68
C ILE B 431 -4.85 -5.53 -5.44
N ILE B 432 -5.36 -4.42 -4.89
CA ILE B 432 -5.16 -3.10 -5.54
C ILE B 432 -3.66 -2.93 -5.78
N ASP B 433 -2.87 -3.23 -4.75
CA ASP B 433 -1.42 -2.94 -4.74
C ASP B 433 -0.64 -3.85 -5.70
N GLU B 434 -0.95 -5.14 -5.67
CA GLU B 434 -0.38 -6.07 -6.63
C GLU B 434 -0.76 -5.76 -8.07
N CYS B 435 -2.01 -5.37 -8.29
CA CYS B 435 -2.44 -5.09 -9.65
C CYS B 435 -1.75 -3.84 -10.20
N ARG B 436 -1.56 -2.86 -9.32
CA ARG B 436 -0.83 -1.65 -9.69
C ARG B 436 0.57 -1.99 -10.12
N GLN B 437 1.26 -2.78 -9.29
CA GLN B 437 2.65 -3.12 -9.54
C GLN B 437 2.74 -3.93 -10.78
N ALA B 438 1.72 -4.73 -11.02
CA ALA B 438 1.69 -5.55 -12.21
C ALA B 438 1.56 -4.74 -13.52
N CYS B 439 1.17 -3.47 -13.44
CA CYS B 439 1.12 -2.61 -14.62
C CYS B 439 2.35 -1.72 -14.75
N GLY B 440 3.42 -2.08 -14.04
CA GLY B 440 4.63 -1.28 -14.02
C GLY B 440 4.41 0.18 -13.64
N GLY B 441 5.18 1.05 -14.31
CA GLY B 441 5.15 2.48 -14.12
C GLY B 441 3.78 3.00 -14.48
N HIS B 442 3.11 2.34 -15.41
CA HIS B 442 1.78 2.80 -15.82
C HIS B 442 0.72 2.63 -14.75
N GLY B 443 1.01 1.75 -13.79
CA GLY B 443 0.24 1.63 -12.57
C GLY B 443 0.27 2.88 -11.68
N TYR B 444 1.23 3.77 -11.90
CA TYR B 444 1.41 4.99 -11.11
C TYR B 444 0.71 6.20 -11.74
N SER B 445 0.32 6.10 -13.01
CA SER B 445 -0.45 7.16 -13.64
C SER B 445 -1.80 7.25 -12.93
N GLY B 446 -2.19 8.47 -12.53
CA GLY B 446 -3.49 8.70 -11.91
C GLY B 446 -4.67 8.26 -12.75
N TYR B 447 -4.50 8.17 -14.07
CA TYR B 447 -5.60 7.92 -14.99
C TYR B 447 -5.92 6.46 -15.07
N ASN B 448 -5.05 5.62 -14.50
CA ASN B 448 -5.29 4.20 -14.42
C ASN B 448 -5.97 3.73 -13.11
N GLY B 449 -6.12 4.67 -12.19
CA GLY B 449 -6.99 4.54 -11.04
C GLY B 449 -6.38 3.94 -9.78
N PHE B 450 -5.16 3.40 -9.82
CA PHE B 450 -4.67 2.63 -8.69
C PHE B 450 -4.43 3.46 -7.45
N GLY B 451 -3.87 4.65 -7.66
CA GLY B 451 -3.59 5.59 -6.57
C GLY B 451 -4.82 5.99 -5.80
N GLN B 452 -5.83 6.50 -6.51
CA GLN B 452 -7.08 6.98 -5.90
C GLN B 452 -7.81 5.86 -5.21
N GLY B 453 -7.80 4.69 -5.85
CA GLY B 453 -8.51 3.53 -5.36
C GLY B 453 -7.88 2.89 -4.12
N TYR B 454 -6.57 2.84 -4.01
CA TYR B 454 -6.00 2.31 -2.79
C TYR B 454 -6.34 3.11 -1.50
N ALA B 455 -6.33 4.43 -1.56
CA ALA B 455 -6.55 5.27 -0.37
C ALA B 455 -7.93 5.19 0.34
N ASP B 456 -8.95 5.23 -0.50
CA ASP B 456 -10.33 5.13 -0.06
C ASP B 456 -10.59 3.75 0.55
N TRP B 457 -10.02 2.77 -0.11
CA TRP B 457 -10.08 1.40 0.38
C TRP B 457 -9.38 1.19 1.72
N VAL B 458 -8.29 1.90 1.94
CA VAL B 458 -7.63 1.78 3.20
C VAL B 458 -8.53 2.28 4.30
N VAL B 459 -9.26 3.37 4.06
CA VAL B 459 -10.27 3.72 5.08
C VAL B 459 -11.24 2.57 5.34
N GLN B 460 -11.61 1.84 4.30
CA GLN B 460 -12.43 0.62 4.49
C GLN B 460 -11.78 -0.39 5.45
N CYS B 461 -10.47 -0.46 5.57
CA CYS B 461 -9.84 -1.29 6.62
C CYS B 461 -9.88 -0.82 8.09
N THR B 462 -10.13 0.46 8.33
CA THR B 462 -10.10 0.99 9.69
C THR B 462 -11.45 1.13 10.36
N TRP B 463 -12.40 1.70 9.64
CA TRP B 463 -13.74 1.94 10.14
C TRP B 463 -14.60 0.69 10.12
N GLU B 464 -15.68 0.73 10.87
CA GLU B 464 -16.55 -0.44 11.04
C GLU B 464 -15.77 -1.65 11.60
N GLY B 465 -14.99 -1.39 12.64
CA GLY B 465 -14.19 -2.42 13.29
C GLY B 465 -12.76 -2.47 12.78
N ASP B 466 -11.82 -1.94 13.56
CA ASP B 466 -10.38 -2.01 13.26
C ASP B 466 -10.07 -3.45 12.96
N ASN B 467 -9.58 -3.72 11.74
CA ASN B 467 -9.36 -5.10 11.35
C ASN B 467 -8.58 -5.91 12.39
N ASN B 468 -7.56 -5.31 13.01
CA ASN B 468 -6.73 -6.04 14.00
C ASN B 468 -7.44 -6.33 15.34
N VAL B 469 -8.29 -5.41 15.78
CA VAL B 469 -9.14 -5.64 16.94
C VAL B 469 -10.10 -6.79 16.63
N LEU B 470 -10.80 -6.70 15.49
CA LEU B 470 -11.70 -7.74 15.01
C LEU B 470 -11.12 -9.14 15.02
N CYS B 471 -9.97 -9.30 14.41
CA CYS B 471 -9.31 -10.58 14.38
C CYS B 471 -8.93 -11.09 15.77
N LEU B 472 -8.63 -10.19 16.70
CA LEU B 472 -8.18 -10.62 18.02
C LEU B 472 -9.39 -11.08 18.80
N SER B 473 -10.47 -10.32 18.73
CA SER B 473 -11.77 -10.72 19.27
C SER B 473 -12.24 -12.08 18.74
N MET B 474 -12.18 -12.24 17.43
CA MET B 474 -12.65 -13.48 16.85
C MET B 474 -11.81 -14.63 17.39
N GLY B 475 -10.49 -14.49 17.36
CA GLY B 475 -9.59 -15.54 17.88
C GLY B 475 -9.91 -15.95 19.32
N ARG B 476 -10.17 -14.98 20.17
CA ARG B 476 -10.51 -15.22 21.55
C ARG B 476 -11.85 -16.02 21.56
N GLY B 477 -12.81 -15.59 20.75
CA GLY B 477 -14.11 -16.22 20.67
C GLY B 477 -13.98 -17.68 20.27
N LEU B 478 -13.06 -17.92 19.36
CA LEU B 478 -12.75 -19.23 18.90
C LEU B 478 -12.18 -20.07 20.03
N VAL B 479 -11.24 -19.55 20.80
CA VAL B 479 -10.75 -20.30 21.95
C VAL B 479 -11.91 -20.66 22.90
N GLN B 480 -12.76 -19.68 23.17
CA GLN B 480 -13.93 -19.83 24.05
C GLN B 480 -14.78 -20.97 23.59
N SER B 481 -15.01 -20.99 22.27
CA SER B 481 -15.90 -21.94 21.66
C SER B 481 -15.34 -23.35 21.73
N ALA B 482 -14.03 -23.50 21.68
CA ALA B 482 -13.42 -24.82 21.75
C ALA B 482 -13.48 -25.36 23.17
N LEU B 483 -13.46 -24.46 24.17
CA LEU B 483 -13.63 -24.86 25.57
C LEU B 483 -15.04 -25.33 25.83
N GLN B 484 -16.00 -24.74 25.12
CA GLN B 484 -17.37 -25.23 25.09
C GLN B 484 -17.47 -26.63 24.47
N ILE B 485 -16.68 -26.89 23.42
CA ILE B 485 -16.65 -28.23 22.83
C ILE B 485 -15.99 -29.24 23.77
N LEU B 486 -14.89 -28.83 24.37
CA LEU B 486 -14.17 -29.68 25.29
C LEU B 486 -15.03 -30.00 26.49
N ALA B 487 -15.98 -29.12 26.78
CA ALA B 487 -16.95 -29.31 27.84
C ALA B 487 -18.23 -29.92 27.27
N GLY B 488 -18.18 -30.36 26.04
CA GLY B 488 -19.35 -31.01 25.45
C GLY B 488 -20.66 -30.24 25.44
N LYS B 489 -20.61 -29.02 24.96
CA LYS B 489 -21.82 -28.21 24.81
C LYS B 489 -22.01 -27.79 23.35
N HIS B 490 -23.22 -27.39 22.99
CA HIS B 490 -23.51 -26.93 21.64
C HIS B 490 -22.72 -25.66 21.31
N VAL B 491 -22.27 -25.59 20.06
CA VAL B 491 -21.58 -24.41 19.51
C VAL B 491 -22.17 -24.05 18.15
N GLY B 492 -21.76 -22.94 17.56
CA GLY B 492 -22.26 -22.57 16.23
C GLY B 492 -22.02 -23.65 15.18
N ALA B 493 -22.91 -23.80 14.22
CA ALA B 493 -22.68 -24.71 13.08
C ALA B 493 -21.32 -24.49 12.42
N SER B 494 -20.92 -23.23 12.36
CA SER B 494 -19.76 -22.80 11.58
C SER B 494 -18.43 -23.20 12.21
N ILE B 495 -18.45 -23.61 13.48
CA ILE B 495 -17.22 -24.02 14.18
C ILE B 495 -17.34 -25.39 14.89
N GLN B 496 -18.45 -26.09 14.62
CA GLN B 496 -18.65 -27.49 15.04
C GLN B 496 -17.46 -28.35 14.67
N TYR B 497 -16.85 -28.04 13.53
CA TYR B 497 -15.79 -28.85 12.96
C TYR B 497 -14.55 -29.03 13.83
N VAL B 498 -14.39 -28.18 14.85
CA VAL B 498 -13.26 -28.25 15.79
C VAL B 498 -13.44 -29.43 16.73
N GLY B 499 -14.67 -29.91 16.79
CA GLY B 499 -15.00 -31.08 17.58
C GLY B 499 -14.72 -32.36 16.81
N ASP B 500 -14.27 -32.24 15.56
CA ASP B 500 -14.13 -33.39 14.70
C ASP B 500 -12.79 -34.10 14.84
N LYS B 501 -12.77 -35.29 14.26
CA LYS B 501 -11.57 -36.04 14.00
C LYS B 501 -11.33 -35.92 12.50
N SER B 502 -10.04 -35.94 12.16
CA SER B 502 -9.59 -35.77 10.80
C SER B 502 -9.70 -37.09 10.01
N LYS B 503 -10.14 -36.96 8.78
CA LYS B 503 -10.07 -38.01 7.78
C LYS B 503 -8.63 -38.30 7.37
N ILE B 504 -7.77 -37.31 7.56
CA ILE B 504 -6.39 -37.35 7.07
C ILE B 504 -5.31 -37.70 8.07
N SER B 505 -4.44 -38.64 7.72
CA SER B 505 -3.20 -38.88 8.46
C SER B 505 -1.99 -39.04 7.55
N GLN B 506 -0.96 -38.23 7.74
CA GLN B 506 0.22 -38.36 6.93
C GLN B 506 1.26 -39.17 7.69
N ASN B 507 1.69 -40.27 7.11
CA ASN B 507 2.63 -41.16 7.74
C ASN B 507 4.04 -40.90 7.22
N GLY B 508 4.17 -39.85 6.45
CA GLY B 508 5.37 -39.59 5.64
C GLY B 508 5.21 -40.06 4.20
N GLN B 509 4.13 -40.76 3.90
CA GLN B 509 3.92 -41.24 2.54
C GLN B 509 3.05 -40.25 1.74
N GLY B 510 3.71 -39.45 0.92
CA GLY B 510 3.20 -38.18 0.45
C GLY B 510 1.96 -38.26 -0.39
N THR B 511 1.14 -37.22 -0.33
CA THR B 511 -0.15 -37.22 -0.98
C THR B 511 -0.15 -37.25 -2.51
N PRO B 512 -0.97 -38.11 -3.09
CA PRO B 512 -1.10 -38.24 -4.54
C PRO B 512 -1.90 -37.14 -5.23
N ARG B 513 -1.60 -36.91 -6.52
CA ARG B 513 -2.27 -35.85 -7.28
C ARG B 513 -3.78 -35.84 -7.16
N GLU B 514 -4.41 -37.01 -7.22
CA GLU B 514 -5.88 -37.03 -7.26
C GLU B 514 -6.48 -36.68 -5.90
N GLN B 515 -5.63 -36.65 -4.88
CA GLN B 515 -5.99 -36.11 -3.56
C GLN B 515 -5.91 -34.60 -3.62
N LEU B 516 -4.72 -34.12 -3.98
CA LEU B 516 -4.44 -32.69 -4.09
C LEU B 516 -5.28 -31.92 -5.12
N LEU B 517 -6.04 -32.59 -5.96
CA LEU B 517 -6.94 -31.87 -6.83
C LEU B 517 -8.37 -32.15 -6.43
N SER B 518 -8.54 -32.75 -5.26
CA SER B 518 -9.89 -32.99 -4.76
C SER B 518 -10.35 -31.86 -3.85
N PRO B 519 -11.55 -31.29 -4.13
CA PRO B 519 -12.19 -30.35 -3.23
C PRO B 519 -12.54 -30.92 -1.86
N GLU B 520 -12.98 -32.17 -1.84
CA GLU B 520 -13.37 -32.84 -0.61
C GLU B 520 -12.12 -32.98 0.26
N PHE B 521 -11.03 -33.45 -0.34
CA PHE B 521 -9.76 -33.58 0.35
C PHE B 521 -9.24 -32.23 0.81
N LEU B 522 -9.22 -31.28 -0.13
CA LEU B 522 -8.67 -29.97 0.13
C LEU B 522 -9.43 -29.28 1.26
N VAL B 523 -10.76 -29.38 1.25
CA VAL B 523 -11.58 -28.82 2.34
C VAL B 523 -11.21 -29.46 3.68
N GLU B 524 -10.89 -30.74 3.66
CA GLU B 524 -10.55 -31.42 4.92
C GLU B 524 -9.21 -30.88 5.45
N ALA B 525 -8.24 -30.75 4.57
CA ALA B 525 -6.91 -30.31 4.96
C ALA B 525 -6.92 -29.00 5.70
N PHE B 526 -7.74 -28.08 5.24
CA PHE B 526 -7.79 -26.77 5.82
C PHE B 526 -8.53 -26.77 7.15
N ARG B 527 -9.68 -27.42 7.20
CA ARG B 527 -10.40 -27.63 8.45
C ARG B 527 -9.49 -28.28 9.44
N THR B 528 -8.68 -29.21 8.97
CA THR B 528 -7.78 -29.93 9.86
C THR B 528 -6.74 -28.98 10.39
N ALA B 529 -6.10 -28.23 9.50
CA ALA B 529 -5.08 -27.28 9.95
C ALA B 529 -5.69 -26.27 10.89
N SER B 530 -6.91 -25.82 10.58
CA SER B 530 -7.59 -24.84 11.42
C SER B 530 -7.96 -25.39 12.81
N ARG B 531 -8.49 -26.61 12.85
CA ARG B 531 -8.78 -27.35 14.11
C ARG B 531 -7.53 -27.55 14.98
N ASN B 532 -6.48 -28.10 14.38
CA ASN B 532 -5.23 -28.27 15.06
C ASN B 532 -4.76 -26.98 15.71
N ASN B 533 -4.74 -25.90 14.94
CA ASN B 533 -4.27 -24.63 15.49
C ASN B 533 -5.08 -24.22 16.72
N ILE B 534 -6.39 -24.24 16.55
CA ILE B 534 -7.30 -23.80 17.57
C ILE B 534 -7.06 -24.68 18.80
N LEU B 535 -7.09 -26.00 18.61
CA LEU B 535 -6.90 -26.97 19.71
C LEU B 535 -5.56 -26.81 20.39
N ARG B 536 -4.51 -26.51 19.60
CA ARG B 536 -3.21 -26.24 20.19
C ARG B 536 -3.21 -24.94 21.01
N THR B 537 -3.80 -23.90 20.43
CA THR B 537 -3.96 -22.66 21.18
C THR B 537 -4.68 -23.00 22.48
N THR B 538 -5.88 -23.58 22.34
CA THR B 538 -6.76 -23.89 23.48
C THR B 538 -6.05 -24.64 24.59
N ASP B 539 -5.21 -25.59 24.22
CA ASP B 539 -4.40 -26.30 25.18
C ASP B 539 -3.41 -25.38 25.87
N LYS B 540 -2.78 -24.51 25.09
CA LYS B 540 -1.78 -23.63 25.64
C LYS B 540 -2.45 -22.77 26.67
N TYR B 541 -3.63 -22.29 26.34
CA TYR B 541 -4.34 -21.37 27.17
C TYR B 541 -4.69 -21.98 28.53
N GLN B 542 -5.19 -23.21 28.52
CA GLN B 542 -5.60 -23.84 29.76
C GLN B 542 -4.38 -24.04 30.63
N GLU B 543 -3.29 -24.47 30.02
CA GLU B 543 -2.04 -24.69 30.72
C GLU B 543 -1.50 -23.39 31.28
N LEU B 544 -1.65 -22.31 30.53
CA LEU B 544 -1.28 -20.98 30.99
C LEU B 544 -2.11 -20.55 32.19
N VAL B 545 -3.39 -20.86 32.14
CA VAL B 545 -4.36 -20.36 33.10
C VAL B 545 -3.98 -20.86 34.48
N LYS B 546 -3.19 -21.91 34.52
CA LYS B 546 -2.73 -22.46 35.77
C LYS B 546 -1.93 -21.42 36.54
N THR B 547 -1.13 -20.61 35.83
CA THR B 547 -0.39 -19.54 36.50
C THR B 547 -0.87 -18.10 36.29
N LEU B 548 -1.94 -17.88 35.54
CA LEU B 548 -2.34 -16.53 35.08
C LEU B 548 -3.86 -16.33 34.98
N ASN B 549 -4.25 -15.08 34.86
CA ASN B 549 -5.66 -14.73 34.76
C ASN B 549 -6.18 -14.85 33.32
N PRO B 550 -7.50 -15.04 33.16
CA PRO B 550 -7.98 -15.35 31.83
C PRO B 550 -7.65 -14.25 30.83
N ASP B 551 -7.85 -12.99 31.21
CA ASP B 551 -7.57 -11.88 30.30
C ASP B 551 -6.06 -11.84 29.98
N GLN B 552 -5.23 -12.22 30.96
CA GLN B 552 -3.78 -12.22 30.77
C GLN B 552 -3.33 -13.29 29.79
N ALA B 553 -3.93 -14.48 29.91
CA ALA B 553 -3.53 -15.64 29.12
C ALA B 553 -3.81 -15.45 27.63
N PHE B 554 -4.87 -14.72 27.30
CA PHE B 554 -5.18 -14.39 25.92
C PHE B 554 -4.13 -13.42 25.35
N GLU B 555 -3.69 -12.44 26.17
CA GLU B 555 -2.65 -11.48 25.76
C GLU B 555 -1.35 -12.21 25.37
N GLU B 556 -0.96 -13.21 26.18
CA GLU B 556 0.16 -14.12 25.88
C GLU B 556 0.02 -15.02 24.63
N LEU B 557 -1.22 -15.26 24.20
CA LEU B 557 -1.51 -16.07 23.03
C LEU B 557 -2.14 -15.28 21.86
N SER B 558 -1.75 -14.02 21.72
CA SER B 558 -2.43 -13.12 20.82
C SER B 558 -2.00 -13.40 19.37
N GLN B 559 -0.74 -13.67 19.15
CA GLN B 559 -0.30 -14.16 17.85
C GLN B 559 -1.08 -15.42 17.45
N GLN B 560 -1.02 -16.46 18.29
CA GLN B 560 -1.85 -17.67 18.09
C GLN B 560 -3.32 -17.30 17.86
N ARG B 561 -3.87 -16.37 18.63
CA ARG B 561 -5.27 -15.97 18.38
C ARG B 561 -5.52 -15.38 16.98
N PHE B 562 -4.52 -14.66 16.47
CA PHE B 562 -4.62 -13.99 15.19
C PHE B 562 -4.51 -15.03 14.06
N GLN B 563 -3.47 -15.85 14.09
CA GLN B 563 -3.43 -17.07 13.25
C GLN B 563 -4.79 -17.81 13.22
N CYS B 564 -5.37 -18.11 14.36
CA CYS B 564 -6.61 -18.90 14.33
C CYS B 564 -7.74 -18.17 13.56
N ALA B 565 -7.86 -16.86 13.75
CA ALA B 565 -8.79 -16.09 12.94
C ALA B 565 -8.45 -16.22 11.45
N ARG B 566 -7.16 -16.22 11.14
CA ARG B 566 -6.73 -16.28 9.76
C ARG B 566 -7.15 -17.61 9.19
N ILE B 567 -6.64 -18.70 9.73
CA ILE B 567 -6.91 -20.02 9.13
C ILE B 567 -8.40 -20.33 9.06
N HIS B 568 -9.12 -20.05 10.14
CA HIS B 568 -10.56 -20.34 10.22
C HIS B 568 -11.37 -19.59 9.16
N THR B 569 -10.99 -18.33 8.89
CA THR B 569 -11.70 -17.56 7.84
C THR B 569 -11.35 -18.07 6.45
N ARG B 570 -10.09 -18.34 6.20
CA ARG B 570 -9.75 -18.90 4.89
C ARG B 570 -10.51 -20.21 4.59
N GLN B 571 -10.41 -21.22 5.48
CA GLN B 571 -11.12 -22.50 5.30
C GLN B 571 -12.60 -22.27 5.07
N HIS B 572 -13.18 -21.38 5.83
CA HIS B 572 -14.60 -21.10 5.58
C HIS B 572 -14.78 -20.60 4.14
N LEU B 573 -13.80 -19.84 3.65
CA LEU B 573 -13.89 -19.27 2.30
C LEU B 573 -13.69 -20.31 1.22
N ILE B 574 -12.82 -21.27 1.52
CA ILE B 574 -12.54 -22.32 0.58
C ILE B 574 -13.81 -23.17 0.43
N SER B 575 -14.36 -23.62 1.56
CA SER B 575 -15.58 -24.42 1.52
C SER B 575 -16.68 -23.72 0.76
N SER B 576 -16.95 -22.47 1.13
CA SER B 576 -18.06 -21.72 0.55
C SER B 576 -17.96 -21.60 -0.98
N PHE B 577 -16.75 -21.60 -1.52
CA PHE B 577 -16.54 -21.52 -2.97
C PHE B 577 -16.91 -22.87 -3.61
N TYR B 578 -16.49 -23.97 -3.00
CA TYR B 578 -16.84 -25.30 -3.53
C TYR B 578 -18.30 -25.59 -3.39
N ALA B 579 -18.84 -25.26 -2.24
CA ALA B 579 -20.28 -25.44 -2.02
C ALA B 579 -21.13 -24.77 -3.10
N ARG B 580 -20.62 -23.71 -3.72
CA ARG B 580 -21.37 -23.00 -4.76
C ARG B 580 -21.17 -23.56 -6.17
N ILE B 581 -20.01 -24.12 -6.45
CA ILE B 581 -19.71 -24.68 -7.74
C ILE B 581 -20.67 -25.81 -8.03
N ALA B 582 -20.97 -26.55 -6.98
CA ALA B 582 -21.81 -27.73 -7.07
C ALA B 582 -23.19 -27.37 -7.59
N THR B 583 -23.67 -26.20 -7.23
CA THR B 583 -24.96 -25.73 -7.69
C THR B 583 -24.87 -24.93 -9.01
N ALA B 584 -23.67 -24.81 -9.56
CA ALA B 584 -23.47 -24.05 -10.79
C ALA B 584 -23.91 -24.73 -12.10
N LYS B 585 -24.20 -23.93 -13.11
CA LYS B 585 -24.55 -24.40 -14.44
C LYS B 585 -23.39 -25.21 -14.92
N ASP B 586 -23.67 -26.30 -15.62
CA ASP B 586 -22.63 -27.22 -16.02
C ASP B 586 -21.60 -26.66 -16.98
N ASP B 587 -22.01 -25.80 -17.89
CA ASP B 587 -21.10 -25.26 -18.87
C ASP B 587 -19.95 -24.46 -18.25
N ILE B 588 -20.29 -23.61 -17.29
CA ILE B 588 -19.32 -22.90 -16.47
C ILE B 588 -18.53 -23.74 -15.47
N LYS B 589 -19.09 -24.83 -15.01
CA LYS B 589 -18.63 -25.45 -13.79
C LYS B 589 -17.16 -25.90 -13.80
N PRO B 590 -16.69 -26.46 -14.89
CA PRO B 590 -15.29 -26.90 -14.94
C PRO B 590 -14.31 -25.77 -14.77
N HIS B 591 -14.64 -24.61 -15.32
CA HIS B 591 -13.87 -23.39 -15.13
C HIS B 591 -13.88 -22.81 -13.73
N LEU B 592 -15.04 -22.79 -13.09
CA LEU B 592 -15.11 -22.32 -11.73
C LEU B 592 -14.32 -23.22 -10.84
N LEU B 593 -14.38 -24.52 -11.14
CA LEU B 593 -13.62 -25.49 -10.38
C LEU B 593 -12.15 -25.25 -10.53
N LYS B 594 -11.72 -24.90 -11.73
CA LYS B 594 -10.34 -24.53 -11.90
C LYS B 594 -9.98 -23.30 -11.07
N LEU B 595 -10.85 -22.31 -11.05
CA LEU B 595 -10.63 -21.17 -10.15
C LEU B 595 -10.62 -21.52 -8.66
N ALA B 596 -11.54 -22.37 -8.24
CA ALA B 596 -11.65 -22.77 -6.85
C ALA B 596 -10.43 -23.58 -6.40
N ASN B 597 -9.95 -24.44 -7.27
CA ASN B 597 -8.78 -25.24 -6.94
C ASN B 597 -7.53 -24.39 -6.79
N LEU B 598 -7.41 -23.39 -7.65
CA LEU B 598 -6.28 -22.47 -7.63
C LEU B 598 -6.27 -21.74 -6.30
N PHE B 599 -7.45 -21.39 -5.81
CA PHE B 599 -7.60 -20.60 -4.58
C PHE B 599 -7.22 -21.47 -3.40
N ALA B 600 -7.72 -22.70 -3.39
CA ALA B 600 -7.42 -23.65 -2.30
C ALA B 600 -5.96 -24.09 -2.28
N LEU B 601 -5.37 -24.41 -3.43
CA LEU B 601 -3.99 -24.88 -3.43
C LEU B 601 -3.04 -23.72 -3.20
N TRP B 602 -3.31 -22.59 -3.85
CA TRP B 602 -2.52 -21.38 -3.63
C TRP B 602 -2.46 -21.05 -2.15
N SER B 603 -3.63 -21.10 -1.52
CA SER B 603 -3.72 -20.90 -0.08
C SER B 603 -2.80 -21.82 0.72
N ILE B 604 -2.60 -23.06 0.30
CA ILE B 604 -1.58 -23.90 0.93
C ILE B 604 -0.22 -23.24 0.79
N GLU B 605 0.13 -22.78 -0.41
CA GLU B 605 1.48 -22.27 -0.68
C GLU B 605 1.87 -21.06 0.17
N GLU B 606 0.92 -20.14 0.35
CA GLU B 606 1.04 -19.01 1.29
C GLU B 606 1.17 -19.49 2.74
N ASP B 607 0.76 -20.72 3.03
CA ASP B 607 0.86 -21.26 4.39
C ASP B 607 1.59 -22.60 4.49
N THR B 608 2.66 -22.75 3.72
CA THR B 608 3.42 -24.00 3.69
C THR B 608 3.87 -24.43 5.10
N GLY B 609 4.28 -23.48 5.91
CA GLY B 609 4.79 -23.72 7.25
C GLY B 609 3.74 -24.27 8.13
N ILE B 610 2.52 -23.76 7.96
CA ILE B 610 1.40 -24.22 8.75
C ILE B 610 1.09 -25.68 8.47
N PHE B 611 1.00 -26.05 7.21
CA PHE B 611 0.64 -27.43 6.90
C PHE B 611 1.76 -28.38 7.26
N LEU B 612 3.00 -27.94 7.10
CA LEU B 612 4.11 -28.73 7.54
C LEU B 612 4.11 -28.90 9.09
N ARG B 613 3.72 -27.88 9.88
CA ARG B 613 3.83 -28.01 11.34
C ARG B 613 2.90 -29.13 11.88
N GLU B 614 1.70 -29.24 11.31
CA GLU B 614 0.79 -30.32 11.65
C GLU B 614 1.14 -31.62 10.92
N ASN B 615 2.11 -31.54 10.01
CA ASN B 615 2.46 -32.66 9.14
C ASN B 615 1.22 -33.14 8.38
N ILE B 616 0.37 -32.20 7.98
CA ILE B 616 -0.72 -32.52 7.08
C ILE B 616 -0.11 -32.90 5.74
N LEU B 617 0.89 -32.14 5.29
CA LEU B 617 1.59 -32.43 4.05
C LEU B 617 3.08 -32.62 4.34
N THR B 618 3.81 -33.05 3.32
CA THR B 618 5.26 -33.29 3.37
C THR B 618 5.97 -32.33 2.44
N PRO B 619 7.29 -32.16 2.60
CA PRO B 619 8.10 -31.43 1.60
C PRO B 619 7.86 -31.87 0.16
N GLY B 620 8.00 -33.17 -0.11
CA GLY B 620 7.79 -33.69 -1.45
C GLY B 620 6.46 -33.15 -1.98
N ASP B 621 5.45 -33.32 -1.14
CA ASP B 621 4.12 -32.80 -1.39
C ASP B 621 4.07 -31.32 -1.87
N ILE B 622 4.86 -30.42 -1.29
CA ILE B 622 4.71 -28.98 -1.64
C ILE B 622 5.33 -28.68 -3.00
N ASP B 623 6.36 -29.42 -3.37
CA ASP B 623 6.91 -29.34 -4.74
C ASP B 623 5.87 -29.81 -5.77
N LEU B 624 4.94 -30.66 -5.33
CA LEU B 624 3.81 -31.07 -6.15
C LEU B 624 2.69 -30.03 -6.14
N ILE B 625 2.42 -29.44 -4.97
CA ILE B 625 1.54 -28.28 -4.88
C ILE B 625 2.06 -27.20 -5.83
N ASN B 626 3.36 -26.92 -5.78
CA ASN B 626 3.99 -25.95 -6.64
C ASN B 626 3.60 -26.15 -8.10
N SER B 627 3.76 -27.38 -8.59
CA SER B 627 3.43 -27.72 -9.98
C SER B 627 1.94 -27.67 -10.26
N LEU B 628 1.12 -27.95 -9.26
CA LEU B 628 -0.32 -27.90 -9.45
C LEU B 628 -0.85 -26.51 -9.62
N VAL B 629 -0.26 -25.53 -8.94
CA VAL B 629 -0.68 -24.14 -9.18
C VAL B 629 -0.15 -23.66 -10.53
N ASP B 630 1.13 -23.89 -10.82
CA ASP B 630 1.61 -23.71 -12.18
C ASP B 630 0.57 -24.17 -13.21
N GLU B 631 0.19 -25.44 -13.11
CA GLU B 631 -0.64 -26.10 -14.10
C GLU B 631 -2.02 -25.45 -14.11
N LEU B 632 -2.54 -25.14 -12.92
CA LEU B 632 -3.83 -24.41 -12.81
C LEU B 632 -3.74 -22.93 -13.23
N CYS B 633 -2.54 -22.39 -13.23
CA CYS B 633 -2.35 -21.05 -13.76
C CYS B 633 -2.55 -21.02 -15.27
N VAL B 634 -1.84 -21.88 -15.97
CA VAL B 634 -2.04 -22.04 -17.41
C VAL B 634 -3.48 -22.28 -17.80
N ALA B 635 -4.20 -23.08 -17.04
CA ALA B 635 -5.63 -23.31 -17.37
C ALA B 635 -6.47 -22.03 -17.22
N VAL B 636 -6.42 -21.42 -16.05
CA VAL B 636 -7.18 -20.20 -15.83
C VAL B 636 -6.74 -19.12 -16.83
N ARG B 637 -5.43 -19.01 -17.02
CA ARG B 637 -4.85 -18.09 -17.95
C ARG B 637 -5.55 -18.12 -19.29
N ASP B 638 -5.74 -19.32 -19.83
CA ASP B 638 -6.45 -19.48 -21.10
C ASP B 638 -7.79 -18.71 -21.18
N GLN B 639 -8.52 -18.65 -20.07
CA GLN B 639 -9.87 -18.08 -20.01
C GLN B 639 -9.98 -16.75 -19.25
N VAL B 640 -8.92 -15.96 -19.19
CA VAL B 640 -8.95 -14.78 -18.31
C VAL B 640 -9.88 -13.71 -18.81
N ILE B 641 -9.91 -13.52 -20.13
CA ILE B 641 -10.74 -12.42 -20.64
C ILE B 641 -12.19 -12.74 -20.35
N GLY B 642 -12.52 -14.02 -20.52
CA GLY B 642 -13.84 -14.48 -20.20
C GLY B 642 -14.11 -14.28 -18.73
N LEU B 643 -13.22 -14.78 -17.88
CA LEU B 643 -13.46 -14.74 -16.43
C LEU B 643 -13.36 -13.35 -15.83
N THR B 644 -12.86 -12.39 -16.58
CA THR B 644 -12.88 -10.98 -16.16
C THR B 644 -13.99 -10.25 -16.86
N ASP B 645 -14.31 -10.58 -18.10
CA ASP B 645 -15.51 -10.01 -18.71
C ASP B 645 -16.74 -10.42 -17.88
N ALA B 646 -16.64 -11.57 -17.19
CA ALA B 646 -17.74 -12.03 -16.32
C ALA B 646 -18.20 -10.99 -15.32
N PHE B 647 -17.30 -10.11 -14.87
CA PHE B 647 -17.67 -9.14 -13.83
C PHE B 647 -18.69 -8.14 -14.34
N GLY B 648 -18.76 -8.03 -15.66
CA GLY B 648 -19.78 -7.22 -16.32
C GLY B 648 -19.60 -5.76 -16.09
N LEU B 649 -18.37 -5.26 -16.26
CA LEU B 649 -18.05 -3.80 -16.10
C LEU B 649 -17.88 -3.03 -17.40
N SER B 650 -18.60 -1.93 -17.57
CA SER B 650 -18.37 -1.07 -18.74
C SER B 650 -17.07 -0.30 -18.53
N ASP B 651 -16.53 0.33 -19.57
CA ASP B 651 -15.29 1.11 -19.44
C ASP B 651 -15.44 2.31 -18.49
N PHE B 652 -16.67 2.79 -18.33
CA PHE B 652 -16.98 3.79 -17.31
C PHE B 652 -16.62 3.33 -15.90
N PHE B 653 -16.92 2.07 -15.60
CA PHE B 653 -16.64 1.55 -14.28
C PHE B 653 -15.19 1.10 -14.14
N ILE B 654 -14.55 0.75 -15.24
CA ILE B 654 -13.13 0.50 -15.23
C ILE B 654 -12.48 1.82 -14.87
N ASN B 655 -12.79 2.84 -15.66
CA ASN B 655 -12.26 4.17 -15.51
C ASN B 655 -10.74 4.16 -15.53
N ALA B 656 -10.19 3.42 -16.48
CA ALA B 656 -8.77 3.39 -16.71
C ALA B 656 -8.54 2.96 -18.15
N PRO B 657 -7.83 3.78 -18.96
CA PRO B 657 -7.63 3.41 -20.35
C PRO B 657 -6.90 2.07 -20.58
N ILE B 658 -5.99 1.67 -19.70
CA ILE B 658 -5.30 0.39 -19.88
C ILE B 658 -6.19 -0.84 -19.55
N GLY B 659 -7.39 -0.61 -19.05
CA GLY B 659 -8.32 -1.69 -18.81
C GLY B 659 -9.53 -1.63 -19.72
N SER B 660 -9.39 -0.95 -20.85
CA SER B 660 -10.50 -0.90 -21.82
C SER B 660 -10.83 -2.29 -22.35
N TYR B 661 -12.12 -2.56 -22.39
CA TYR B 661 -12.66 -3.77 -23.01
C TYR B 661 -11.98 -4.08 -24.34
N ASP B 662 -11.89 -3.05 -25.19
CA ASP B 662 -11.14 -2.98 -26.44
C ASP B 662 -9.72 -3.60 -26.50
N GLY B 663 -8.98 -3.45 -25.42
CA GLY B 663 -7.56 -3.78 -25.38
C GLY B 663 -6.64 -2.75 -26.04
N ASN B 664 -7.22 -1.71 -26.63
CA ASN B 664 -6.49 -0.70 -27.41
C ASN B 664 -5.77 0.30 -26.45
N VAL B 665 -4.71 -0.18 -25.86
CA VAL B 665 -4.28 0.31 -24.58
C VAL B 665 -3.45 1.57 -24.70
N TYR B 666 -2.48 1.57 -25.61
CA TYR B 666 -1.54 2.67 -25.69
C TYR B 666 -2.23 3.86 -26.32
N GLU B 667 -3.01 3.62 -27.37
CA GLU B 667 -3.78 4.66 -28.00
C GLU B 667 -4.68 5.43 -27.01
N LYS B 668 -5.48 4.70 -26.24
CA LYS B 668 -6.41 5.34 -25.31
C LYS B 668 -5.73 6.05 -24.15
N TYR B 669 -4.61 5.51 -23.70
CA TYR B 669 -3.83 6.07 -22.61
C TYR B 669 -3.18 7.40 -22.99
N PHE B 670 -2.65 7.46 -24.20
CA PHE B 670 -2.11 8.70 -24.75
C PHE B 670 -3.23 9.75 -24.91
N ALA B 671 -4.32 9.36 -25.54
CA ALA B 671 -5.50 10.21 -25.69
C ALA B 671 -5.94 10.77 -24.37
N LYS B 672 -6.00 9.92 -23.34
CA LYS B 672 -6.35 10.38 -21.99
C LYS B 672 -5.39 11.40 -21.44
N VAL B 673 -4.11 11.10 -21.55
CA VAL B 673 -3.09 11.97 -21.03
C VAL B 673 -3.20 13.33 -21.75
N ASN B 674 -3.41 13.32 -23.07
CA ASN B 674 -3.52 14.57 -23.83
C ASN B 674 -4.86 15.31 -23.59
N GLN B 675 -5.94 14.59 -23.31
CA GLN B 675 -7.23 15.24 -23.13
C GLN B 675 -7.18 16.05 -21.85
N GLN B 676 -6.70 15.45 -20.76
CA GLN B 676 -6.62 16.12 -19.47
C GLN B 676 -5.48 17.12 -19.34
N ASN B 677 -4.46 16.99 -20.17
CA ASN B 677 -3.33 17.90 -20.16
C ASN B 677 -3.00 18.43 -21.55
N PRO B 678 -3.71 19.47 -22.00
CA PRO B 678 -3.31 20.04 -23.32
C PRO B 678 -1.87 20.65 -23.38
N ALA B 679 -1.04 20.15 -24.31
CA ALA B 679 0.40 20.45 -24.34
C ALA B 679 0.86 21.61 -25.23
N THR B 680 -0.07 22.36 -25.80
CA THR B 680 0.26 23.51 -26.62
C THR B 680 1.46 24.32 -26.05
N ASN B 681 1.45 24.66 -24.77
CA ASN B 681 2.50 25.51 -24.18
C ASN B 681 3.69 24.72 -23.58
N PRO B 682 4.90 24.93 -24.11
CA PRO B 682 6.09 24.25 -23.54
C PRO B 682 6.58 24.79 -22.17
N ARG B 683 6.06 25.91 -21.72
CA ARG B 683 6.52 26.44 -20.46
C ARG B 683 5.54 26.25 -19.29
N PRO B 684 6.11 26.17 -18.07
CA PRO B 684 5.27 26.15 -16.89
C PRO B 684 4.60 27.48 -16.69
N PRO B 685 3.36 27.49 -16.19
CA PRO B 685 2.82 28.80 -15.67
C PRO B 685 3.77 29.60 -14.73
N TYR B 686 4.64 28.93 -14.00
CA TYR B 686 5.63 29.63 -13.17
C TYR B 686 6.90 29.99 -13.93
N TYR B 687 6.86 29.98 -15.26
CA TYR B 687 8.06 30.19 -16.08
C TYR B 687 8.71 31.52 -15.75
N GLU B 688 7.99 32.61 -15.88
CA GLU B 688 8.51 33.91 -15.53
C GLU B 688 8.82 34.14 -14.07
N SER B 689 7.96 33.71 -13.17
CA SER B 689 8.22 33.86 -11.76
C SER B 689 9.39 33.07 -11.21
N THR B 690 9.53 31.84 -11.66
CA THR B 690 10.40 30.88 -11.03
C THR B 690 11.48 30.22 -11.87
N LEU B 691 11.11 29.51 -12.92
CA LEU B 691 12.07 28.80 -13.75
C LEU B 691 13.05 29.63 -14.55
N LYS B 692 12.56 30.65 -15.23
CA LYS B 692 13.43 31.52 -16.00
C LYS B 692 14.43 32.29 -15.15
N PRO B 693 13.95 32.96 -14.08
CA PRO B 693 14.90 33.66 -13.19
C PRO B 693 15.89 32.76 -12.47
N PHE B 694 15.57 31.47 -12.33
CA PHE B 694 16.56 30.54 -11.77
C PHE B 694 17.58 30.11 -12.84
N LEU B 695 17.16 29.76 -14.04
CA LEU B 695 18.11 29.33 -15.06
C LEU B 695 19.06 30.45 -15.52
N PHE B 696 18.55 31.70 -15.52
CA PHE B 696 19.26 32.88 -16.00
C PHE B 696 19.85 33.77 -14.91
N ARG B 697 19.94 33.26 -13.68
CA ARG B 697 20.46 34.03 -12.56
C ARG B 697 21.88 34.53 -12.79
N GLU B 698 22.15 35.73 -12.27
CA GLU B 698 23.47 36.36 -12.38
C GLU B 698 24.37 35.76 -11.32
N GLU B 699 25.62 36.21 -11.27
CA GLU B 699 26.51 35.80 -10.20
C GLU B 699 26.82 37.01 -9.37
N GLU B 700 26.65 36.91 -8.06
CA GLU B 700 27.11 37.96 -7.17
C GLU B 700 28.60 37.74 -6.98
N ASP B 701 29.30 38.82 -6.64
CA ASP B 701 30.76 38.88 -6.81
C ASP B 701 31.49 38.01 -5.77
N ASP B 702 32.64 37.47 -6.19
CA ASP B 702 33.49 36.70 -5.28
C ASP B 702 34.62 37.61 -4.81
N GLU B 703 34.45 38.91 -4.99
CA GLU B 703 35.46 39.87 -4.56
C GLU B 703 35.53 39.87 -3.03
N ILE B 704 36.75 40.08 -2.52
CA ILE B 704 37.01 40.01 -1.09
C ILE B 704 37.51 41.35 -0.59
N CYS B 705 36.92 41.80 0.52
CA CYS B 705 37.20 43.12 1.13
C CYS B 705 38.69 43.49 1.36
N ASP B 706 39.05 44.74 1.07
CA ASP B 706 40.43 45.19 1.24
C ASP B 706 40.87 45.19 2.69
N LEU B 707 42.08 44.73 2.95
CA LEU B 707 42.67 44.86 4.26
C LEU B 707 44.18 45.02 4.21
N ASP B 708 44.70 45.96 4.99
CA ASP B 708 46.13 46.15 5.13
C ASP B 708 46.76 45.06 6.00
N GLU B 709 48.05 44.81 5.82
CA GLU B 709 48.71 43.69 6.50
C GLU B 709 48.10 42.35 6.06
PA FAD C . 7.36 -3.44 -17.68
O1A FAD C . 6.45 -3.25 -18.81
O2A FAD C . 8.76 -3.84 -17.88
O5B FAD C . 6.71 -4.49 -16.72
C5B FAD C . 5.32 -4.61 -16.48
C4B FAD C . 5.05 -5.73 -15.50
O4B FAD C . 5.42 -6.97 -16.08
C3B FAD C . 5.87 -5.59 -14.25
O3B FAD C . 5.08 -5.91 -13.12
C2B FAD C . 6.95 -6.62 -14.36
O2B FAD C . 7.24 -7.15 -13.08
C1B FAD C . 6.35 -7.67 -15.26
N9A FAD C . 7.41 -8.26 -16.09
C8A FAD C . 8.13 -7.63 -17.00
N7A FAD C . 9.02 -8.45 -17.56
C5A FAD C . 8.87 -9.65 -16.99
C6A FAD C . 9.49 -10.98 -17.11
N6A FAD C . 10.49 -11.21 -17.98
N1A FAD C . 9.04 -11.95 -16.33
C2A FAD C . 8.06 -11.74 -15.46
N3A FAD C . 7.45 -10.58 -15.30
C4A FAD C . 7.81 -9.50 -16.02
N1 FAD C . 12.10 6.44 -16.72
C2 FAD C . 13.09 7.20 -17.15
O2 FAD C . 13.82 6.78 -18.02
N3 FAD C . 13.32 8.42 -16.66
C4 FAD C . 12.58 8.94 -15.70
O4 FAD C . 12.81 10.06 -15.26
C4X FAD C . 11.47 8.16 -15.17
N5 FAD C . 10.69 8.63 -14.22
C5X FAD C . 9.68 7.91 -13.77
C6 FAD C . 8.88 8.44 -12.80
C7 FAD C . 7.83 7.72 -12.31
C7M FAD C . 6.99 8.33 -11.23
C8 FAD C . 7.57 6.37 -12.84
C8M FAD C . 6.43 5.54 -12.35
C9 FAD C . 8.37 5.83 -13.82
C9A FAD C . 9.41 6.57 -14.31
N10 FAD C . 10.23 6.05 -15.31
C10 FAD C . 11.27 6.84 -15.76
C1' FAD C . 9.99 4.73 -15.88
C2' FAD C . 10.25 3.60 -14.88
O2' FAD C . 11.64 3.34 -14.77
C3' FAD C . 9.52 2.37 -15.35
O3' FAD C . 8.22 2.41 -14.80
C4' FAD C . 10.15 1.08 -14.88
O4' FAD C . 11.38 0.85 -15.55
C5' FAD C . 9.20 -0.09 -15.12
O5' FAD C . 9.06 -0.28 -16.50
P FAD C . 7.70 -0.69 -17.20
O1P FAD C . 6.60 0.07 -16.66
O2P FAD C . 8.02 -0.65 -18.63
O3P FAD C . 7.41 -2.17 -16.75
PA FAD D . -8.07 2.89 17.94
O1A FAD D . -7.45 3.80 18.91
O2A FAD D . -9.25 2.09 18.31
O5B FAD D . -6.93 1.92 17.49
C5B FAD D . -5.58 2.35 17.44
C4B FAD D . -4.68 1.18 17.08
O4B FAD D . -4.45 0.38 18.24
C3B FAD D . -5.32 0.29 16.05
O3B FAD D . -4.35 -0.05 15.08
C2B FAD D . -5.77 -0.93 16.80
O2B FAD D . -5.56 -2.13 16.07
C1B FAD D . -4.92 -0.93 18.05
N9A FAD D . -5.78 -1.43 19.15
C8A FAD D . -6.85 -0.83 19.65
N7A FAD D . -7.39 -1.58 20.63
C5A FAD D . -6.65 -2.68 20.76
C6A FAD D . -6.65 -3.90 21.60
N6A FAD D . -7.57 -4.08 22.55
N1A FAD D . -5.69 -4.81 21.41
C2A FAD D . -4.76 -4.63 20.49
N3A FAD D . -4.70 -3.57 19.70
C4A FAD D . -5.59 -2.57 19.78
N1 FAD D . -16.73 7.66 13.05
C2 FAD D . -18.00 8.03 13.19
O2 FAD D . -18.54 7.88 14.26
N3 FAD D . -18.70 8.56 12.20
C4 FAD D . -18.18 8.74 11.01
O4 FAD D . -18.86 9.24 10.12
C4X FAD D . -16.78 8.36 10.76
N5 FAD D . -16.20 8.53 9.58
C5X FAD D . -14.93 8.17 9.41
C6 FAD D . -14.36 8.37 8.18
C7 FAD D . -13.07 8.01 7.97
C7M FAD D . -12.45 8.22 6.62
C8 FAD D . -12.28 7.43 9.06
C8M FAD D . -10.85 7.05 8.83
C9 FAD D . -12.85 7.23 10.31
C9A FAD D . -14.15 7.58 10.51
N10 FAD D . -14.75 7.40 11.76
C10 FAD D . -16.07 7.79 11.91
C1' FAD D . -14.01 6.84 12.88
C2' FAD D . -13.58 5.41 12.65
O2' FAD D . -14.69 4.60 12.98
C3' FAD D . -12.43 5.08 13.56
O3' FAD D . -11.23 5.39 12.89
C4' FAD D . -12.38 3.62 13.98
O4' FAD D . -13.68 3.14 14.27
C5' FAD D . -11.56 3.42 15.23
O5' FAD D . -10.27 3.97 15.05
P FAD D . -9.53 4.62 16.25
O1P FAD D . -8.94 5.86 15.77
O2P FAD D . -10.44 4.64 17.40
O3P FAD D . -8.36 3.62 16.56
#